data_8GPJ
#
_entry.id   8GPJ
#
_cell.length_a   1.00
_cell.length_b   1.00
_cell.length_c   1.00
_cell.angle_alpha   90.00
_cell.angle_beta   90.00
_cell.angle_gamma   90.00
#
_symmetry.space_group_name_H-M   'P 1'
#
loop_
_entity.id
_entity.type
_entity.pdbx_description
1 polymer '8ANC195 Fab heavy chain'
2 polymer '8ANC195 Fab light chain'
3 polymer 'X16 UFO gp41'
4 branched beta-D-mannopyranose-(1-4)-2-acetamido-2-deoxy-beta-D-glucopyranose-(1-4)-2-acetamido-2-deoxy-beta-D-glucopyranose
5 branched 2-acetamido-2-deoxy-beta-D-glucopyranose-(1-4)-2-acetamido-2-deoxy-beta-D-glucopyranose
6 branched alpha-D-mannopyranose-(1-2)-alpha-D-mannopyranose-(1-2)-alpha-D-mannopyranose-(1-3)-[alpha-D-mannopyranose-(1-2)-alpha-D-mannopyranose-(1-6)-[alpha-D-mannopyranose-(1-3)]alpha-D-mannopyranose-(1-6)]beta-D-mannopyranose-(1-4)-2-acetamido-2-deoxy-beta-D-glucopyranose-(1-4)-2-acetamido-2-deoxy-beta-D-glucopyranose
7 branched alpha-D-mannopyranose-(1-3)-[alpha-D-mannopyranose-(1-6)]beta-D-mannopyranose-(1-4)-2-acetamido-2-deoxy-beta-D-glucopyranose-(1-4)-2-acetamido-2-deoxy-beta-D-glucopyranose
8 branched alpha-D-mannopyranose-(1-3)-beta-D-mannopyranose-(1-4)-2-acetamido-2-deoxy-beta-D-glucopyranose-(1-4)-2-acetamido-2-deoxy-beta-D-glucopyranose
9 branched alpha-D-mannopyranose-(1-2)-alpha-D-mannopyranose-(1-2)-alpha-D-mannopyranose-(1-3)-[alpha-D-mannopyranose-(1-2)-alpha-D-mannopyranose-(1-3)-[alpha-D-mannopyranose-(1-2)-alpha-D-mannopyranose-(1-6)]alpha-D-mannopyranose-(1-6)]beta-D-mannopyranose-(1-4)-2-acetamido-2-deoxy-beta-D-glucopyranose-(1-4)-2-acetamido-2-deoxy-beta-D-glucopyranose
10 non-polymer 2-acetamido-2-deoxy-beta-D-glucopyranose
#
loop_
_entity_poly.entity_id
_entity_poly.type
_entity_poly.pdbx_seq_one_letter_code
_entity_poly.pdbx_strand_id
1 'polypeptide(L)'
;QIHLVQSGTEVKKPGSSVTVSCKAYGVNTFGLYAVNWVRQAPGQSLEYIGQIWRWKSSASHHFRGRVLISAVDLTGSSPP
ISSLEIKDLTSDDTAVYFCTTTSTYDKWSGLHHDGVMAFSSWGQGTLISVSAASTKGPSVFPLAPSSKSTSGGTAALGCL
VKDYFPEPVTVSWNSGALTSGVHTFPAVLQSSGLYSLSSVVTVPSSSLGTQTYICNVNHKPSNTKVDKKVEPKSC
;
A,D,H
2 'polypeptide(L)'
;DIQMTQSPSTLSASIGDTVRISCRASQSITGNWVAWYQQRPGKAPRLLIYRGAALLGGVPSRFSGSAAGTDFTLTIGNLQ
AEDFGTFYCQQYDTYPGTFGQGTKVEVKRTVAAPSVFIFPPSDEQLKSGTASVVCLLNNFYPREAKVQWKVDNALQSGNS
QESVTEQDSKDSTYSLSSTLTLSKADYEKHKVYACEVTHQGLSSPVTKSFNRGEC
;
C,E,L
3 'polypeptide(L)'
;NLWVTVYYGVPVWKEATTTLFCASDAKAYDTEVHNVWATHACVPTDPNPQEMVLENVTENFNMWKNEMVNQMHEDVISLW
DQSLKPCVKLTPLCVTLDCTTVNSNSSSNSSNSSGNSNSTLEDMQEMKNCSFNTTTELRDKKQKVYALFYKLDIVPLSNN
SSEYRLINCNTSAITQACPKVSFDPIPIHYCTPAGYALLKCNDKRFNGTGPCHNVSTVQCTHGIKPVVSTQLLLNGSLAE
KEIIVRSENLTNNVKTIIVHLNKSVEIVCTRPGNNTRKSIRIGPGQTFYATGDIIGDIRQAHCNISRGDWEETLHNVRKN
LAEHFQNKTIQFASSSGGDLEITTHSFNCRGEFFYCNTSGLFNSTYMPNSTFNGTESNLTITIPCRIKQIINMWQEVGRA
MYAPPIAGNITCKSNITGLLLVRDGGKESNSTEIFRPGGGDMRDNWRSELYKYKVVEIKPLGVAPTECKRRVVEGGGGSG
GGGSAVGIGAVFLGFLGVAGSTMGAASVALTVQARQLLSGNPDWLPDMTVWGIKQLQTRVLAIERYLKDQQLLGIWGCSG
KLICCTAVPWNSSWSNKSQTEIWNNMTWMQWDEEISNYTATIYRLLEVSQNQQERNEKDLLALD
;
U,V,W,X,Y,Z
#
# COMPACT_ATOMS: atom_id res chain seq x y z
N GLN A 1 22.14 33.30 15.70
CA GLN A 1 22.30 34.72 15.40
C GLN A 1 21.63 35.57 16.49
N ILE A 2 21.40 34.96 17.65
CA ILE A 2 20.77 35.66 18.76
C ILE A 2 21.83 36.48 19.48
N HIS A 3 21.56 37.76 19.69
CA HIS A 3 22.46 38.63 20.43
C HIS A 3 21.64 39.50 21.37
N LEU A 4 22.28 39.95 22.44
CA LEU A 4 21.66 40.84 23.40
C LEU A 4 22.58 42.02 23.65
N VAL A 5 22.04 43.23 23.57
CA VAL A 5 22.81 44.45 23.77
C VAL A 5 22.27 45.16 24.99
N GLN A 6 23.15 45.49 25.93
CA GLN A 6 22.77 46.13 27.17
C GLN A 6 23.12 47.60 27.14
N SER A 7 22.55 48.33 28.11
CA SER A 7 22.81 49.75 28.24
C SER A 7 24.26 49.98 28.67
N GLY A 8 24.63 51.25 28.74
CA GLY A 8 25.97 51.60 29.17
C GLY A 8 26.10 51.62 30.68
N THR A 9 27.34 51.71 31.13
CA THR A 9 27.61 51.83 32.56
C THR A 9 27.01 53.11 33.10
N GLU A 10 26.47 53.03 34.32
CA GLU A 10 25.85 54.17 34.96
C GLU A 10 26.21 54.17 36.44
N VAL A 11 26.55 55.34 36.97
CA VAL A 11 26.81 55.51 38.39
C VAL A 11 25.76 56.47 38.94
N LYS A 12 25.09 56.06 40.00
CA LYS A 12 23.94 56.78 40.51
C LYS A 12 24.12 57.07 42.00
N LYS A 13 23.66 58.25 42.41
CA LYS A 13 23.72 58.60 43.82
C LYS A 13 22.74 57.74 44.62
N PRO A 14 23.08 57.38 45.85
CA PRO A 14 22.16 56.56 46.65
C PRO A 14 20.83 57.26 46.84
N GLY A 15 19.76 56.47 46.83
CA GLY A 15 18.43 57.01 47.00
C GLY A 15 17.72 57.40 45.74
N SER A 16 18.17 56.92 44.58
CA SER A 16 17.57 57.26 43.30
C SER A 16 17.31 55.99 42.49
N SER A 17 16.29 56.06 41.64
CA SER A 17 15.96 54.96 40.76
C SER A 17 16.97 54.84 39.63
N VAL A 18 17.09 53.63 39.08
CA VAL A 18 17.98 53.37 37.96
C VAL A 18 17.27 52.46 36.96
N THR A 19 17.53 52.68 35.68
CA THR A 19 16.91 51.92 34.61
C THR A 19 17.99 51.31 33.72
N VAL A 20 17.77 50.06 33.31
CA VAL A 20 18.68 49.34 32.45
C VAL A 20 17.88 48.69 31.34
N SER A 21 18.34 48.84 30.09
CA SER A 21 17.64 48.35 28.92
C SER A 21 18.40 47.20 28.29
N CYS A 22 17.65 46.22 27.79
CA CYS A 22 18.21 45.04 27.12
C CYS A 22 17.49 44.89 25.79
N LYS A 23 18.23 45.01 24.69
CA LYS A 23 17.69 44.91 23.35
C LYS A 23 18.08 43.58 22.74
N ALA A 24 17.09 42.82 22.29
CA ALA A 24 17.31 41.45 21.84
C ALA A 24 17.25 41.41 20.31
N TYR A 25 18.38 41.16 19.69
CA TYR A 25 18.45 41.03 18.24
C TYR A 25 18.34 39.56 17.88
N GLY A 26 17.33 39.21 17.10
CA GLY A 26 17.16 37.86 16.59
C GLY A 26 16.00 37.09 17.18
N VAL A 27 15.29 37.63 18.14
CA VAL A 27 14.17 36.92 18.75
C VAL A 27 12.89 37.32 18.05
N ASN A 28 12.02 36.33 17.80
CA ASN A 28 10.77 36.59 17.09
C ASN A 28 9.83 37.42 17.95
N THR A 29 9.40 36.87 19.08
CA THR A 29 8.51 37.56 19.99
C THR A 29 8.82 37.09 21.40
N PHE A 30 8.62 37.98 22.37
CA PHE A 30 8.76 37.59 23.75
C PHE A 30 7.67 36.61 24.19
N GLY A 31 6.64 36.43 23.37
CA GLY A 31 5.65 35.42 23.68
C GLY A 31 6.22 34.02 23.70
N LEU A 32 7.19 33.74 22.83
CA LEU A 32 7.83 32.43 22.78
C LEU A 32 9.18 32.40 23.49
N TYR A 33 9.83 33.53 23.68
CA TYR A 33 11.11 33.62 24.35
C TYR A 33 10.91 34.32 25.68
N ALA A 34 11.30 33.65 26.77
CA ALA A 34 11.16 34.26 28.08
C ALA A 34 12.45 34.97 28.46
N VAL A 35 12.32 36.07 29.20
CA VAL A 35 13.48 36.87 29.57
C VAL A 35 13.66 36.82 31.08
N ASN A 36 14.91 36.71 31.51
CA ASN A 36 15.27 36.62 32.91
C ASN A 36 16.37 37.62 33.22
N TRP A 37 16.21 38.35 34.31
CA TRP A 37 17.18 39.33 34.77
C TRP A 37 17.87 38.78 36.00
N VAL A 38 19.21 38.73 35.96
CA VAL A 38 20.05 38.07 36.95
C VAL A 38 21.16 39.03 37.36
N ARG A 39 21.67 38.84 38.58
CA ARG A 39 22.63 39.75 39.21
C ARG A 39 23.94 39.02 39.48
N GLN A 40 25.05 39.77 39.44
CA GLN A 40 26.36 39.23 39.80
C GLN A 40 27.10 40.30 40.58
N ALA A 41 27.19 40.12 41.89
CA ALA A 41 27.95 41.02 42.73
C ALA A 41 29.44 40.76 42.55
N PRO A 42 30.29 41.71 42.97
CA PRO A 42 31.74 41.43 42.96
C PRO A 42 32.11 40.20 43.75
N GLY A 43 31.44 39.93 44.87
CA GLY A 43 31.52 38.63 45.50
C GLY A 43 30.93 37.59 44.57
N GLN A 44 31.70 36.57 44.22
CA GLN A 44 31.40 35.74 43.06
C GLN A 44 30.19 34.87 43.36
N SER A 45 29.01 35.46 43.18
CA SER A 45 27.74 34.78 43.29
C SER A 45 26.81 35.33 42.24
N LEU A 46 25.85 34.50 41.81
CA LEU A 46 24.94 34.86 40.74
C LEU A 46 23.52 34.70 41.27
N GLU A 47 22.81 35.82 41.44
CA GLU A 47 21.51 35.85 42.08
C GLU A 47 20.43 36.27 41.09
N TYR A 48 19.23 35.76 41.30
CA TYR A 48 18.13 35.85 40.34
C TYR A 48 17.19 36.98 40.75
N ILE A 49 16.98 37.96 39.86
CA ILE A 49 16.05 39.04 40.15
C ILE A 49 14.65 38.67 39.68
N GLY A 50 14.46 38.50 38.39
CA GLY A 50 13.09 38.37 37.94
C GLY A 50 12.98 37.91 36.50
N GLN A 51 11.75 37.95 35.99
CA GLN A 51 11.50 37.45 34.66
C GLN A 51 10.22 38.03 34.08
N ILE A 52 10.17 38.03 32.75
CA ILE A 52 8.97 38.23 31.96
C ILE A 52 8.71 36.95 31.18
N TRP A 53 7.50 36.42 31.31
CA TRP A 53 7.14 35.12 30.74
C TRP A 53 5.65 35.10 30.48
N ARG A 54 5.26 34.94 29.22
CA ARG A 54 3.87 35.08 28.79
C ARG A 54 3.26 36.38 29.30
N TRP A 55 4.04 37.46 29.21
CA TRP A 55 3.63 38.79 29.65
C TRP A 55 3.26 38.83 31.12
N LYS A 56 3.75 37.87 31.89
CA LYS A 56 3.65 37.92 33.33
C LYS A 56 5.00 38.33 33.88
N SER A 57 4.98 39.29 34.81
CA SER A 57 6.19 39.83 35.42
C SER A 57 6.33 39.29 36.83
N SER A 58 7.47 38.68 37.13
CA SER A 58 7.70 38.10 38.44
C SER A 58 9.07 38.51 38.96
N ALA A 59 9.16 38.64 40.29
CA ALA A 59 10.41 38.99 40.95
C ALA A 59 10.59 38.13 42.19
N SER A 60 11.85 37.96 42.58
CA SER A 60 12.17 37.14 43.73
C SER A 60 11.68 37.81 45.02
N HIS A 61 11.78 37.07 46.12
CA HIS A 61 11.25 37.56 47.39
C HIS A 61 12.02 38.77 47.89
N HIS A 62 13.35 38.76 47.73
CA HIS A 62 14.13 39.91 48.16
C HIS A 62 13.77 41.17 47.39
N PHE A 63 13.18 41.03 46.21
CA PHE A 63 12.83 42.17 45.39
C PHE A 63 11.32 42.22 45.12
N ARG A 64 10.52 42.01 46.15
CA ARG A 64 9.07 41.90 45.96
C ARG A 64 8.48 43.19 45.42
N GLY A 65 8.93 44.33 45.91
CA GLY A 65 8.39 45.60 45.45
C GLY A 65 9.47 46.62 45.15
N ARG A 66 10.65 46.13 44.75
CA ARG A 66 11.78 47.00 44.51
C ARG A 66 12.21 47.04 43.05
N VAL A 67 11.77 46.11 42.22
CA VAL A 67 12.18 46.03 40.83
C VAL A 67 10.93 45.92 39.96
N LEU A 68 10.90 46.70 38.88
CA LEU A 68 9.85 46.62 37.88
C LEU A 68 10.48 46.22 36.56
N ILE A 69 9.92 45.21 35.91
CA ILE A 69 10.45 44.67 34.67
C ILE A 69 9.39 44.79 33.59
N SER A 70 9.73 45.44 32.49
CA SER A 70 8.80 45.69 31.40
C SER A 70 9.38 45.19 30.10
N ALA A 71 8.50 44.95 29.12
CA ALA A 71 8.94 44.40 27.84
C ALA A 71 8.02 44.90 26.73
N VAL A 72 8.61 45.13 25.56
CA VAL A 72 7.88 45.56 24.36
C VAL A 72 8.40 44.74 23.18
N ASP A 73 7.47 44.33 22.31
CA ASP A 73 7.78 43.41 21.22
C ASP A 73 8.42 44.12 20.03
N LEU A 74 8.51 43.38 18.92
CA LEU A 74 9.02 43.91 17.67
C LEU A 74 8.17 45.09 17.21
N THR A 75 8.83 46.17 16.80
CA THR A 75 8.15 47.41 16.45
C THR A 75 8.66 47.98 15.14
N GLY A 76 9.19 47.13 14.26
CA GLY A 76 9.63 47.58 12.96
C GLY A 76 10.93 48.35 12.98
N SER A 77 10.97 49.43 13.74
CA SER A 77 12.17 50.25 13.84
C SER A 77 13.07 49.86 15.01
N SER A 78 12.66 48.90 15.83
CA SER A 78 13.43 48.52 17.00
C SER A 78 13.19 47.06 17.33
N PRO A 79 14.24 46.33 17.68
CA PRO A 79 14.06 44.93 18.11
C PRO A 79 13.34 44.87 19.45
N PRO A 80 12.98 43.69 19.92
CA PRO A 80 12.31 43.60 21.22
C PRO A 80 13.16 44.15 22.35
N ILE A 81 12.49 44.79 23.31
CA ILE A 81 13.15 45.51 24.38
C ILE A 81 12.64 44.97 25.71
N SER A 82 13.54 44.88 26.69
CA SER A 82 13.17 44.65 28.09
C SER A 82 13.84 45.71 28.93
N SER A 83 13.24 46.02 30.08
CA SER A 83 13.75 47.08 30.93
C SER A 83 13.61 46.68 32.39
N LEU A 84 14.69 46.86 33.14
CA LEU A 84 14.74 46.64 34.58
C LEU A 84 14.88 47.98 35.28
N GLU A 85 13.97 48.27 36.20
CA GLU A 85 13.96 49.53 36.92
C GLU A 85 14.01 49.25 38.42
N ILE A 86 14.97 49.85 39.11
CA ILE A 86 15.10 49.74 40.55
C ILE A 86 14.67 51.08 41.16
N LYS A 87 13.65 51.04 42.01
CA LYS A 87 13.10 52.26 42.58
C LYS A 87 14.07 52.92 43.56
N ASP A 88 14.65 52.13 44.46
CA ASP A 88 15.59 52.64 45.45
C ASP A 88 16.88 51.84 45.34
N LEU A 89 17.98 52.54 45.12
CA LEU A 89 19.29 51.93 44.96
C LEU A 89 20.17 52.30 46.15
N THR A 90 20.63 51.32 46.90
CA THR A 90 21.50 51.54 48.04
C THR A 90 22.88 50.97 47.75
N SER A 91 23.75 51.02 48.76
CA SER A 91 25.15 50.66 48.55
C SER A 91 25.31 49.19 48.19
N ASP A 92 24.37 48.35 48.60
CA ASP A 92 24.51 46.90 48.43
C ASP A 92 24.12 46.40 47.06
N ASP A 93 23.62 47.26 46.17
CA ASP A 93 23.21 46.83 44.84
C ASP A 93 24.31 46.98 43.81
N THR A 94 25.51 47.39 44.21
CA THR A 94 26.62 47.53 43.27
C THR A 94 26.99 46.18 42.67
N ALA A 95 26.75 46.00 41.38
CA ALA A 95 26.91 44.69 40.75
C ALA A 95 26.82 44.85 39.25
N VAL A 96 27.02 43.74 38.55
CA VAL A 96 26.82 43.66 37.10
C VAL A 96 25.51 42.92 36.87
N TYR A 97 24.61 43.55 36.12
CA TYR A 97 23.33 42.96 35.81
C TYR A 97 23.39 42.34 34.41
N PHE A 98 22.79 41.16 34.28
CA PHE A 98 22.72 40.45 33.01
C PHE A 98 21.28 40.18 32.65
N CYS A 99 20.96 40.35 31.36
CA CYS A 99 19.68 39.93 30.81
C CYS A 99 19.91 38.69 29.95
N THR A 100 19.04 37.70 30.10
CA THR A 100 19.16 36.47 29.33
C THR A 100 17.80 36.09 28.76
N THR A 101 17.83 35.38 27.63
CA THR A 101 16.63 34.95 26.95
C THR A 101 16.69 33.46 26.69
N THR A 102 15.57 32.78 26.88
CA THR A 102 15.50 31.33 26.68
C THR A 102 14.28 30.97 25.86
N SER A 103 14.47 30.04 24.94
CA SER A 103 13.37 29.57 24.10
C SER A 103 12.38 28.78 24.93
N THR A 104 11.09 29.05 24.75
CA THR A 104 10.04 28.38 25.50
C THR A 104 8.93 27.89 24.57
N TYR A 105 9.31 27.32 23.43
CA TYR A 105 8.34 26.84 22.47
C TYR A 105 8.22 25.32 22.42
N ASP A 106 9.32 24.60 22.68
CA ASP A 106 9.29 23.14 22.58
C ASP A 106 8.34 22.53 23.58
N LYS A 107 8.32 23.06 24.81
CA LYS A 107 7.45 22.60 25.90
C LYS A 107 7.93 21.25 26.41
N TRP A 108 8.87 20.63 25.71
CA TRP A 108 9.44 19.36 26.12
C TRP A 108 10.96 19.38 26.23
N SER A 109 11.61 20.43 25.77
CA SER A 109 13.06 20.55 25.96
C SER A 109 13.36 20.75 27.43
N GLY A 110 14.61 20.50 27.79
CA GLY A 110 14.96 20.55 29.19
C GLY A 110 15.30 21.90 29.74
N LEU A 111 15.20 22.96 28.94
CA LEU A 111 15.69 24.25 29.38
C LEU A 111 14.74 24.95 30.33
N HIS A 112 13.47 24.59 30.37
CA HIS A 112 12.51 25.28 31.22
C HIS A 112 11.61 24.29 31.95
N HIS A 113 11.08 24.74 33.08
CA HIS A 113 10.19 23.92 33.90
C HIS A 113 9.16 24.84 34.55
N ASP A 114 8.02 25.00 33.89
CA ASP A 114 6.83 25.62 34.47
C ASP A 114 7.15 26.94 35.16
N GLY A 115 7.95 27.78 34.50
CA GLY A 115 8.25 29.10 34.98
C GLY A 115 9.70 29.31 35.39
N VAL A 116 10.36 28.29 35.92
CA VAL A 116 11.77 28.37 36.28
C VAL A 116 12.56 27.69 35.18
N MET A 117 13.63 28.34 34.72
CA MET A 117 14.29 27.89 33.51
C MET A 117 15.78 28.20 33.56
N ALA A 118 16.53 27.48 32.75
CA ALA A 118 17.93 27.78 32.53
C ALA A 118 18.05 28.94 31.55
N PHE A 119 19.28 29.45 31.42
CA PHE A 119 19.54 30.63 30.62
C PHE A 119 20.47 30.24 29.47
N SER A 120 20.04 30.49 28.25
CA SER A 120 20.75 30.06 27.06
C SER A 120 21.63 31.15 26.46
N SER A 121 21.05 32.30 26.16
CA SER A 121 21.77 33.41 25.56
C SER A 121 22.00 34.48 26.62
N TRP A 122 23.26 34.88 26.78
CA TRP A 122 23.64 35.91 27.74
C TRP A 122 24.15 37.13 27.00
N GLY A 123 23.80 38.31 27.50
CA GLY A 123 24.27 39.55 26.91
C GLY A 123 25.68 39.90 27.34
N GLN A 124 25.89 41.17 27.70
CA GLN A 124 27.19 41.60 28.19
C GLN A 124 27.11 42.30 29.54
N GLY A 125 25.92 42.68 30.00
CA GLY A 125 25.74 43.13 31.36
C GLY A 125 26.19 44.55 31.61
N THR A 126 25.45 45.25 32.47
CA THR A 126 25.75 46.62 32.83
C THR A 126 26.30 46.66 34.24
N LEU A 127 27.42 47.34 34.43
CA LEU A 127 28.04 47.50 35.74
C LEU A 127 27.47 48.75 36.40
N ILE A 128 26.93 48.59 37.61
CA ILE A 128 26.36 49.69 38.36
C ILE A 128 27.08 49.77 39.71
N SER A 129 27.62 50.94 40.01
CA SER A 129 28.24 51.25 41.29
C SER A 129 27.40 52.29 42.02
N VAL A 130 27.65 52.41 43.33
CA VAL A 130 26.87 53.32 44.15
C VAL A 130 27.79 54.16 45.04
N ASP B 1 14.05 27.61 49.83
CA ASP B 1 14.96 27.47 48.70
C ASP B 1 15.76 26.19 48.79
N ILE B 2 16.35 25.78 47.66
CA ILE B 2 17.20 24.62 47.59
C ILE B 2 18.62 25.10 47.31
N GLN B 3 19.46 25.07 48.33
CA GLN B 3 20.85 25.48 48.17
C GLN B 3 21.62 24.45 47.37
N MET B 4 22.75 24.88 46.82
CA MET B 4 23.70 23.98 46.19
C MET B 4 25.10 24.35 46.61
N THR B 5 25.94 23.34 46.84
CA THR B 5 27.31 23.54 47.29
C THR B 5 28.25 22.80 46.36
N GLN B 6 29.29 23.49 45.89
CA GLN B 6 30.25 22.93 44.95
C GLN B 6 31.47 22.35 45.67
N SER B 7 32.31 21.68 44.89
CA SER B 7 33.55 21.09 45.36
C SER B 7 34.39 20.66 44.16
N PRO B 8 35.70 20.91 44.17
CA PRO B 8 36.44 21.66 45.20
C PRO B 8 36.30 23.17 45.06
N SER B 9 36.79 23.92 46.06
CA SER B 9 36.73 25.38 45.98
C SER B 9 37.64 25.92 44.88
N THR B 10 38.80 25.31 44.70
CA THR B 10 39.73 25.70 43.63
C THR B 10 40.48 24.47 43.16
N LEU B 11 40.47 24.23 41.85
CA LEU B 11 41.13 23.08 41.25
C LEU B 11 42.28 23.56 40.38
N SER B 12 43.37 22.81 40.38
CA SER B 12 44.55 23.14 39.59
C SER B 12 44.90 21.97 38.69
N ALA B 13 45.05 22.23 37.40
CA ALA B 13 45.39 21.19 36.44
C ALA B 13 45.93 21.84 35.18
N SER B 14 46.81 21.12 34.50
CA SER B 14 47.43 21.59 33.27
C SER B 14 46.77 20.92 32.07
N ILE B 15 47.28 21.25 30.88
CA ILE B 15 46.71 20.72 29.65
C ILE B 15 46.89 19.22 29.60
N GLY B 16 45.84 18.51 29.18
CA GLY B 16 45.87 17.07 29.12
C GLY B 16 45.41 16.37 30.37
N ASP B 17 44.70 17.06 31.26
CA ASP B 17 44.27 16.50 32.54
C ASP B 17 42.76 16.55 32.63
N THR B 18 42.12 15.39 32.52
CA THR B 18 40.68 15.31 32.70
C THR B 18 40.32 15.70 34.13
N VAL B 19 39.32 16.56 34.28
CA VAL B 19 38.97 17.09 35.60
C VAL B 19 37.49 16.86 35.86
N ARG B 20 37.13 16.90 37.14
CA ARG B 20 35.75 16.69 37.56
C ARG B 20 35.42 17.67 38.68
N ILE B 21 34.28 18.35 38.55
CA ILE B 21 33.79 19.26 39.57
C ILE B 21 32.41 18.78 40.00
N SER B 22 32.23 18.56 41.28
CA SER B 22 30.97 18.02 41.78
C SER B 22 30.25 19.08 42.59
N CYS B 23 28.93 18.91 42.70
CA CYS B 23 28.15 19.74 43.61
C CYS B 23 26.94 18.95 44.08
N ARG B 24 26.37 19.41 45.19
CA ARG B 24 25.33 18.69 45.90
C ARG B 24 24.22 19.66 46.27
N ALA B 25 23.00 19.13 46.39
CA ALA B 25 21.81 19.92 46.68
C ALA B 25 21.27 19.58 48.06
N SER B 26 20.58 20.55 48.65
CA SER B 26 19.96 20.35 49.96
C SER B 26 18.75 19.44 49.89
N GLN B 27 18.16 19.26 48.70
CA GLN B 27 17.08 18.32 48.49
C GLN B 27 17.38 17.51 47.24
N SER B 28 16.95 16.26 47.24
CA SER B 28 17.17 15.39 46.09
C SER B 28 16.34 15.88 44.92
N ILE B 29 17.00 16.11 43.78
CA ILE B 29 16.33 16.58 42.58
C ILE B 29 15.86 15.34 41.84
N THR B 30 14.55 15.06 41.91
CA THR B 30 14.02 13.86 41.28
C THR B 30 14.25 13.89 39.77
N GLY B 31 14.05 15.04 39.15
CA GLY B 31 14.39 15.22 37.76
C GLY B 31 15.89 15.38 37.59
N ASN B 32 16.27 16.15 36.58
CA ASN B 32 17.68 16.44 36.35
C ASN B 32 17.85 17.90 36.00
N TRP B 33 17.17 18.77 36.75
CA TRP B 33 17.20 20.21 36.53
C TRP B 33 18.53 20.78 37.03
N VAL B 34 19.58 20.50 36.26
CA VAL B 34 20.93 20.94 36.58
C VAL B 34 21.50 21.65 35.36
N ALA B 35 22.06 22.84 35.58
CA ALA B 35 22.69 23.60 34.51
C ALA B 35 24.14 23.85 34.88
N TRP B 36 25.05 23.46 33.99
CA TRP B 36 26.47 23.70 34.13
C TRP B 36 26.89 24.81 33.18
N TYR B 37 27.53 25.85 33.74
CA TYR B 37 27.93 27.06 33.03
C TYR B 37 29.43 27.28 33.17
N GLN B 38 30.01 27.92 32.14
CA GLN B 38 31.41 28.33 32.14
C GLN B 38 31.49 29.84 31.93
N GLN B 39 32.31 30.51 32.74
CA GLN B 39 32.45 31.96 32.69
C GLN B 39 33.92 32.33 32.75
N ARG B 40 34.35 33.18 31.84
CA ARG B 40 35.70 33.73 31.78
C ARG B 40 35.71 35.12 32.39
N PRO B 41 36.87 35.60 32.86
CA PRO B 41 36.87 36.83 33.67
C PRO B 41 36.31 38.05 32.95
N GLY B 42 36.55 38.17 31.64
CA GLY B 42 36.09 39.33 30.89
C GLY B 42 34.88 39.11 30.01
N LYS B 43 34.19 37.99 30.13
CA LYS B 43 33.06 37.68 29.26
C LYS B 43 31.87 37.20 30.08
N ALA B 44 30.72 37.20 29.45
CA ALA B 44 29.50 36.71 30.07
C ALA B 44 29.48 35.18 30.05
N PRO B 45 28.82 34.56 31.02
CA PRO B 45 28.79 33.10 31.07
C PRO B 45 28.05 32.49 29.90
N ARG B 46 28.49 31.31 29.51
CA ARG B 46 27.86 30.53 28.44
C ARG B 46 27.34 29.22 29.01
N LEU B 47 26.28 28.70 28.40
CA LEU B 47 25.62 27.51 28.90
C LEU B 47 26.30 26.27 28.32
N LEU B 48 26.74 25.37 29.19
CA LEU B 48 27.39 24.14 28.78
C LEU B 48 26.42 22.96 28.78
N ILE B 49 25.81 22.67 29.94
CA ILE B 49 24.90 21.54 30.09
C ILE B 49 23.60 22.06 30.67
N TYR B 50 22.46 21.64 30.11
CA TYR B 50 21.21 22.23 30.55
C TYR B 50 20.33 21.32 31.38
N ARG B 51 20.30 20.01 31.14
CA ARG B 51 19.51 19.10 31.98
C ARG B 51 20.38 17.91 32.37
N GLY B 52 21.17 18.08 33.42
CA GLY B 52 21.96 16.99 33.93
C GLY B 52 23.13 16.62 33.02
N ALA B 53 22.81 16.03 31.88
CA ALA B 53 23.84 15.53 30.96
C ALA B 53 23.46 15.83 29.52
N ALA B 54 22.91 17.00 29.27
CA ALA B 54 22.48 17.41 27.94
C ALA B 54 23.43 18.47 27.39
N LEU B 55 23.99 18.21 26.22
CA LEU B 55 25.00 19.08 25.63
C LEU B 55 24.36 19.98 24.57
N LEU B 56 24.73 21.26 24.61
CA LEU B 56 24.34 22.19 23.56
C LEU B 56 25.14 21.90 22.28
N GLY B 57 24.68 22.50 21.18
CA GLY B 57 25.41 22.34 19.93
C GLY B 57 26.79 22.97 19.97
N GLY B 58 26.89 24.18 20.48
CA GLY B 58 28.16 24.89 20.49
C GLY B 58 29.17 24.37 21.49
N VAL B 59 28.73 23.56 22.44
CA VAL B 59 29.66 22.98 23.43
C VAL B 59 30.45 21.87 22.75
N PRO B 60 31.76 21.81 22.95
CA PRO B 60 32.54 20.70 22.37
C PRO B 60 32.13 19.37 22.99
N SER B 61 32.48 18.29 22.28
CA SER B 61 32.15 16.95 22.73
C SER B 61 32.90 16.54 23.99
N ARG B 62 33.92 17.31 24.39
CA ARG B 62 34.74 16.92 25.53
C ARG B 62 33.92 16.89 26.83
N PHE B 63 33.04 17.86 27.03
CA PHE B 63 32.32 17.96 28.28
C PHE B 63 31.33 16.81 28.43
N SER B 64 31.07 16.44 29.69
CA SER B 64 30.06 15.44 30.00
C SER B 64 29.51 15.70 31.40
N GLY B 65 28.35 15.14 31.67
CA GLY B 65 27.69 15.37 32.94
C GLY B 65 27.16 14.07 33.51
N SER B 66 27.09 14.01 34.83
CA SER B 66 26.56 12.86 35.54
C SER B 66 25.68 13.35 36.67
N ALA B 67 24.54 12.69 36.84
CA ALA B 67 23.54 13.09 37.83
C ALA B 67 23.06 11.85 38.57
N ALA B 68 23.19 11.85 39.89
CA ALA B 68 22.71 10.75 40.72
C ALA B 68 22.07 11.33 41.98
N GLY B 69 20.78 11.62 41.89
CA GLY B 69 20.00 11.95 43.07
C GLY B 69 20.37 13.28 43.67
N THR B 70 21.57 13.36 44.24
CA THR B 70 22.10 14.58 44.83
C THR B 70 23.53 14.87 44.42
N ASP B 71 24.24 13.94 43.80
CA ASP B 71 25.60 14.18 43.33
C ASP B 71 25.54 14.59 41.87
N PHE B 72 26.09 15.76 41.55
CA PHE B 72 25.98 16.34 40.22
C PHE B 72 27.38 16.71 39.78
N THR B 73 27.94 15.95 38.85
CA THR B 73 29.36 16.05 38.52
C THR B 73 29.55 16.41 37.05
N LEU B 74 30.40 17.41 36.80
CA LEU B 74 30.77 17.83 35.46
C LEU B 74 32.18 17.35 35.17
N THR B 75 32.34 16.65 34.06
CA THR B 75 33.62 16.07 33.66
C THR B 75 34.13 16.76 32.41
N ILE B 76 35.37 17.23 32.46
CA ILE B 76 36.02 17.95 31.37
C ILE B 76 37.15 17.07 30.85
N GLY B 77 37.14 16.84 29.54
CA GLY B 77 38.08 15.93 28.90
C GLY B 77 39.44 16.49 28.56
N ASN B 78 40.29 16.61 29.58
CA ASN B 78 41.71 16.92 29.50
C ASN B 78 42.01 18.38 29.22
N LEU B 79 41.02 19.26 29.16
CA LEU B 79 41.24 20.69 28.96
C LEU B 79 42.09 20.93 27.72
N GLN B 80 41.83 20.16 26.66
CA GLN B 80 42.73 20.12 25.52
C GLN B 80 42.80 21.47 24.82
N ALA B 81 41.66 22.16 24.68
CA ALA B 81 41.65 23.43 23.97
C ALA B 81 42.50 24.47 24.69
N GLU B 82 42.25 24.67 25.98
CA GLU B 82 42.89 25.72 26.75
C GLU B 82 42.47 25.56 28.21
N ASP B 83 43.10 26.33 29.08
CA ASP B 83 42.61 26.46 30.43
C ASP B 83 41.39 27.36 30.46
N PHE B 84 40.41 27.00 31.29
CA PHE B 84 39.19 27.77 31.42
C PHE B 84 39.20 28.55 32.73
N GLY B 85 38.07 29.20 33.02
CA GLY B 85 37.97 30.02 34.20
C GLY B 85 37.05 29.46 35.26
N THR B 86 36.01 30.22 35.62
CA THR B 86 35.10 29.84 36.68
C THR B 86 33.97 28.98 36.12
N PHE B 87 33.53 28.01 36.92
CA PHE B 87 32.43 27.13 36.54
C PHE B 87 31.32 27.22 37.57
N TYR B 88 30.08 27.01 37.12
CA TYR B 88 28.92 27.14 37.96
C TYR B 88 27.95 25.99 37.71
N CYS B 89 27.25 25.55 38.76
CA CYS B 89 26.10 24.67 38.62
C CYS B 89 24.89 25.33 39.27
N GLN B 90 23.75 25.23 38.60
CA GLN B 90 22.50 25.86 39.02
C GLN B 90 21.37 24.84 39.01
N GLN B 91 20.46 24.95 39.97
CA GLN B 91 19.24 24.16 39.97
C GLN B 91 18.09 24.99 39.42
N TYR B 92 17.17 24.34 38.73
CA TYR B 92 15.91 24.97 38.35
C TYR B 92 14.76 24.00 38.58
N ASP B 93 14.72 23.40 39.77
CA ASP B 93 13.62 22.53 40.17
C ASP B 93 12.49 23.32 40.81
N THR B 94 12.80 24.14 41.80
CA THR B 94 11.79 24.94 42.48
C THR B 94 12.03 26.42 42.20
N TYR B 95 11.06 27.23 42.58
CA TYR B 95 11.12 28.66 42.39
C TYR B 95 11.28 29.36 43.73
N PRO B 96 12.20 30.32 43.86
CA PRO B 96 13.12 30.78 42.82
C PRO B 96 14.36 29.91 42.71
N GLY B 97 15.04 29.98 41.57
CA GLY B 97 16.24 29.22 41.36
C GLY B 97 17.41 29.76 42.17
N THR B 98 18.45 28.93 42.26
CA THR B 98 19.66 29.30 42.96
C THR B 98 20.87 28.88 42.13
N PHE B 99 21.98 29.58 42.36
CA PHE B 99 23.27 29.24 41.77
C PHE B 99 24.25 28.89 42.89
N GLY B 100 25.26 28.10 42.54
CA GLY B 100 26.26 27.72 43.51
C GLY B 100 27.29 28.80 43.75
N GLN B 101 28.20 28.52 44.67
CA GLN B 101 29.27 29.46 44.96
C GLN B 101 30.45 29.32 44.00
N GLY B 102 30.43 28.34 43.11
CA GLY B 102 31.34 28.31 41.98
C GLY B 102 32.65 27.60 42.27
N THR B 103 33.30 27.16 41.19
CA THR B 103 34.59 26.47 41.22
C THR B 103 35.49 27.09 40.17
N LYS B 104 36.76 27.29 40.52
CA LYS B 104 37.72 27.94 39.64
C LYS B 104 38.76 26.93 39.15
N VAL B 105 39.17 27.07 37.89
CA VAL B 105 40.16 26.20 37.27
C VAL B 105 41.34 27.05 36.81
N GLU B 106 42.54 26.64 37.19
CA GLU B 106 43.77 27.35 36.87
C GLU B 106 44.62 26.51 35.93
N VAL B 107 45.83 27.01 35.65
CA VAL B 107 46.75 26.32 34.74
C VAL B 107 47.49 25.21 35.48
N GLN C 1 21.18 -36.93 -12.80
CA GLN C 1 22.05 -35.81 -12.51
C GLN C 1 23.10 -36.20 -11.47
N ILE C 2 22.71 -37.07 -10.54
CA ILE C 2 23.59 -37.54 -9.49
C ILE C 2 23.87 -39.02 -9.75
N HIS C 3 25.16 -39.37 -9.87
CA HIS C 3 25.55 -40.74 -10.07
C HIS C 3 26.72 -41.07 -9.17
N LEU C 4 26.87 -42.35 -8.85
CA LEU C 4 27.95 -42.83 -8.00
C LEU C 4 28.65 -43.98 -8.71
N VAL C 5 29.91 -43.78 -9.06
CA VAL C 5 30.70 -44.78 -9.75
C VAL C 5 31.62 -45.44 -8.74
N GLN C 6 31.62 -46.76 -8.71
CA GLN C 6 32.40 -47.48 -7.71
C GLN C 6 33.49 -48.29 -8.39
N SER C 7 34.44 -48.75 -7.57
CA SER C 7 35.59 -49.48 -8.07
C SER C 7 35.15 -50.85 -8.60
N GLY C 8 36.14 -51.62 -9.06
CA GLY C 8 35.85 -52.91 -9.65
C GLY C 8 35.97 -54.06 -8.68
N THR C 9 35.42 -55.20 -9.09
CA THR C 9 35.48 -56.41 -8.28
C THR C 9 36.93 -56.84 -8.09
N GLU C 10 37.27 -57.18 -6.85
CA GLU C 10 38.64 -57.58 -6.54
C GLU C 10 38.64 -58.54 -5.36
N VAL C 11 39.25 -59.71 -5.55
CA VAL C 11 39.21 -60.80 -4.58
C VAL C 11 40.62 -61.06 -4.08
N LYS C 12 40.77 -61.14 -2.75
CA LYS C 12 42.07 -61.19 -2.12
C LYS C 12 42.14 -62.34 -1.12
N LYS C 13 43.36 -62.84 -0.93
CA LYS C 13 43.61 -63.85 0.08
C LYS C 13 43.38 -63.26 1.47
N PRO C 14 42.76 -63.99 2.39
CA PRO C 14 42.49 -63.44 3.72
C PRO C 14 43.77 -63.04 4.42
N GLY C 15 43.68 -61.96 5.19
CA GLY C 15 44.80 -61.47 5.98
C GLY C 15 45.43 -60.18 5.51
N SER C 16 44.81 -59.47 4.58
CA SER C 16 45.37 -58.24 4.03
C SER C 16 44.33 -57.12 4.15
N SER C 17 44.70 -55.95 3.67
CA SER C 17 43.81 -54.78 3.65
C SER C 17 43.20 -54.62 2.26
N VAL C 18 42.07 -53.92 2.22
CA VAL C 18 41.34 -53.69 0.98
C VAL C 18 40.89 -52.24 0.94
N THR C 19 40.96 -51.62 -0.24
CA THR C 19 40.47 -50.28 -0.44
C THR C 19 39.41 -50.29 -1.53
N VAL C 20 38.38 -49.46 -1.35
CA VAL C 20 37.28 -49.34 -2.31
C VAL C 20 36.98 -47.86 -2.49
N SER C 21 36.77 -47.45 -3.74
CA SER C 21 36.60 -46.05 -4.09
C SER C 21 35.18 -45.78 -4.58
N CYS C 22 34.64 -44.64 -4.18
CA CYS C 22 33.32 -44.17 -4.59
C CYS C 22 33.49 -42.77 -5.14
N LYS C 23 32.91 -42.52 -6.31
CA LYS C 23 33.18 -41.34 -7.10
C LYS C 23 31.86 -40.66 -7.38
N ALA C 24 31.66 -39.46 -6.85
CA ALA C 24 30.35 -38.81 -6.85
C ALA C 24 30.28 -37.82 -8.00
N TYR C 25 29.59 -38.21 -9.07
CA TYR C 25 29.35 -37.32 -10.20
C TYR C 25 28.08 -36.53 -9.94
N GLY C 26 28.19 -35.22 -9.91
CA GLY C 26 27.06 -34.35 -9.65
C GLY C 26 27.00 -33.78 -8.25
N VAL C 27 27.79 -34.28 -7.32
CA VAL C 27 27.79 -33.77 -5.96
C VAL C 27 28.68 -32.53 -5.92
N ASN C 28 28.11 -31.41 -5.49
CA ASN C 28 28.85 -30.16 -5.43
C ASN C 28 29.99 -30.22 -4.43
N THR C 29 29.72 -30.73 -3.23
CA THR C 29 30.74 -30.95 -2.21
C THR C 29 30.18 -31.86 -1.14
N PHE C 30 31.08 -32.39 -0.30
CA PHE C 30 30.67 -33.29 0.77
C PHE C 30 30.19 -32.55 2.01
N GLY C 31 30.27 -31.23 2.04
CA GLY C 31 29.37 -30.41 2.81
C GLY C 31 28.06 -30.37 2.04
N LEU C 32 26.95 -30.39 2.77
CA LEU C 32 25.60 -30.42 2.22
C LEU C 32 25.28 -31.80 1.66
N TYR C 33 26.24 -32.73 1.64
CA TYR C 33 26.03 -34.04 1.05
C TYR C 33 26.86 -35.05 1.83
N ALA C 34 26.20 -35.86 2.65
CA ALA C 34 26.88 -36.83 3.50
C ALA C 34 27.02 -38.14 2.76
N VAL C 35 28.11 -38.86 3.02
CA VAL C 35 28.38 -40.15 2.39
C VAL C 35 28.28 -41.23 3.46
N ASN C 36 27.59 -42.31 3.11
CA ASN C 36 27.36 -43.43 4.01
C ASN C 36 27.71 -44.72 3.29
N TRP C 37 28.50 -45.55 3.93
CA TRP C 37 28.91 -46.84 3.39
C TRP C 37 28.15 -47.94 4.11
N VAL C 38 27.51 -48.81 3.33
CA VAL C 38 26.74 -49.92 3.86
C VAL C 38 27.20 -51.22 3.20
N ARG C 39 26.79 -52.33 3.80
CA ARG C 39 27.21 -53.67 3.38
C ARG C 39 25.98 -54.53 3.14
N GLN C 40 26.11 -55.46 2.19
CA GLN C 40 25.05 -56.44 1.94
C GLN C 40 25.71 -57.76 1.59
N ALA C 41 25.60 -58.75 2.46
CA ALA C 41 26.16 -60.06 2.23
C ALA C 41 25.10 -61.01 1.74
N PRO C 42 25.47 -62.20 1.29
CA PRO C 42 24.49 -63.28 1.15
C PRO C 42 23.80 -63.52 2.50
N GLY C 43 22.51 -63.76 2.45
CA GLY C 43 21.64 -63.58 3.59
C GLY C 43 20.81 -62.31 3.52
N GLN C 44 21.15 -61.39 2.62
CA GLN C 44 20.32 -60.25 2.26
C GLN C 44 19.97 -59.39 3.47
N SER C 45 20.95 -59.13 4.32
CA SER C 45 20.80 -58.25 5.47
C SER C 45 21.66 -57.01 5.26
N LEU C 46 21.02 -55.87 5.07
CA LEU C 46 21.75 -54.61 4.89
C LEU C 46 22.23 -54.11 6.25
N GLU C 47 23.52 -53.93 6.39
CA GLU C 47 24.12 -53.39 7.59
C GLU C 47 24.48 -51.91 7.37
N TYR C 48 25.20 -51.33 8.32
CA TYR C 48 25.64 -49.94 8.23
C TYR C 48 27.11 -49.88 8.61
N ILE C 49 27.98 -49.66 7.62
CA ILE C 49 29.41 -49.70 7.86
C ILE C 49 29.89 -48.40 8.51
N GLY C 50 29.59 -47.26 7.91
CA GLY C 50 30.03 -46.02 8.50
C GLY C 50 29.63 -44.83 7.67
N GLN C 51 30.17 -43.66 8.02
CA GLN C 51 29.86 -42.47 7.24
C GLN C 51 30.94 -41.43 7.39
N ILE C 52 30.94 -40.50 6.43
CA ILE C 52 31.57 -39.19 6.57
C ILE C 52 30.49 -38.13 6.42
N TRP C 53 30.41 -37.26 7.42
CA TRP C 53 29.39 -36.22 7.51
C TRP C 53 30.01 -35.02 8.20
N ARG C 54 29.89 -33.85 7.57
CA ARG C 54 30.47 -32.62 8.10
C ARG C 54 31.98 -32.78 8.32
N TRP C 55 32.62 -33.52 7.42
CA TRP C 55 34.06 -33.80 7.51
C TRP C 55 34.43 -34.48 8.81
N LYS C 56 33.49 -35.23 9.37
CA LYS C 56 33.74 -36.11 10.51
C LYS C 56 33.42 -37.53 10.09
N SER C 57 34.33 -38.45 10.37
CA SER C 57 34.20 -39.84 9.95
C SER C 57 33.92 -40.71 11.15
N SER C 58 32.95 -41.62 11.01
CA SER C 58 32.58 -42.49 12.11
C SER C 58 32.18 -43.86 11.56
N ALA C 59 32.25 -44.87 12.43
CA ALA C 59 31.90 -46.23 12.07
C ALA C 59 31.12 -46.88 13.20
N SER C 60 30.37 -47.92 12.85
CA SER C 60 29.55 -48.63 13.82
C SER C 60 30.42 -49.38 14.81
N HIS C 61 29.78 -49.99 15.82
CA HIS C 61 30.51 -50.65 16.88
C HIS C 61 31.19 -51.93 16.41
N HIS C 62 30.57 -52.66 15.49
CA HIS C 62 31.17 -53.89 14.99
C HIS C 62 32.44 -53.64 14.19
N PHE C 63 32.72 -52.40 13.80
CA PHE C 63 33.85 -52.11 12.93
C PHE C 63 34.76 -51.02 13.47
N ARG C 64 34.58 -50.58 14.71
CA ARG C 64 35.44 -49.53 15.24
C ARG C 64 36.88 -50.01 15.32
N GLY C 65 37.79 -49.22 14.77
CA GLY C 65 39.17 -49.61 14.65
C GLY C 65 39.47 -50.57 13.52
N ARG C 66 38.48 -50.91 12.70
CA ARG C 66 38.68 -51.83 11.60
C ARG C 66 38.56 -51.20 10.22
N VAL C 67 37.75 -50.16 10.07
CA VAL C 67 37.50 -49.52 8.79
C VAL C 67 37.84 -48.04 8.90
N LEU C 68 38.55 -47.53 7.90
CA LEU C 68 38.85 -46.12 7.78
C LEU C 68 38.13 -45.57 6.56
N ILE C 69 37.40 -44.47 6.75
CA ILE C 69 36.61 -43.86 5.69
C ILE C 69 37.18 -42.47 5.44
N SER C 70 37.67 -42.25 4.22
CA SER C 70 38.32 -40.99 3.87
C SER C 70 37.60 -40.35 2.69
N ALA C 71 37.78 -39.05 2.54
CA ALA C 71 37.11 -38.33 1.46
C ALA C 71 37.94 -37.13 1.03
N VAL C 72 37.92 -36.86 -0.27
CA VAL C 72 38.56 -35.69 -0.86
C VAL C 72 37.51 -34.92 -1.64
N ASP C 73 37.52 -33.61 -1.48
CA ASP C 73 36.48 -32.74 -2.02
C ASP C 73 36.62 -32.59 -3.53
N LEU C 74 35.77 -31.76 -4.11
CA LEU C 74 35.78 -31.53 -5.55
C LEU C 74 37.07 -30.87 -5.98
N THR C 75 37.73 -31.45 -6.97
CA THR C 75 38.96 -30.93 -7.54
C THR C 75 38.75 -30.63 -9.03
N GLY C 76 39.79 -30.10 -9.66
CA GLY C 76 39.66 -29.71 -11.05
C GLY C 76 39.45 -30.88 -11.99
N SER C 77 40.22 -31.96 -11.80
CA SER C 77 40.20 -33.09 -12.70
C SER C 77 39.48 -34.30 -12.12
N SER C 78 38.82 -34.16 -10.98
CA SER C 78 38.15 -35.29 -10.38
C SER C 78 37.00 -34.83 -9.48
N PRO C 79 35.82 -35.41 -9.63
CA PRO C 79 34.70 -35.09 -8.74
C PRO C 79 35.00 -35.57 -7.33
N PRO C 80 34.11 -35.31 -6.37
CA PRO C 80 34.39 -35.74 -5.00
C PRO C 80 34.57 -37.25 -4.88
N ILE C 81 35.49 -37.65 -4.00
CA ILE C 81 35.88 -39.04 -3.84
C ILE C 81 35.71 -39.43 -2.38
N SER C 82 35.27 -40.67 -2.15
CA SER C 82 35.28 -41.29 -0.83
C SER C 82 35.91 -42.66 -0.95
N SER C 83 36.43 -43.17 0.16
CA SER C 83 37.18 -44.42 0.13
C SER C 83 37.00 -45.19 1.44
N LEU C 84 36.71 -46.47 1.31
CA LEU C 84 36.71 -47.43 2.41
C LEU C 84 38.04 -48.15 2.44
N GLU C 85 38.57 -48.36 3.65
CA GLU C 85 39.78 -49.15 3.83
C GLU C 85 39.56 -50.11 5.00
N ILE C 86 39.58 -51.40 4.71
CA ILE C 86 39.45 -52.43 5.73
C ILE C 86 40.84 -53.01 6.00
N LYS C 87 41.27 -52.94 7.26
CA LYS C 87 42.63 -53.33 7.60
C LYS C 87 42.84 -54.82 7.44
N ASP C 88 41.94 -55.63 7.99
CA ASP C 88 42.04 -57.08 7.91
C ASP C 88 40.70 -57.65 7.50
N LEU C 89 40.73 -58.73 6.71
CA LEU C 89 39.52 -59.34 6.20
C LEU C 89 39.47 -60.80 6.61
N THR C 90 38.38 -61.20 7.24
CA THR C 90 38.14 -62.58 7.61
C THR C 90 37.29 -63.25 6.55
N SER C 91 36.94 -64.51 6.80
CA SER C 91 36.12 -65.26 5.85
C SER C 91 34.71 -64.70 5.74
N ASP C 92 34.24 -63.98 6.76
CA ASP C 92 32.86 -63.54 6.83
C ASP C 92 32.65 -62.13 6.28
N ASP C 93 33.67 -61.50 5.73
CA ASP C 93 33.53 -60.17 5.16
C ASP C 93 33.11 -60.18 3.70
N THR C 94 32.90 -61.36 3.11
CA THR C 94 32.50 -61.43 1.71
C THR C 94 31.11 -60.84 1.54
N ALA C 95 31.00 -59.82 0.70
CA ALA C 95 29.75 -59.08 0.55
C ALA C 95 29.91 -58.07 -0.56
N VAL C 96 28.80 -57.40 -0.87
CA VAL C 96 28.80 -56.27 -1.80
C VAL C 96 28.67 -55.00 -0.98
N TYR C 97 29.61 -54.09 -1.16
CA TYR C 97 29.61 -52.81 -0.47
C TYR C 97 28.93 -51.76 -1.33
N PHE C 98 28.18 -50.88 -0.68
CA PHE C 98 27.42 -49.84 -1.36
C PHE C 98 27.79 -48.47 -0.80
N CYS C 99 28.06 -47.53 -1.70
CA CYS C 99 28.24 -46.13 -1.38
C CYS C 99 26.92 -45.38 -1.58
N THR C 100 26.57 -44.53 -0.62
CA THR C 100 25.34 -43.76 -0.70
C THR C 100 25.63 -42.30 -0.36
N THR C 101 24.89 -41.40 -1.00
CA THR C 101 25.00 -39.98 -0.74
C THR C 101 23.63 -39.41 -0.44
N THR C 102 23.54 -38.55 0.56
CA THR C 102 22.27 -37.96 0.96
C THR C 102 22.45 -36.46 1.17
N SER C 103 21.52 -35.68 0.64
CA SER C 103 21.56 -34.24 0.80
C SER C 103 21.32 -33.85 2.26
N THR C 104 22.11 -32.90 2.75
CA THR C 104 21.99 -32.44 4.13
C THR C 104 21.94 -30.93 4.23
N TYR C 105 21.30 -30.26 3.27
CA TYR C 105 21.22 -28.81 3.27
C TYR C 105 19.92 -28.27 3.85
N ASP C 106 18.81 -28.98 3.66
CA ASP C 106 17.51 -28.44 4.07
C ASP C 106 17.43 -28.24 5.56
N LYS C 107 17.96 -29.19 6.34
CA LYS C 107 17.93 -29.22 7.80
C LYS C 107 16.52 -29.44 8.34
N TRP C 108 15.51 -29.43 7.47
CA TRP C 108 14.15 -29.76 7.88
C TRP C 108 13.55 -30.89 7.08
N SER C 109 14.16 -31.29 5.97
CA SER C 109 13.65 -32.42 5.21
C SER C 109 13.75 -33.69 6.03
N GLY C 110 12.82 -34.59 5.80
CA GLY C 110 12.76 -35.79 6.60
C GLY C 110 13.79 -36.84 6.27
N LEU C 111 14.71 -36.55 5.35
CA LEU C 111 15.65 -37.56 4.90
C LEU C 111 16.86 -37.72 5.80
N HIS C 112 16.97 -36.93 6.87
CA HIS C 112 18.13 -37.09 7.73
C HIS C 112 17.83 -36.58 9.13
N HIS C 113 18.49 -37.18 10.10
CA HIS C 113 18.59 -36.68 11.46
C HIS C 113 20.04 -36.28 11.74
N ASP C 114 20.28 -35.77 12.95
CA ASP C 114 21.62 -35.33 13.33
C ASP C 114 22.52 -36.52 13.56
N GLY C 115 22.91 -37.21 12.49
CA GLY C 115 23.83 -38.32 12.60
C GLY C 115 23.41 -39.56 11.86
N VAL C 116 22.12 -39.84 11.82
CA VAL C 116 21.58 -41.00 11.14
C VAL C 116 20.61 -40.53 10.07
N MET C 117 20.62 -41.20 8.92
CA MET C 117 19.90 -40.67 7.78
C MET C 117 19.59 -41.77 6.78
N ALA C 118 18.62 -41.48 5.91
CA ALA C 118 18.27 -42.37 4.82
C ALA C 118 19.30 -42.20 3.70
N PHE C 119 19.07 -42.85 2.56
CA PHE C 119 20.05 -42.90 1.48
C PHE C 119 19.36 -42.60 0.15
N SER C 120 19.50 -41.38 -0.33
CA SER C 120 18.78 -40.95 -1.53
C SER C 120 19.37 -41.55 -2.80
N SER C 121 20.69 -41.61 -2.89
CA SER C 121 21.36 -42.09 -4.10
C SER C 121 22.23 -43.28 -3.76
N TRP C 122 22.21 -44.28 -4.65
CA TRP C 122 22.91 -45.53 -4.42
C TRP C 122 23.81 -45.84 -5.61
N GLY C 123 25.06 -46.21 -5.32
CA GLY C 123 25.96 -46.70 -6.35
C GLY C 123 25.66 -48.14 -6.72
N GLN C 124 26.44 -48.65 -7.67
CA GLN C 124 26.22 -49.99 -8.18
C GLN C 124 26.89 -51.07 -7.35
N GLY C 125 27.71 -50.70 -6.37
CA GLY C 125 28.22 -51.68 -5.42
C GLY C 125 29.39 -52.48 -5.92
N THR C 126 30.32 -52.80 -5.01
CA THR C 126 31.51 -53.57 -5.33
C THR C 126 31.44 -54.91 -4.61
N LEU C 127 31.64 -56.00 -5.36
CA LEU C 127 31.61 -57.34 -4.78
C LEU C 127 33.01 -57.72 -4.33
N ILE C 128 33.14 -58.13 -3.07
CA ILE C 128 34.41 -58.55 -2.50
C ILE C 128 34.23 -59.94 -1.91
N SER C 129 35.12 -60.85 -2.28
CA SER C 129 35.12 -62.23 -1.79
C SER C 129 36.50 -62.54 -1.22
N VAL C 130 36.52 -63.50 -0.31
CA VAL C 130 37.78 -63.90 0.32
C VAL C 130 38.00 -65.39 0.20
N ASP D 1 20.31 -50.42 20.95
CA ASP D 1 20.05 -50.70 19.53
C ASP D 1 18.56 -50.94 19.29
N ILE D 2 18.11 -50.66 18.08
CA ILE D 2 16.71 -50.81 17.70
C ILE D 2 16.63 -51.86 16.61
N GLN D 3 15.85 -52.90 16.85
CA GLN D 3 15.62 -53.96 15.88
C GLN D 3 14.27 -53.76 15.20
N MET D 4 14.07 -54.47 14.10
CA MET D 4 12.79 -54.47 13.40
C MET D 4 12.52 -55.86 12.86
N THR D 5 11.26 -56.11 12.55
CA THR D 5 10.85 -57.37 11.95
C THR D 5 9.76 -57.11 10.92
N GLN D 6 9.93 -57.65 9.73
CA GLN D 6 8.99 -57.42 8.64
C GLN D 6 8.10 -58.64 8.45
N SER D 7 6.94 -58.41 7.82
CA SER D 7 5.99 -59.46 7.53
C SER D 7 5.13 -59.05 6.36
N PRO D 8 4.71 -59.98 5.51
CA PRO D 8 5.05 -61.41 5.54
C PRO D 8 6.44 -61.72 4.97
N SER D 9 6.97 -62.92 5.22
CA SER D 9 8.29 -63.27 4.71
C SER D 9 8.32 -63.26 3.18
N THR D 10 7.28 -63.81 2.55
CA THR D 10 7.14 -63.76 1.12
C THR D 10 5.66 -63.87 0.77
N LEU D 11 5.25 -63.22 -0.32
CA LEU D 11 3.86 -63.25 -0.73
C LEU D 11 3.78 -63.32 -2.25
N SER D 12 2.83 -64.12 -2.74
CA SER D 12 2.51 -64.13 -4.15
C SER D 12 1.66 -62.91 -4.49
N ALA D 13 1.60 -62.60 -5.78
CA ALA D 13 0.84 -61.44 -6.23
C ALA D 13 0.46 -61.63 -7.70
N SER D 14 -0.18 -60.61 -8.25
CA SER D 14 -0.62 -60.64 -9.64
C SER D 14 -0.80 -59.20 -10.10
N ILE D 15 -0.88 -59.03 -11.42
CA ILE D 15 -0.98 -57.69 -11.99
C ILE D 15 -2.31 -57.06 -11.60
N GLY D 16 -2.24 -55.81 -11.13
CA GLY D 16 -3.41 -55.09 -10.68
C GLY D 16 -3.75 -55.27 -9.21
N ASP D 17 -3.03 -56.13 -8.51
CA ASP D 17 -3.32 -56.39 -7.11
C ASP D 17 -2.69 -55.34 -6.21
N THR D 18 -3.20 -55.24 -4.99
CA THR D 18 -2.69 -54.33 -3.97
C THR D 18 -2.10 -55.14 -2.83
N VAL D 19 -0.87 -54.83 -2.44
CA VAL D 19 -0.18 -55.59 -1.41
C VAL D 19 0.22 -54.67 -0.27
N ARG D 20 0.38 -55.27 0.90
CA ARG D 20 0.75 -54.55 2.11
C ARG D 20 1.88 -55.30 2.81
N ILE D 21 2.87 -54.55 3.28
CA ILE D 21 4.00 -55.11 4.02
C ILE D 21 4.16 -54.32 5.31
N SER D 22 4.19 -55.01 6.43
CA SER D 22 4.22 -54.36 7.74
C SER D 22 5.51 -54.70 8.46
N CYS D 23 6.23 -53.67 8.91
CA CYS D 23 7.42 -53.84 9.74
C CYS D 23 7.13 -53.27 11.12
N ARG D 24 7.48 -54.02 12.15
CA ARG D 24 7.26 -53.65 13.54
C ARG D 24 8.60 -53.47 14.23
N ALA D 25 8.70 -52.43 15.06
CA ALA D 25 9.94 -52.07 15.72
C ALA D 25 9.94 -52.55 17.17
N SER D 26 11.15 -52.73 17.71
CA SER D 26 11.32 -53.11 19.10
C SER D 26 11.07 -51.96 20.07
N GLN D 27 10.98 -50.74 19.57
CA GLN D 27 10.66 -49.58 20.37
C GLN D 27 9.77 -48.65 19.56
N SER D 28 8.73 -48.12 20.20
CA SER D 28 7.84 -47.20 19.51
C SER D 28 8.62 -45.98 19.03
N ILE D 29 8.46 -45.64 17.76
CA ILE D 29 9.24 -44.60 17.13
C ILE D 29 8.38 -43.34 17.11
N THR D 30 8.74 -42.36 17.94
CA THR D 30 7.90 -41.18 18.12
C THR D 30 7.63 -40.48 16.80
N GLY D 31 8.68 -39.97 16.17
CA GLY D 31 8.55 -39.48 14.82
C GLY D 31 8.33 -40.63 13.86
N ASN D 32 7.93 -40.29 12.63
CA ASN D 32 7.75 -41.34 11.63
C ASN D 32 9.08 -42.02 11.36
N TRP D 33 10.02 -41.29 10.76
CA TRP D 33 11.45 -41.64 10.79
C TRP D 33 11.69 -43.09 10.36
N VAL D 34 11.01 -43.51 9.30
CA VAL D 34 11.16 -44.85 8.75
C VAL D 34 11.11 -44.75 7.23
N ALA D 35 11.88 -45.61 6.56
CA ALA D 35 12.06 -45.54 5.12
C ALA D 35 11.80 -46.89 4.48
N TRP D 36 11.29 -46.83 3.25
CA TRP D 36 10.93 -47.99 2.45
C TRP D 36 11.73 -47.97 1.15
N TYR D 37 12.35 -49.11 0.82
CA TYR D 37 13.19 -49.24 -0.36
C TYR D 37 12.79 -50.45 -1.19
N GLN D 38 13.11 -50.39 -2.48
CA GLN D 38 13.05 -51.52 -3.40
C GLN D 38 14.46 -52.01 -3.74
N GLN D 39 14.53 -53.25 -4.23
CA GLN D 39 15.79 -53.80 -4.72
C GLN D 39 15.45 -54.94 -5.68
N ARG D 40 15.67 -54.70 -6.98
CA ARG D 40 15.59 -55.78 -7.94
C ARG D 40 16.84 -56.66 -7.85
N PRO D 41 16.75 -57.90 -8.31
CA PRO D 41 17.93 -58.78 -8.25
C PRO D 41 19.05 -58.26 -9.14
N GLY D 42 20.24 -58.15 -8.56
CA GLY D 42 21.40 -57.71 -9.29
C GLY D 42 21.48 -56.23 -9.56
N LYS D 43 20.62 -55.43 -8.95
CA LYS D 43 20.61 -53.98 -9.14
C LYS D 43 20.86 -53.29 -7.81
N ALA D 44 20.73 -51.99 -7.80
CA ALA D 44 20.98 -51.24 -6.59
C ALA D 44 19.67 -50.85 -5.92
N PRO D 45 19.66 -50.73 -4.59
CA PRO D 45 18.45 -50.31 -3.89
C PRO D 45 18.02 -48.91 -4.30
N ARG D 46 16.71 -48.71 -4.31
CA ARG D 46 16.10 -47.44 -4.71
C ARG D 46 15.17 -46.99 -3.60
N LEU D 47 15.38 -45.76 -3.11
CA LEU D 47 14.57 -45.26 -2.01
C LEU D 47 13.17 -44.94 -2.51
N LEU D 48 12.17 -45.54 -1.88
CA LEU D 48 10.77 -45.31 -2.24
C LEU D 48 10.14 -44.25 -1.35
N ILE D 49 10.12 -44.49 -0.05
CA ILE D 49 9.41 -43.64 0.90
C ILE D 49 10.36 -43.27 2.03
N TYR D 50 10.29 -42.01 2.47
CA TYR D 50 11.01 -41.56 3.65
C TYR D 50 10.04 -40.85 4.57
N ARG D 51 10.49 -40.58 5.80
CA ARG D 51 9.68 -39.85 6.78
C ARG D 51 8.34 -40.55 6.99
N GLY D 52 8.37 -41.87 7.02
CA GLY D 52 7.15 -42.63 7.20
C GLY D 52 6.28 -42.71 5.97
N ALA D 53 5.79 -41.57 5.49
CA ALA D 53 4.81 -41.58 4.42
C ALA D 53 5.06 -40.47 3.40
N ALA D 54 6.31 -40.10 3.17
CA ALA D 54 6.64 -39.08 2.18
C ALA D 54 7.06 -39.74 0.87
N LEU D 55 6.50 -39.26 -0.23
CA LEU D 55 6.73 -39.83 -1.55
C LEU D 55 7.74 -38.99 -2.31
N LEU D 56 8.79 -39.63 -2.82
CA LEU D 56 9.80 -38.93 -3.59
C LEU D 56 9.27 -38.62 -4.99
N GLY D 57 10.13 -38.10 -5.84
CA GLY D 57 9.76 -37.84 -7.22
C GLY D 57 10.20 -38.95 -8.14
N GLY D 58 9.44 -39.14 -9.21
CA GLY D 58 9.75 -40.21 -10.16
C GLY D 58 9.11 -41.51 -9.75
N VAL D 59 9.09 -41.78 -8.46
CA VAL D 59 8.39 -42.97 -7.94
C VAL D 59 6.89 -42.80 -8.21
N PRO D 60 6.19 -43.85 -8.64
CA PRO D 60 4.77 -43.69 -8.98
C PRO D 60 3.94 -43.32 -7.77
N SER D 61 2.83 -42.62 -8.05
CA SER D 61 1.91 -42.20 -6.99
C SER D 61 1.17 -43.37 -6.36
N ARG D 62 1.27 -44.57 -6.91
CA ARG D 62 0.52 -45.69 -6.39
C ARG D 62 1.02 -46.12 -5.00
N PHE D 63 2.29 -45.94 -4.72
CA PHE D 63 2.83 -46.30 -3.42
C PHE D 63 2.26 -45.39 -2.33
N SER D 64 2.09 -45.96 -1.13
CA SER D 64 1.67 -45.17 0.01
C SER D 64 2.22 -45.79 1.28
N GLY D 65 2.28 -45.00 2.34
CA GLY D 65 2.79 -45.47 3.61
C GLY D 65 1.91 -45.02 4.75
N SER D 66 1.80 -45.89 5.76
CA SER D 66 1.03 -45.61 6.94
C SER D 66 1.91 -45.84 8.16
N ALA D 67 1.91 -44.88 9.07
CA ALA D 67 2.77 -44.91 10.25
C ALA D 67 1.89 -44.92 11.50
N ALA D 68 1.79 -46.09 12.13
CA ALA D 68 1.16 -46.21 13.43
C ALA D 68 2.22 -45.93 14.50
N GLY D 69 1.90 -46.24 15.75
CA GLY D 69 2.86 -46.01 16.82
C GLY D 69 4.10 -46.86 16.68
N THR D 70 3.92 -48.14 16.36
CA THR D 70 5.04 -49.07 16.32
C THR D 70 5.09 -49.84 15.00
N ASP D 71 3.92 -50.07 14.40
CA ASP D 71 3.83 -50.81 13.15
C ASP D 71 3.75 -49.84 11.98
N PHE D 72 4.57 -50.08 10.96
CA PHE D 72 4.61 -49.26 9.77
C PHE D 72 4.25 -50.11 8.56
N THR D 73 3.29 -49.66 7.76
CA THR D 73 2.75 -50.46 6.68
C THR D 73 2.95 -49.77 5.35
N LEU D 74 3.61 -50.44 4.42
CA LEU D 74 3.78 -49.96 3.05
C LEU D 74 2.71 -50.60 2.18
N THR D 75 1.92 -49.77 1.52
CA THR D 75 0.83 -50.22 0.66
C THR D 75 1.25 -49.97 -0.79
N ILE D 76 1.53 -51.04 -1.52
CA ILE D 76 1.84 -50.96 -2.93
C ILE D 76 0.55 -51.36 -3.65
N GLY D 77 -0.24 -50.35 -3.99
CA GLY D 77 -1.53 -50.59 -4.61
C GLY D 77 -1.44 -50.57 -6.13
N ASN D 78 -2.24 -51.43 -6.76
CA ASN D 78 -2.34 -51.51 -8.21
C ASN D 78 -0.98 -51.82 -8.84
N LEU D 79 -0.48 -53.02 -8.52
CA LEU D 79 0.73 -53.50 -9.16
C LEU D 79 0.52 -53.52 -10.67
N GLN D 80 1.22 -52.65 -11.38
CA GLN D 80 1.00 -52.47 -12.80
C GLN D 80 2.22 -52.91 -13.59
N ALA D 81 1.97 -53.65 -14.67
CA ALA D 81 3.01 -54.13 -15.57
C ALA D 81 4.07 -54.93 -14.83
N GLU D 82 5.30 -54.40 -14.80
CA GLU D 82 6.41 -55.11 -14.19
C GLU D 82 6.21 -55.29 -12.69
N ASP D 83 6.47 -56.52 -12.23
CA ASP D 83 6.42 -56.85 -10.82
C ASP D 83 7.74 -56.44 -10.15
N PHE D 84 7.77 -56.50 -8.83
CA PHE D 84 8.88 -55.95 -8.08
C PHE D 84 9.71 -57.08 -7.49
N GLY D 85 10.77 -56.71 -6.77
CA GLY D 85 11.70 -57.68 -6.23
C GLY D 85 11.64 -57.79 -4.73
N THR D 86 12.63 -57.24 -4.04
CA THR D 86 12.70 -57.29 -2.58
C THR D 86 12.41 -55.90 -2.01
N PHE D 87 11.61 -55.85 -0.96
CA PHE D 87 11.28 -54.61 -0.29
C PHE D 87 11.95 -54.56 1.08
N TYR D 88 12.24 -53.35 1.54
CA TYR D 88 13.03 -53.19 2.75
C TYR D 88 12.51 -52.04 3.60
N CYS D 89 12.47 -52.26 4.92
CA CYS D 89 12.08 -51.28 5.92
C CYS D 89 13.30 -50.92 6.75
N GLN D 90 13.56 -49.63 6.90
CA GLN D 90 14.71 -49.14 7.65
C GLN D 90 14.29 -48.07 8.64
N GLN D 91 14.92 -48.08 9.82
CA GLN D 91 14.70 -47.05 10.83
C GLN D 91 15.92 -46.15 10.90
N TYR D 92 15.70 -44.88 11.19
CA TYR D 92 16.80 -43.96 11.48
C TYR D 92 16.45 -43.09 12.69
N ASP D 93 16.02 -43.73 13.77
CA ASP D 93 15.78 -43.01 15.02
C ASP D 93 17.05 -42.86 15.83
N THR D 94 17.67 -43.97 16.21
CA THR D 94 18.87 -43.95 17.02
C THR D 94 20.06 -44.42 16.21
N TYR D 95 21.25 -44.11 16.71
CA TYR D 95 22.50 -44.49 16.07
C TYR D 95 23.08 -45.70 16.77
N PRO D 96 23.53 -46.73 16.04
CA PRO D 96 23.50 -46.83 14.58
C PRO D 96 22.15 -47.27 14.05
N GLY D 97 21.88 -47.01 12.77
CA GLY D 97 20.66 -47.44 12.14
C GLY D 97 20.65 -48.94 11.91
N THR D 98 19.51 -49.42 11.43
CA THR D 98 19.34 -50.84 11.17
C THR D 98 18.30 -51.03 10.09
N PHE D 99 18.51 -52.02 9.23
CA PHE D 99 17.56 -52.42 8.21
C PHE D 99 16.77 -53.63 8.66
N GLY D 100 15.62 -53.84 8.02
CA GLY D 100 14.83 -55.01 8.29
C GLY D 100 15.33 -56.23 7.54
N GLN D 101 14.78 -57.38 7.91
CA GLN D 101 15.16 -58.62 7.24
C GLN D 101 14.74 -58.61 5.77
N GLY D 102 13.53 -58.14 5.48
CA GLY D 102 13.12 -57.97 4.11
C GLY D 102 12.03 -58.91 3.64
N THR D 103 11.23 -58.47 2.67
CA THR D 103 10.16 -59.26 2.09
C THR D 103 10.31 -59.31 0.58
N LYS D 104 9.79 -60.38 -0.02
CA LYS D 104 9.91 -60.60 -1.45
C LYS D 104 8.52 -60.73 -2.06
N VAL D 105 8.34 -60.16 -3.26
CA VAL D 105 7.07 -60.18 -3.96
C VAL D 105 7.26 -60.86 -5.32
N GLU D 106 6.32 -61.72 -5.69
CA GLU D 106 6.41 -62.53 -6.90
C GLU D 106 5.05 -62.58 -7.59
N VAL D 107 5.07 -62.99 -8.84
CA VAL D 107 3.84 -63.18 -9.60
C VAL D 107 3.39 -64.63 -9.47
N GLN E 1 -40.95 4.21 -9.68
CA GLN E 1 -42.23 4.40 -10.35
C GLN E 1 -43.05 3.11 -10.30
N ILE E 2 -43.67 2.85 -9.16
CA ILE E 2 -44.51 1.68 -8.95
C ILE E 2 -45.94 2.15 -8.85
N HIS E 3 -46.79 1.67 -9.77
CA HIS E 3 -48.20 2.03 -9.77
C HIS E 3 -49.05 0.77 -9.76
N LEU E 4 -50.01 0.71 -8.85
CA LEU E 4 -50.89 -0.44 -8.73
C LEU E 4 -52.27 -0.06 -9.26
N VAL E 5 -52.79 -0.87 -10.18
CA VAL E 5 -54.08 -0.62 -10.80
C VAL E 5 -55.01 -1.77 -10.45
N GLN E 6 -56.21 -1.43 -9.97
CA GLN E 6 -57.19 -2.42 -9.58
C GLN E 6 -58.39 -2.35 -10.53
N SER E 7 -58.95 -3.50 -10.84
CA SER E 7 -59.98 -3.60 -11.87
C SER E 7 -61.35 -3.80 -11.25
N GLY E 8 -62.31 -2.99 -11.67
CA GLY E 8 -63.71 -3.24 -11.40
C GLY E 8 -64.25 -2.45 -10.23
N THR E 9 -65.56 -2.20 -10.27
CA THR E 9 -66.30 -1.66 -9.14
C THR E 9 -67.64 -2.41 -9.03
N GLU E 10 -67.57 -3.73 -9.19
CA GLU E 10 -68.77 -4.53 -9.42
C GLU E 10 -69.55 -4.76 -8.14
N VAL E 11 -70.87 -4.86 -8.28
CA VAL E 11 -71.78 -5.14 -7.18
C VAL E 11 -72.55 -6.42 -7.51
N LYS E 12 -72.67 -7.31 -6.53
CA LYS E 12 -73.33 -8.60 -6.73
C LYS E 12 -74.32 -8.87 -5.62
N LYS E 13 -75.29 -9.72 -5.92
CA LYS E 13 -76.27 -10.15 -4.95
C LYS E 13 -75.66 -11.18 -4.00
N PRO E 14 -76.19 -11.30 -2.78
CA PRO E 14 -75.63 -12.26 -1.83
C PRO E 14 -75.73 -13.68 -2.34
N GLY E 15 -74.77 -14.51 -1.93
CA GLY E 15 -74.76 -15.90 -2.27
C GLY E 15 -73.89 -16.29 -3.45
N SER E 16 -73.05 -15.39 -3.94
CA SER E 16 -72.18 -15.65 -5.09
C SER E 16 -70.73 -15.37 -4.69
N SER E 17 -69.83 -15.53 -5.65
CA SER E 17 -68.42 -15.28 -5.47
C SER E 17 -68.03 -13.97 -6.14
N VAL E 18 -66.90 -13.41 -5.71
CA VAL E 18 -66.34 -12.21 -6.31
C VAL E 18 -64.86 -12.43 -6.57
N THR E 19 -64.37 -11.84 -7.66
CA THR E 19 -62.96 -11.83 -7.99
C THR E 19 -62.54 -10.40 -8.28
N VAL E 20 -61.47 -9.96 -7.62
CA VAL E 20 -60.92 -8.63 -7.81
C VAL E 20 -59.47 -8.78 -8.24
N SER E 21 -59.11 -8.11 -9.32
CA SER E 21 -57.77 -8.23 -9.91
C SER E 21 -56.98 -6.97 -9.64
N CYS E 22 -55.75 -7.14 -9.18
CA CYS E 22 -54.80 -6.06 -8.98
C CYS E 22 -53.54 -6.35 -9.79
N LYS E 23 -53.00 -5.31 -10.43
CA LYS E 23 -51.87 -5.43 -11.31
C LYS E 23 -50.84 -4.36 -10.98
N ALA E 24 -49.58 -4.64 -11.27
CA ALA E 24 -48.48 -3.75 -10.94
C ALA E 24 -47.82 -3.23 -12.20
N TYR E 25 -47.27 -2.02 -12.09
CA TYR E 25 -46.43 -1.43 -13.12
C TYR E 25 -45.19 -0.94 -12.40
N GLY E 26 -44.10 -1.70 -12.52
CA GLY E 26 -42.85 -1.34 -11.89
C GLY E 26 -42.34 -2.33 -10.86
N VAL E 27 -42.66 -3.60 -11.01
CA VAL E 27 -42.18 -4.64 -10.10
C VAL E 27 -41.43 -5.69 -10.91
N ASN E 28 -40.26 -6.10 -10.42
CA ASN E 28 -39.47 -7.11 -11.11
C ASN E 28 -40.18 -8.46 -11.09
N THR E 29 -40.58 -8.91 -9.91
CA THR E 29 -41.27 -10.18 -9.73
C THR E 29 -41.80 -10.21 -8.31
N PHE E 30 -42.54 -11.26 -8.00
CA PHE E 30 -43.05 -11.45 -6.65
C PHE E 30 -42.08 -12.19 -5.76
N GLY E 31 -40.94 -12.63 -6.29
CA GLY E 31 -39.92 -13.21 -5.45
C GLY E 31 -39.25 -12.20 -4.55
N LEU E 32 -39.32 -10.92 -4.90
CA LEU E 32 -38.76 -9.86 -4.09
C LEU E 32 -39.79 -8.88 -3.56
N TYR E 33 -40.96 -8.78 -4.19
CA TYR E 33 -42.04 -7.93 -3.73
C TYR E 33 -43.19 -8.81 -3.28
N ALA E 34 -43.66 -8.60 -2.06
CA ALA E 34 -44.75 -9.39 -1.52
C ALA E 34 -46.04 -8.59 -1.57
N VAL E 35 -47.15 -9.27 -1.80
CA VAL E 35 -48.44 -8.62 -1.93
C VAL E 35 -49.29 -8.90 -0.69
N ASN E 36 -49.90 -7.86 -0.17
CA ASN E 36 -50.82 -7.95 0.96
C ASN E 36 -52.16 -7.36 0.55
N TRP E 37 -53.23 -8.09 0.81
CA TRP E 37 -54.57 -7.64 0.54
C TRP E 37 -55.24 -7.24 1.84
N VAL E 38 -55.82 -6.03 1.86
CA VAL E 38 -56.41 -5.46 3.07
C VAL E 38 -57.81 -4.94 2.74
N ARG E 39 -58.66 -4.88 3.78
CA ARG E 39 -60.04 -4.46 3.67
C ARG E 39 -60.25 -3.14 4.38
N GLN E 40 -61.27 -2.40 3.97
CA GLN E 40 -61.67 -1.18 4.67
C GLN E 40 -63.18 -1.02 4.54
N ALA E 41 -63.90 -1.30 5.61
CA ALA E 41 -65.34 -1.08 5.63
C ALA E 41 -65.63 0.40 5.76
N PRO E 42 -66.88 0.82 5.46
CA PRO E 42 -67.23 2.22 5.71
C PRO E 42 -67.05 2.65 7.15
N GLY E 43 -67.27 1.74 8.12
CA GLY E 43 -66.82 1.99 9.47
C GLY E 43 -65.31 2.03 9.49
N GLN E 44 -64.72 3.16 9.86
CA GLN E 44 -63.34 3.47 9.54
C GLN E 44 -62.41 2.53 10.29
N SER E 45 -61.93 1.50 9.61
CA SER E 45 -60.99 0.53 10.17
C SER E 45 -60.37 -0.24 9.03
N LEU E 46 -59.16 -0.74 9.25
CA LEU E 46 -58.45 -1.54 8.26
C LEU E 46 -58.21 -2.93 8.82
N GLU E 47 -58.60 -3.95 8.07
CA GLU E 47 -58.46 -5.33 8.48
C GLU E 47 -57.61 -6.08 7.45
N TYR E 48 -56.63 -6.82 7.93
CA TYR E 48 -55.67 -7.51 7.07
C TYR E 48 -56.31 -8.78 6.53
N ILE E 49 -56.50 -8.84 5.21
CA ILE E 49 -57.17 -9.99 4.61
C ILE E 49 -56.21 -11.15 4.41
N GLY E 50 -55.10 -10.90 3.74
CA GLY E 50 -54.16 -11.98 3.51
C GLY E 50 -52.95 -11.53 2.73
N GLN E 51 -52.15 -12.51 2.29
CA GLN E 51 -50.98 -12.15 1.51
C GLN E 51 -50.56 -13.30 0.61
N ILE E 52 -49.77 -12.94 -0.40
CA ILE E 52 -48.94 -13.87 -1.14
C ILE E 52 -47.50 -13.38 -1.02
N TRP E 53 -46.63 -14.26 -0.53
CA TRP E 53 -45.27 -13.88 -0.18
C TRP E 53 -44.37 -15.09 -0.37
N ARG E 54 -43.34 -14.94 -1.20
CA ARG E 54 -42.43 -16.03 -1.52
C ARG E 54 -43.19 -17.24 -2.04
N TRP E 55 -44.22 -16.98 -2.84
CA TRP E 55 -45.05 -18.01 -3.45
C TRP E 55 -45.75 -18.86 -2.41
N LYS E 56 -46.04 -18.27 -1.25
CA LYS E 56 -46.88 -18.88 -0.24
C LYS E 56 -48.08 -17.97 -0.03
N SER E 57 -49.28 -18.56 -0.05
CA SER E 57 -50.52 -17.81 0.11
C SER E 57 -51.08 -18.09 1.49
N SER E 58 -51.43 -17.01 2.21
CA SER E 58 -51.98 -17.16 3.56
C SER E 58 -53.09 -16.15 3.78
N ALA E 59 -54.00 -16.49 4.70
CA ALA E 59 -55.11 -15.62 5.05
C ALA E 59 -55.30 -15.62 6.55
N SER E 60 -55.92 -14.55 7.05
CA SER E 60 -56.15 -14.40 8.49
C SER E 60 -57.18 -15.44 8.96
N HIS E 61 -57.40 -15.45 10.28
CA HIS E 61 -58.26 -16.47 10.86
C HIS E 61 -59.71 -16.28 10.44
N HIS E 62 -60.17 -15.03 10.36
CA HIS E 62 -61.55 -14.78 9.98
C HIS E 62 -61.86 -15.19 8.55
N PHE E 63 -60.84 -15.44 7.73
CA PHE E 63 -61.04 -15.73 6.32
C PHE E 63 -60.42 -17.06 5.90
N ARG E 64 -60.07 -17.92 6.85
CA ARG E 64 -59.45 -19.19 6.50
C ARG E 64 -60.45 -20.07 5.75
N GLY E 65 -60.01 -20.62 4.62
CA GLY E 65 -60.89 -21.42 3.80
C GLY E 65 -62.00 -20.66 3.14
N ARG E 66 -61.88 -19.34 3.07
CA ARG E 66 -62.94 -18.50 2.53
C ARG E 66 -62.49 -17.57 1.41
N VAL E 67 -61.24 -17.12 1.43
CA VAL E 67 -60.72 -16.19 0.43
C VAL E 67 -59.45 -16.79 -0.16
N LEU E 68 -59.37 -16.82 -1.48
CA LEU E 68 -58.22 -17.36 -2.19
C LEU E 68 -57.48 -16.22 -2.89
N ILE E 69 -56.15 -16.21 -2.76
CA ILE E 69 -55.31 -15.21 -3.39
C ILE E 69 -54.39 -15.94 -4.37
N SER E 70 -54.39 -15.50 -5.62
CA SER E 70 -53.56 -16.10 -6.65
C SER E 70 -52.73 -15.04 -7.33
N ALA E 71 -51.57 -15.42 -7.84
CA ALA E 71 -50.67 -14.46 -8.46
C ALA E 71 -49.76 -15.15 -9.48
N VAL E 72 -49.47 -14.46 -10.58
CA VAL E 72 -48.51 -14.90 -11.57
C VAL E 72 -47.63 -13.72 -11.96
N ASP E 73 -46.43 -14.04 -12.43
CA ASP E 73 -45.43 -13.01 -12.73
C ASP E 73 -45.67 -12.40 -14.11
N LEU E 74 -44.69 -11.62 -14.56
CA LEU E 74 -44.80 -10.88 -15.81
C LEU E 74 -44.35 -11.74 -16.98
N THR E 75 -45.20 -11.86 -17.99
CA THR E 75 -44.89 -12.66 -19.17
C THR E 75 -44.82 -11.82 -20.44
N GLY E 76 -45.90 -11.17 -20.83
CA GLY E 76 -45.90 -10.30 -21.99
C GLY E 76 -46.72 -9.07 -21.71
N SER E 77 -47.37 -9.09 -20.54
CA SER E 77 -48.10 -7.95 -20.00
C SER E 77 -47.66 -7.73 -18.55
N SER E 78 -48.22 -6.72 -17.90
CA SER E 78 -47.81 -6.43 -16.53
C SER E 78 -48.19 -7.60 -15.63
N PRO E 79 -47.40 -7.89 -14.61
CA PRO E 79 -47.67 -9.04 -13.75
C PRO E 79 -48.89 -8.80 -12.88
N PRO E 80 -50.01 -9.44 -13.18
CA PRO E 80 -51.24 -9.18 -12.41
C PRO E 80 -50.99 -9.53 -10.96
N ILE E 81 -51.01 -8.52 -10.10
CA ILE E 81 -50.51 -8.68 -8.74
C ILE E 81 -51.22 -9.83 -8.06
N SER E 82 -52.55 -9.88 -8.17
CA SER E 82 -53.26 -10.97 -7.54
C SER E 82 -54.71 -10.93 -7.95
N SER E 83 -55.30 -12.11 -7.95
CA SER E 83 -56.75 -12.27 -7.93
C SER E 83 -57.15 -12.61 -6.51
N LEU E 84 -58.00 -11.78 -5.91
CA LEU E 84 -58.64 -12.05 -4.64
C LEU E 84 -60.05 -12.56 -4.92
N GLU E 85 -60.32 -13.80 -4.52
CA GLU E 85 -61.61 -14.43 -4.75
C GLU E 85 -62.26 -14.72 -3.40
N ILE E 86 -63.47 -14.21 -3.23
CA ILE E 86 -64.30 -14.51 -2.07
C ILE E 86 -65.38 -15.48 -2.53
N LYS E 87 -65.45 -16.64 -1.88
CA LYS E 87 -66.31 -17.72 -2.35
C LYS E 87 -67.79 -17.44 -2.06
N ASP E 88 -68.09 -16.69 -1.01
CA ASP E 88 -69.49 -16.44 -0.64
C ASP E 88 -69.57 -15.09 0.04
N LEU E 89 -70.03 -14.08 -0.69
CA LEU E 89 -70.22 -12.76 -0.12
C LEU E 89 -71.45 -12.75 0.79
N THR E 90 -71.41 -11.88 1.79
CA THR E 90 -72.52 -11.69 2.71
C THR E 90 -72.84 -10.20 2.79
N SER E 91 -73.78 -9.86 3.68
CA SER E 91 -74.15 -8.46 3.85
C SER E 91 -72.99 -7.64 4.42
N ASP E 92 -72.21 -8.21 5.32
CA ASP E 92 -71.17 -7.50 6.03
C ASP E 92 -69.86 -7.41 5.26
N ASP E 93 -69.78 -7.99 4.07
CA ASP E 93 -68.56 -7.94 3.29
C ASP E 93 -68.44 -6.67 2.46
N THR E 94 -69.44 -5.78 2.50
CA THR E 94 -69.40 -4.56 1.72
C THR E 94 -68.27 -3.66 2.22
N ALA E 95 -67.35 -3.32 1.31
CA ALA E 95 -66.15 -2.57 1.70
C ALA E 95 -65.34 -2.16 0.49
N VAL E 96 -64.27 -1.40 0.72
CA VAL E 96 -63.30 -1.07 -0.31
C VAL E 96 -62.05 -1.89 -0.03
N TYR E 97 -61.59 -2.62 -1.03
CA TYR E 97 -60.45 -3.50 -0.88
C TYR E 97 -59.23 -2.86 -1.52
N PHE E 98 -58.08 -3.03 -0.87
CA PHE E 98 -56.82 -2.45 -1.32
C PHE E 98 -55.78 -3.55 -1.48
N CYS E 99 -55.08 -3.53 -2.60
CA CYS E 99 -53.89 -4.35 -2.80
C CYS E 99 -52.65 -3.51 -2.55
N THR E 100 -51.68 -4.09 -1.84
CA THR E 100 -50.45 -3.39 -1.49
C THR E 100 -49.25 -4.25 -1.82
N THR E 101 -48.14 -3.60 -2.17
CA THR E 101 -46.90 -4.28 -2.48
C THR E 101 -45.80 -3.73 -1.58
N THR E 102 -44.95 -4.63 -1.09
CA THR E 102 -43.86 -4.26 -0.20
C THR E 102 -42.57 -4.91 -0.68
N SER E 103 -41.51 -4.12 -0.74
CA SER E 103 -40.22 -4.63 -1.19
C SER E 103 -39.58 -5.49 -0.11
N THR E 104 -39.10 -6.67 -0.50
CA THR E 104 -38.51 -7.60 0.45
C THR E 104 -37.12 -8.07 0.05
N TYR E 105 -36.41 -7.31 -0.79
CA TYR E 105 -35.07 -7.73 -1.19
C TYR E 105 -34.10 -7.68 -0.01
N ASP E 106 -34.08 -6.56 0.70
CA ASP E 106 -33.17 -6.38 1.83
C ASP E 106 -33.89 -6.81 3.09
N LYS E 107 -33.41 -7.89 3.71
CA LYS E 107 -34.03 -8.35 4.94
C LYS E 107 -33.64 -7.51 6.14
N TRP E 108 -32.67 -6.62 5.99
CA TRP E 108 -32.31 -5.65 7.01
C TRP E 108 -32.98 -4.30 6.80
N SER E 109 -33.91 -4.21 5.84
CA SER E 109 -34.53 -2.93 5.51
C SER E 109 -35.30 -2.37 6.69
N GLY E 110 -35.78 -3.23 7.58
CA GLY E 110 -36.54 -2.78 8.72
C GLY E 110 -37.97 -2.43 8.43
N LEU E 111 -38.41 -2.57 7.18
CA LEU E 111 -39.79 -2.28 6.82
C LEU E 111 -40.64 -3.54 6.76
N HIS E 112 -40.04 -4.70 7.01
CA HIS E 112 -40.78 -5.96 7.02
C HIS E 112 -40.21 -6.90 8.06
N HIS E 113 -41.09 -7.62 8.74
CA HIS E 113 -40.71 -8.66 9.69
C HIS E 113 -40.66 -9.99 8.94
N ASP E 114 -40.71 -11.12 9.66
CA ASP E 114 -40.58 -12.43 9.05
C ASP E 114 -41.89 -12.97 8.49
N GLY E 115 -42.79 -12.09 8.06
CA GLY E 115 -44.08 -12.52 7.54
C GLY E 115 -45.18 -11.52 7.80
N VAL E 116 -44.86 -10.51 8.60
CA VAL E 116 -45.73 -9.35 8.80
C VAL E 116 -44.95 -8.13 8.35
N MET E 117 -45.58 -7.28 7.55
CA MET E 117 -44.80 -6.22 6.91
C MET E 117 -45.67 -4.98 6.71
N ALA E 118 -44.98 -3.87 6.50
CA ALA E 118 -45.62 -2.61 6.18
C ALA E 118 -46.14 -2.64 4.73
N PHE E 119 -46.85 -1.58 4.37
CA PHE E 119 -47.40 -1.42 3.03
C PHE E 119 -46.87 -0.12 2.45
N SER E 120 -46.04 -0.22 1.42
CA SER E 120 -45.38 0.96 0.85
C SER E 120 -46.03 1.47 -0.41
N SER E 121 -46.84 0.67 -1.09
CA SER E 121 -47.53 1.09 -2.29
C SER E 121 -48.99 0.67 -2.20
N TRP E 122 -49.89 1.56 -2.59
CA TRP E 122 -51.32 1.34 -2.46
C TRP E 122 -52.03 1.63 -3.77
N GLY E 123 -52.90 0.73 -4.19
CA GLY E 123 -53.72 0.96 -5.36
C GLY E 123 -54.92 1.82 -5.04
N GLN E 124 -55.69 2.14 -6.09
CA GLN E 124 -56.85 2.99 -5.94
C GLN E 124 -58.00 2.27 -5.22
N GLY E 125 -57.96 0.95 -5.14
CA GLY E 125 -58.95 0.23 -4.36
C GLY E 125 -60.26 0.02 -5.08
N THR E 126 -60.92 -1.10 -4.81
CA THR E 126 -62.17 -1.46 -5.47
C THR E 126 -63.29 -1.47 -4.45
N LEU E 127 -64.40 -0.80 -4.78
CA LEU E 127 -65.56 -0.75 -3.90
C LEU E 127 -66.52 -1.87 -4.25
N ILE E 128 -66.93 -2.64 -3.25
CA ILE E 128 -67.87 -3.74 -3.43
C ILE E 128 -69.02 -3.55 -2.46
N SER E 129 -70.24 -3.59 -2.99
CA SER E 129 -71.45 -3.52 -2.21
C SER E 129 -72.25 -4.80 -2.42
N VAL E 130 -73.13 -5.09 -1.48
CA VAL E 130 -73.90 -6.32 -1.52
C VAL E 130 -75.38 -6.04 -1.31
N ASP F 1 -53.19 -12.20 19.76
CA ASP F 1 -53.48 -11.01 18.96
C ASP F 1 -53.07 -9.75 19.70
N ILE F 2 -52.65 -8.74 18.96
CA ILE F 2 -52.16 -7.48 19.52
C ILE F 2 -53.05 -6.37 19.01
N GLN F 3 -53.57 -5.56 19.93
CA GLN F 3 -54.41 -4.42 19.59
C GLN F 3 -53.70 -3.12 19.94
N MET F 4 -54.07 -2.05 19.23
CA MET F 4 -53.64 -0.71 19.58
C MET F 4 -54.83 0.22 19.65
N THR F 5 -54.71 1.20 20.54
CA THR F 5 -55.74 2.23 20.73
C THR F 5 -55.09 3.59 20.58
N GLN F 6 -55.69 4.45 19.77
CA GLN F 6 -55.12 5.75 19.45
C GLN F 6 -55.78 6.85 20.30
N SER F 7 -55.19 8.04 20.24
CA SER F 7 -55.68 9.17 21.00
C SER F 7 -55.11 10.45 20.44
N PRO F 8 -55.89 11.53 20.36
CA PRO F 8 -57.33 11.53 20.67
C PRO F 8 -58.18 11.23 19.43
N SER F 9 -59.49 11.00 19.63
CA SER F 9 -60.34 10.60 18.52
C SER F 9 -60.42 11.67 17.44
N THR F 10 -60.56 12.93 17.84
CA THR F 10 -60.61 14.03 16.89
C THR F 10 -59.78 15.18 17.42
N LEU F 11 -59.08 15.86 16.51
CA LEU F 11 -58.23 16.99 16.87
C LEU F 11 -58.59 18.19 16.02
N SER F 12 -58.30 19.37 16.54
CA SER F 12 -58.48 20.63 15.83
C SER F 12 -57.16 21.36 15.78
N ALA F 13 -56.82 21.89 14.60
CA ALA F 13 -55.54 22.54 14.42
C ALA F 13 -55.70 23.68 13.41
N SER F 14 -54.59 24.30 13.07
CA SER F 14 -54.58 25.40 12.12
C SER F 14 -53.20 25.50 11.50
N ILE F 15 -53.12 26.20 10.38
CA ILE F 15 -51.85 26.34 9.67
C ILE F 15 -50.85 27.05 10.57
N GLY F 16 -49.65 26.49 10.67
CA GLY F 16 -48.64 27.01 11.56
C GLY F 16 -48.61 26.39 12.95
N ASP F 17 -49.25 25.25 13.13
CA ASP F 17 -49.35 24.60 14.44
C ASP F 17 -48.74 23.21 14.40
N THR F 18 -48.10 22.82 15.50
CA THR F 18 -47.51 21.50 15.67
C THR F 18 -48.44 20.64 16.51
N VAL F 19 -48.81 19.48 16.00
CA VAL F 19 -49.79 18.61 16.64
C VAL F 19 -49.18 17.22 16.79
N ARG F 20 -49.47 16.58 17.92
CA ARG F 20 -48.97 15.26 18.25
C ARG F 20 -50.13 14.32 18.49
N ILE F 21 -50.03 13.10 17.96
CA ILE F 21 -51.06 12.08 18.11
C ILE F 21 -50.43 10.84 18.71
N SER F 22 -51.01 10.34 19.79
CA SER F 22 -50.41 9.26 20.55
C SER F 22 -51.20 7.97 20.35
N CYS F 23 -50.56 6.85 20.71
CA CYS F 23 -51.21 5.55 20.62
C CYS F 23 -50.52 4.59 21.58
N ARG F 24 -51.29 3.62 22.06
CA ARG F 24 -50.82 2.64 23.01
C ARG F 24 -51.10 1.24 22.48
N ALA F 25 -50.32 0.28 22.95
CA ALA F 25 -50.44 -1.11 22.55
C ALA F 25 -50.82 -1.97 23.74
N SER F 26 -51.44 -3.11 23.46
CA SER F 26 -51.86 -4.04 24.49
C SER F 26 -50.74 -4.99 24.92
N GLN F 27 -49.57 -4.88 24.31
CA GLN F 27 -48.43 -5.70 24.68
C GLN F 27 -47.17 -4.91 24.39
N SER F 28 -46.15 -5.10 25.23
CA SER F 28 -44.90 -4.39 25.05
C SER F 28 -44.27 -4.78 23.73
N ILE F 29 -44.14 -3.81 22.82
CA ILE F 29 -43.59 -4.05 21.49
C ILE F 29 -42.12 -3.68 21.57
N THR F 30 -41.28 -4.68 21.86
CA THR F 30 -39.87 -4.43 22.11
C THR F 30 -39.19 -3.80 20.91
N GLY F 31 -39.14 -4.52 19.79
CA GLY F 31 -38.67 -3.91 18.57
C GLY F 31 -39.71 -2.97 18.01
N ASN F 32 -39.27 -1.81 17.56
CA ASN F 32 -40.20 -0.76 17.18
C ASN F 32 -40.90 -1.12 15.87
N TRP F 33 -41.75 -2.13 15.90
CA TRP F 33 -42.48 -2.58 14.72
C TRP F 33 -43.86 -1.93 14.65
N VAL F 34 -43.87 -0.60 14.60
CA VAL F 34 -45.09 0.18 14.49
C VAL F 34 -44.91 1.16 13.33
N ALA F 35 -45.98 1.42 12.59
CA ALA F 35 -45.93 2.33 11.46
C ALA F 35 -47.11 3.27 11.47
N TRP F 36 -46.86 4.48 11.00
CA TRP F 36 -47.85 5.56 10.91
C TRP F 36 -48.17 5.83 9.45
N TYR F 37 -49.46 5.82 9.12
CA TYR F 37 -49.97 6.06 7.78
C TYR F 37 -50.82 7.31 7.72
N GLN F 38 -50.93 7.85 6.50
CA GLN F 38 -51.66 9.07 6.17
C GLN F 38 -52.76 8.73 5.16
N GLN F 39 -53.97 9.26 5.37
CA GLN F 39 -55.04 9.00 4.40
C GLN F 39 -55.95 10.21 4.29
N ARG F 40 -56.25 10.59 3.06
CA ARG F 40 -57.20 11.63 2.73
C ARG F 40 -58.47 11.02 2.14
N PRO F 41 -59.62 11.69 2.26
CA PRO F 41 -60.87 11.07 1.82
C PRO F 41 -60.85 10.75 0.33
N GLY F 42 -61.28 9.55 -0.01
CA GLY F 42 -61.32 9.12 -1.40
C GLY F 42 -59.99 8.78 -2.02
N LYS F 43 -58.93 8.72 -1.22
CA LYS F 43 -57.59 8.45 -1.73
C LYS F 43 -56.97 7.29 -0.95
N ALA F 44 -56.00 6.65 -1.58
CA ALA F 44 -55.32 5.54 -0.94
C ALA F 44 -54.36 6.05 0.12
N PRO F 45 -54.22 5.34 1.23
CA PRO F 45 -53.27 5.76 2.27
C PRO F 45 -51.83 5.58 1.81
N ARG F 46 -50.95 6.38 2.39
CA ARG F 46 -49.53 6.32 2.08
C ARG F 46 -48.73 6.15 3.37
N LEU F 47 -47.79 5.21 3.34
CA LEU F 47 -46.94 4.97 4.49
C LEU F 47 -46.09 6.21 4.77
N LEU F 48 -46.22 6.75 5.98
CA LEU F 48 -45.41 7.88 6.41
C LEU F 48 -44.16 7.44 7.16
N ILE F 49 -44.34 6.75 8.28
CA ILE F 49 -43.21 6.37 9.13
C ILE F 49 -43.28 4.87 9.38
N TYR F 50 -42.14 4.21 9.27
CA TYR F 50 -42.02 2.80 9.61
C TYR F 50 -40.89 2.63 10.59
N ARG F 51 -40.79 1.44 11.18
CA ARG F 51 -39.76 1.13 12.16
C ARG F 51 -39.79 2.14 13.30
N GLY F 52 -40.99 2.55 13.68
CA GLY F 52 -41.16 3.51 14.74
C GLY F 52 -40.86 4.94 14.34
N ALA F 53 -39.63 5.20 13.87
CA ALA F 53 -39.22 6.57 13.60
C ALA F 53 -38.36 6.68 12.35
N ALA F 54 -38.61 5.87 11.34
CA ALA F 54 -37.87 5.96 10.08
C ALA F 54 -38.69 6.77 9.08
N LEU F 55 -38.03 7.74 8.46
CA LEU F 55 -38.69 8.74 7.62
C LEU F 55 -38.50 8.36 6.15
N LEU F 56 -39.61 8.17 5.44
CA LEU F 56 -39.53 7.76 4.05
C LEU F 56 -39.05 8.91 3.17
N GLY F 57 -38.62 8.55 1.96
CA GLY F 57 -38.13 9.56 1.03
C GLY F 57 -39.21 10.51 0.56
N GLY F 58 -40.38 9.97 0.19
CA GLY F 58 -41.44 10.77 -0.39
C GLY F 58 -42.26 11.58 0.58
N VAL F 59 -41.98 11.48 1.88
CA VAL F 59 -42.71 12.23 2.89
C VAL F 59 -41.86 13.42 3.31
N PRO F 60 -42.47 14.59 3.52
CA PRO F 60 -41.68 15.77 3.90
C PRO F 60 -40.99 15.59 5.23
N SER F 61 -39.92 16.37 5.42
CA SER F 61 -39.11 16.31 6.63
C SER F 61 -39.82 16.88 7.86
N ARG F 62 -41.06 17.33 7.72
CA ARG F 62 -41.75 17.90 8.87
C ARG F 62 -42.17 16.84 9.88
N PHE F 63 -42.47 15.63 9.42
CA PHE F 63 -42.93 14.57 10.30
C PHE F 63 -41.78 14.02 11.13
N SER F 64 -42.12 13.49 12.30
CA SER F 64 -41.16 12.82 13.16
C SER F 64 -41.91 11.87 14.08
N GLY F 65 -41.26 10.76 14.44
CA GLY F 65 -41.86 9.74 15.25
C GLY F 65 -41.13 9.56 16.57
N SER F 66 -41.71 8.72 17.42
CA SER F 66 -41.17 8.45 18.74
C SER F 66 -41.49 7.02 19.12
N ALA F 67 -40.69 6.48 20.03
CA ALA F 67 -40.85 5.09 20.45
C ALA F 67 -40.65 4.99 21.95
N ALA F 68 -41.33 4.00 22.53
CA ALA F 68 -41.22 3.70 23.95
C ALA F 68 -41.65 2.25 24.14
N GLY F 69 -41.92 1.86 25.38
CA GLY F 69 -42.40 0.52 25.64
C GLY F 69 -43.74 0.27 25.00
N THR F 70 -44.76 1.01 25.42
CA THR F 70 -46.12 0.87 24.91
C THR F 70 -46.73 2.23 24.64
N ASP F 71 -45.97 3.13 24.04
CA ASP F 71 -46.46 4.48 23.76
C ASP F 71 -45.72 5.01 22.53
N PHE F 72 -46.46 5.22 21.44
CA PHE F 72 -45.89 5.73 20.21
C PHE F 72 -46.64 6.98 19.78
N THR F 73 -45.90 8.04 19.48
CA THR F 73 -46.50 9.34 19.19
C THR F 73 -45.91 9.91 17.91
N LEU F 74 -46.79 10.36 17.02
CA LEU F 74 -46.39 11.03 15.79
C LEU F 74 -46.47 12.53 16.01
N THR F 75 -45.41 13.22 15.61
CA THR F 75 -45.29 14.66 15.77
C THR F 75 -44.94 15.30 14.43
N ILE F 76 -45.58 16.42 14.13
CA ILE F 76 -45.26 17.19 12.94
C ILE F 76 -44.56 18.47 13.38
N GLY F 77 -43.22 18.43 13.40
CA GLY F 77 -42.46 19.51 14.01
C GLY F 77 -42.56 20.83 13.28
N ASN F 78 -42.48 20.80 11.95
CA ASN F 78 -42.42 22.04 11.18
C ASN F 78 -43.80 22.63 10.97
N LEU F 79 -44.55 22.82 12.06
CA LEU F 79 -45.88 23.42 12.05
C LEU F 79 -46.76 22.57 11.12
N GLN F 80 -47.43 23.14 10.14
CA GLN F 80 -48.26 22.38 9.22
C GLN F 80 -48.33 23.13 7.89
N ALA F 81 -48.37 22.37 6.80
CA ALA F 81 -48.40 22.96 5.47
C ALA F 81 -49.79 23.04 4.86
N GLU F 82 -50.70 22.15 5.26
CA GLU F 82 -52.06 22.14 4.72
C GLU F 82 -52.93 21.39 5.72
N ASP F 83 -54.16 21.09 5.29
CA ASP F 83 -55.09 20.33 6.13
C ASP F 83 -54.75 18.84 6.01
N PHE F 84 -55.64 18.00 6.54
CA PHE F 84 -55.50 16.56 6.42
C PHE F 84 -56.77 15.89 6.93
N GLY F 85 -56.89 14.59 6.62
CA GLY F 85 -57.98 13.75 7.07
C GLY F 85 -57.65 12.80 8.21
N THR F 86 -57.41 11.53 7.89
CA THR F 86 -57.33 10.47 8.90
C THR F 86 -55.95 9.84 8.95
N PHE F 87 -55.35 9.84 10.14
CA PHE F 87 -54.09 9.16 10.38
C PHE F 87 -54.33 7.75 10.92
N TYR F 88 -53.31 6.92 10.86
CA TYR F 88 -53.47 5.53 11.27
C TYR F 88 -52.16 4.99 11.82
N CYS F 89 -52.27 3.94 12.64
CA CYS F 89 -51.13 3.22 13.19
C CYS F 89 -51.32 1.73 13.02
N GLN F 90 -50.24 1.00 12.78
CA GLN F 90 -50.31 -0.44 12.59
C GLN F 90 -49.11 -1.11 13.26
N GLN F 91 -49.34 -2.32 13.78
CA GLN F 91 -48.30 -3.12 14.41
C GLN F 91 -47.69 -4.11 13.43
N TYR F 92 -46.51 -4.63 13.80
CA TYR F 92 -45.87 -5.68 13.02
C TYR F 92 -45.25 -6.79 13.87
N ASP F 93 -45.49 -6.81 15.18
CA ASP F 93 -44.76 -7.74 16.03
C ASP F 93 -45.17 -9.18 15.78
N THR F 94 -46.48 -9.44 15.75
CA THR F 94 -46.97 -10.80 15.63
C THR F 94 -48.03 -10.88 14.54
N TYR F 95 -48.17 -12.07 13.99
CA TYR F 95 -49.14 -12.37 12.95
C TYR F 95 -50.45 -12.80 13.57
N PRO F 96 -51.60 -12.30 13.09
CA PRO F 96 -51.70 -11.30 12.03
C PRO F 96 -51.57 -9.88 12.54
N GLY F 97 -51.21 -8.95 11.65
CA GLY F 97 -51.12 -7.56 12.02
C GLY F 97 -52.48 -6.96 12.32
N THR F 98 -52.46 -5.74 12.84
CA THR F 98 -53.70 -5.05 13.15
C THR F 98 -53.46 -3.54 13.08
N PHE F 99 -54.42 -2.83 12.50
CA PHE F 99 -54.37 -1.39 12.44
C PHE F 99 -55.03 -0.78 13.68
N GLY F 100 -54.91 0.53 13.81
CA GLY F 100 -55.57 1.23 14.89
C GLY F 100 -56.95 1.71 14.50
N GLN F 101 -57.65 2.29 15.48
CA GLN F 101 -58.97 2.83 15.22
C GLN F 101 -58.90 4.13 14.43
N GLY F 102 -57.81 4.89 14.59
CA GLY F 102 -57.56 6.02 13.73
C GLY F 102 -57.96 7.34 14.36
N THR F 103 -57.21 8.39 14.03
CA THR F 103 -57.47 9.74 14.51
C THR F 103 -57.61 10.67 13.33
N LYS F 104 -58.43 11.71 13.51
CA LYS F 104 -58.75 12.66 12.46
C LYS F 104 -58.38 14.07 12.89
N VAL F 105 -57.83 14.85 11.97
CA VAL F 105 -57.45 16.24 12.24
C VAL F 105 -58.22 17.15 11.29
N GLU F 106 -58.70 18.27 11.83
CA GLU F 106 -59.48 19.25 11.07
C GLU F 106 -58.94 20.64 11.34
N VAL F 107 -59.09 21.53 10.35
CA VAL F 107 -58.65 22.91 10.52
C VAL F 107 -59.84 23.79 10.86
N LEU G 493 -18.32 -28.97 11.11
CA LEU G 493 -18.97 -27.95 10.28
C LEU G 493 -17.97 -26.86 9.94
N GLY G 494 -18.18 -26.17 8.81
CA GLY G 494 -17.28 -25.17 8.32
C GLY G 494 -17.81 -23.76 8.50
N PHE G 495 -17.31 -22.86 7.65
CA PHE G 495 -17.58 -21.45 7.83
C PHE G 495 -19.02 -21.13 7.45
N LEU G 496 -19.70 -20.38 8.32
CA LEU G 496 -21.08 -19.98 8.15
C LEU G 496 -22.02 -21.17 8.03
N GLY G 497 -21.62 -22.33 8.53
CA GLY G 497 -22.47 -23.50 8.42
C GLY G 497 -23.63 -23.52 9.39
N VAL G 498 -23.60 -22.69 10.40
CA VAL G 498 -24.61 -22.70 11.45
C VAL G 498 -25.59 -21.54 11.32
N ALA G 499 -25.73 -20.98 10.11
CA ALA G 499 -26.66 -19.87 9.92
C ALA G 499 -28.09 -20.30 10.21
N GLY G 500 -28.47 -21.49 9.74
CA GLY G 500 -29.82 -21.97 9.98
C GLY G 500 -30.05 -22.51 11.37
N SER G 501 -28.98 -22.83 12.08
CA SER G 501 -29.11 -23.34 13.43
C SER G 501 -29.57 -22.23 14.37
N THR G 502 -30.26 -22.63 15.44
CA THR G 502 -30.70 -21.67 16.44
C THR G 502 -29.50 -21.15 17.22
N MET G 503 -29.76 -20.13 18.04
CA MET G 503 -28.68 -19.45 18.75
C MET G 503 -27.98 -20.39 19.72
N GLY G 504 -28.71 -21.31 20.34
CA GLY G 504 -28.10 -22.22 21.29
C GLY G 504 -27.08 -23.14 20.64
N ALA G 505 -27.43 -23.70 19.48
CA ALA G 505 -26.52 -24.64 18.83
C ALA G 505 -25.35 -23.93 18.17
N ALA G 506 -25.52 -22.66 17.79
CA ALA G 506 -24.48 -21.96 17.05
C ALA G 506 -23.29 -21.59 17.92
N SER G 507 -23.47 -21.50 19.24
CA SER G 507 -22.39 -21.06 20.11
C SER G 507 -21.29 -22.10 20.26
N VAL G 508 -21.50 -23.32 19.75
CA VAL G 508 -20.50 -24.36 19.94
C VAL G 508 -19.30 -24.21 19.01
N ALA G 509 -19.43 -23.49 17.90
CA ALA G 509 -18.40 -23.47 16.87
C ALA G 509 -18.13 -22.05 16.39
N LEU G 510 -17.95 -21.12 17.33
CA LEU G 510 -17.64 -19.76 16.95
C LEU G 510 -16.22 -19.61 16.43
N THR G 511 -15.34 -20.55 16.72
CA THR G 511 -13.95 -20.42 16.30
C THR G 511 -13.81 -20.49 14.79
N VAL G 512 -14.64 -21.29 14.13
CA VAL G 512 -14.57 -21.39 12.68
C VAL G 512 -14.89 -20.06 12.04
N GLN G 513 -15.93 -19.38 12.54
CA GLN G 513 -16.24 -18.05 12.04
C GLN G 513 -15.15 -17.05 12.37
N ALA G 514 -14.60 -17.14 13.58
CA ALA G 514 -13.60 -16.15 14.01
C ALA G 514 -12.33 -16.26 13.20
N ARG G 515 -11.90 -17.47 12.87
CA ARG G 515 -10.60 -17.66 12.25
C ARG G 515 -10.58 -17.16 10.80
N GLN G 516 -11.71 -17.23 10.10
CA GLN G 516 -11.74 -16.82 8.71
C GLN G 516 -11.65 -15.32 8.53
N LEU G 517 -11.73 -14.54 9.60
CA LEU G 517 -11.60 -13.10 9.47
C LEU G 517 -10.17 -12.65 9.16
N LEU G 518 -9.19 -13.55 9.26
CA LEU G 518 -7.81 -13.21 8.99
C LEU G 518 -7.18 -13.99 7.84
N SER G 519 -7.75 -15.12 7.46
CA SER G 519 -7.17 -15.92 6.38
C SER G 519 -7.19 -15.15 5.07
N GLY G 520 -6.12 -15.27 4.29
CA GLY G 520 -6.02 -14.52 3.06
C GLY G 520 -4.98 -15.11 2.14
N ASN G 521 -4.65 -14.34 1.10
CA ASN G 521 -3.73 -14.80 0.06
C ASN G 521 -2.41 -14.09 0.22
N PRO G 522 -1.30 -14.81 0.45
CA PRO G 522 -0.02 -14.14 0.71
C PRO G 522 0.71 -13.65 -0.53
N ASP G 523 0.25 -14.00 -1.73
CA ASP G 523 0.94 -13.59 -2.93
C ASP G 523 0.66 -12.13 -3.25
N TRP G 524 1.14 -11.68 -4.40
CA TRP G 524 1.03 -10.27 -4.77
C TRP G 524 1.12 -10.14 -6.29
N LEU G 525 0.63 -9.01 -6.79
CA LEU G 525 0.69 -8.66 -8.21
C LEU G 525 1.81 -7.66 -8.43
N PRO G 526 2.99 -8.08 -8.91
CA PRO G 526 4.16 -7.18 -9.03
C PRO G 526 4.25 -6.47 -10.38
N ASP G 527 3.32 -5.53 -10.63
CA ASP G 527 3.33 -4.87 -11.93
C ASP G 527 2.97 -3.39 -11.85
N MET G 528 3.09 -2.75 -10.68
CA MET G 528 2.76 -1.34 -10.50
C MET G 528 1.31 -1.03 -10.88
N THR G 529 0.45 -2.03 -10.91
CA THR G 529 -0.88 -1.84 -11.43
C THR G 529 -1.80 -1.22 -10.38
N VAL G 530 -2.92 -0.67 -10.85
CA VAL G 530 -3.97 -0.23 -9.94
C VAL G 530 -4.60 -1.40 -9.24
N TRP G 531 -4.51 -2.60 -9.83
CA TRP G 531 -4.99 -3.80 -9.16
C TRP G 531 -4.23 -4.03 -7.85
N GLY G 532 -2.91 -3.88 -7.89
CA GLY G 532 -2.13 -4.06 -6.68
C GLY G 532 -2.51 -3.07 -5.59
N ILE G 533 -2.74 -1.82 -5.98
CA ILE G 533 -3.13 -0.80 -5.01
C ILE G 533 -4.48 -1.15 -4.39
N LYS G 534 -5.43 -1.57 -5.22
CA LYS G 534 -6.75 -1.91 -4.69
C LYS G 534 -6.69 -3.12 -3.76
N GLN G 535 -5.89 -4.13 -4.12
CA GLN G 535 -5.73 -5.28 -3.26
C GLN G 535 -5.10 -4.88 -1.92
N LEU G 536 -4.07 -4.05 -1.97
CA LEU G 536 -3.42 -3.62 -0.73
C LEU G 536 -4.37 -2.81 0.12
N GLN G 537 -5.21 -1.99 -0.51
CA GLN G 537 -6.22 -1.23 0.22
C GLN G 537 -7.19 -2.16 0.93
N THR G 538 -7.73 -3.15 0.21
CA THR G 538 -8.71 -4.02 0.85
C THR G 538 -8.09 -4.80 2.00
N ARG G 539 -6.82 -5.17 1.89
CA ARG G 539 -6.19 -5.90 2.98
C ARG G 539 -5.97 -5.00 4.20
N VAL G 540 -5.53 -3.76 3.97
CA VAL G 540 -5.35 -2.84 5.09
C VAL G 540 -6.68 -2.57 5.77
N LEU G 541 -7.75 -2.43 4.98
CA LEU G 541 -9.06 -2.19 5.55
C LEU G 541 -9.52 -3.37 6.39
N ALA G 542 -9.27 -4.60 5.92
CA ALA G 542 -9.63 -5.77 6.71
C ALA G 542 -8.89 -5.79 8.04
N ILE G 543 -7.59 -5.48 8.00
CA ILE G 543 -6.82 -5.45 9.24
C ILE G 543 -7.38 -4.40 10.20
N GLU G 544 -7.71 -3.22 9.68
CA GLU G 544 -8.23 -2.16 10.54
C GLU G 544 -9.55 -2.57 11.18
N ARG G 545 -10.44 -3.19 10.41
CA ARG G 545 -11.72 -3.62 10.95
C ARG G 545 -11.52 -4.67 12.06
N TYR G 546 -10.65 -5.65 11.82
CA TYR G 546 -10.41 -6.65 12.85
C TYR G 546 -9.84 -6.04 14.11
N LEU G 547 -8.90 -5.11 13.96
CA LEU G 547 -8.30 -4.48 15.13
C LEU G 547 -9.34 -3.68 15.90
N LYS G 548 -10.23 -3.01 15.19
CA LYS G 548 -11.27 -2.23 15.88
C LYS G 548 -12.19 -3.15 16.66
N ASP G 549 -12.55 -4.30 16.09
CA ASP G 549 -13.39 -5.25 16.83
C ASP G 549 -12.69 -5.76 18.07
N GLN G 550 -11.40 -6.10 17.96
CA GLN G 550 -10.65 -6.58 19.12
C GLN G 550 -10.54 -5.52 20.20
N GLN G 551 -10.31 -4.27 19.81
CA GLN G 551 -10.28 -3.18 20.78
C GLN G 551 -11.61 -3.05 21.49
N LEU G 552 -12.70 -3.11 20.73
CA LEU G 552 -14.02 -2.97 21.33
C LEU G 552 -14.30 -4.10 22.32
N LEU G 553 -13.85 -5.31 22.00
CA LEU G 553 -13.97 -6.42 22.94
C LEU G 553 -13.14 -6.18 24.19
N GLY G 554 -11.89 -5.73 24.02
CA GLY G 554 -11.02 -5.53 25.16
C GLY G 554 -11.50 -4.44 26.11
N ILE G 555 -12.15 -3.41 25.58
CA ILE G 555 -12.71 -2.36 26.41
C ILE G 555 -13.77 -2.92 27.36
N TRP G 556 -14.33 -4.09 27.04
CA TRP G 556 -15.35 -4.73 27.86
C TRP G 556 -14.83 -5.87 28.71
N GLY G 557 -13.52 -6.05 28.80
CA GLY G 557 -12.95 -7.09 29.63
C GLY G 557 -13.00 -8.48 29.05
N CYS G 558 -13.27 -8.61 27.77
CA CYS G 558 -13.43 -9.90 27.10
C CYS G 558 -12.35 -10.12 26.05
N SER G 559 -11.11 -9.78 26.40
CA SER G 559 -10.04 -9.76 25.42
C SER G 559 -9.73 -11.16 24.90
N GLY G 560 -9.54 -12.12 25.80
CA GLY G 560 -9.12 -13.44 25.38
C GLY G 560 -10.24 -14.45 25.29
N LYS G 561 -11.48 -13.97 25.21
CA LYS G 561 -12.65 -14.84 25.28
C LYS G 561 -13.50 -14.67 24.04
N LEU G 562 -14.01 -15.79 23.53
CA LEU G 562 -15.05 -15.76 22.50
C LEU G 562 -16.44 -15.68 23.11
N ILE G 563 -16.63 -16.23 24.30
CA ILE G 563 -17.86 -16.08 25.06
C ILE G 563 -17.48 -15.44 26.39
N CYS G 564 -18.17 -14.36 26.76
CA CYS G 564 -17.76 -13.58 27.91
C CYS G 564 -18.98 -13.06 28.65
N CYS G 565 -18.91 -13.12 29.97
CA CYS G 565 -19.98 -12.65 30.85
C CYS G 565 -19.58 -11.28 31.36
N THR G 566 -20.45 -10.29 31.17
CA THR G 566 -20.06 -8.89 31.31
C THR G 566 -20.56 -8.25 32.60
N ALA G 567 -21.56 -8.82 33.26
CA ALA G 567 -22.09 -8.30 34.52
C ALA G 567 -22.61 -6.87 34.36
N VAL G 568 -23.54 -6.69 33.44
CA VAL G 568 -24.36 -5.48 33.36
C VAL G 568 -25.80 -5.94 33.24
N PRO G 569 -26.73 -5.39 34.03
CA PRO G 569 -28.10 -5.93 34.02
C PRO G 569 -28.78 -5.72 32.68
N TRP G 570 -29.65 -6.67 32.34
CA TRP G 570 -30.37 -6.65 31.08
C TRP G 570 -31.69 -5.90 31.26
N ASN G 571 -31.75 -4.69 30.71
CA ASN G 571 -32.98 -3.91 30.75
C ASN G 571 -34.05 -4.60 29.92
N SER G 572 -35.20 -4.89 30.53
CA SER G 572 -36.27 -5.60 29.84
C SER G 572 -36.86 -4.75 28.73
N SER G 573 -36.56 -3.45 28.75
CA SER G 573 -37.09 -2.55 27.73
C SER G 573 -36.59 -2.94 26.34
N TRP G 574 -35.29 -3.23 26.21
CA TRP G 574 -34.77 -3.48 24.87
C TRP G 574 -35.11 -4.86 24.32
N SER G 575 -35.38 -5.85 25.15
CA SER G 575 -35.86 -7.12 24.65
C SER G 575 -36.42 -7.97 25.78
N ASN G 576 -37.66 -8.42 25.65
CA ASN G 576 -38.33 -9.16 26.71
C ASN G 576 -38.90 -10.42 26.05
N LYS G 577 -38.08 -11.46 25.97
CA LYS G 577 -38.52 -12.76 25.48
C LYS G 577 -37.99 -13.84 26.40
N SER G 578 -38.72 -14.94 26.46
CA SER G 578 -38.33 -16.06 27.31
C SER G 578 -37.00 -16.63 26.83
N GLN G 579 -36.21 -17.11 27.79
CA GLN G 579 -34.89 -17.65 27.47
C GLN G 579 -35.00 -18.83 26.50
N THR G 580 -36.00 -19.68 26.70
CA THR G 580 -36.20 -20.81 25.80
C THR G 580 -36.46 -20.35 24.38
N GLU G 581 -37.29 -19.33 24.21
CA GLU G 581 -37.60 -18.83 22.87
C GLU G 581 -36.37 -18.23 22.20
N ILE G 582 -35.56 -17.50 22.98
CA ILE G 582 -34.38 -16.85 22.39
C ILE G 582 -33.34 -17.89 22.01
N TRP G 583 -33.11 -18.89 22.85
CA TRP G 583 -32.01 -19.82 22.65
C TRP G 583 -32.43 -21.11 21.95
N ASN G 584 -33.69 -21.27 21.56
CA ASN G 584 -34.09 -22.49 20.88
C ASN G 584 -35.05 -22.25 19.72
N ASN G 585 -35.35 -21.00 19.37
CA ASN G 585 -36.31 -20.73 18.30
C ASN G 585 -35.89 -19.63 17.34
N MET G 586 -34.89 -18.82 17.64
CA MET G 586 -34.52 -17.69 16.79
C MET G 586 -33.09 -17.82 16.33
N THR G 587 -32.87 -17.61 15.04
CA THR G 587 -31.52 -17.54 14.50
C THR G 587 -30.86 -16.24 14.93
N TRP G 588 -29.53 -16.21 14.82
CA TRP G 588 -28.79 -15.03 15.26
C TRP G 588 -29.16 -13.80 14.44
N MET G 589 -29.49 -13.98 13.17
CA MET G 589 -29.84 -12.84 12.33
C MET G 589 -31.11 -12.16 12.77
N GLN G 590 -32.14 -12.94 13.09
CA GLN G 590 -33.38 -12.35 13.59
C GLN G 590 -33.12 -11.63 14.92
N TRP G 591 -32.26 -12.20 15.75
CA TRP G 591 -31.94 -11.56 17.02
C TRP G 591 -31.28 -10.21 16.79
N ASP G 592 -30.32 -10.14 15.87
CA ASP G 592 -29.69 -8.87 15.58
C ASP G 592 -30.67 -7.90 14.93
N GLU G 593 -31.68 -8.42 14.24
CA GLU G 593 -32.73 -7.58 13.70
C GLU G 593 -33.53 -6.91 14.81
N GLU G 594 -33.97 -7.69 15.79
CA GLU G 594 -34.95 -7.20 16.75
C GLU G 594 -34.35 -6.33 17.84
N ILE G 595 -33.03 -6.16 17.89
CA ILE G 595 -32.42 -5.29 18.89
C ILE G 595 -31.52 -4.28 18.21
N SER G 596 -31.86 -3.91 16.97
CA SER G 596 -30.98 -3.05 16.19
C SER G 596 -30.90 -1.65 16.77
N ASN G 597 -32.01 -1.11 17.26
CA ASN G 597 -32.04 0.26 17.74
C ASN G 597 -31.31 0.46 19.06
N TYR G 598 -30.87 -0.61 19.71
CA TYR G 598 -30.46 -0.56 21.10
C TYR G 598 -29.01 -1.01 21.31
N THR G 599 -28.31 -1.35 20.23
CA THR G 599 -26.95 -1.82 20.32
C THR G 599 -26.01 -0.73 20.85
N ALA G 600 -26.22 0.51 20.40
CA ALA G 600 -25.37 1.61 20.87
C ALA G 600 -25.48 1.80 22.38
N THR G 601 -26.72 1.77 22.90
CA THR G 601 -26.90 1.88 24.34
C THR G 601 -26.25 0.72 25.06
N ILE G 602 -26.39 -0.50 24.53
CA ILE G 602 -25.78 -1.65 25.19
C ILE G 602 -24.27 -1.49 25.25
N TYR G 603 -23.67 -1.03 24.14
CA TYR G 603 -22.22 -0.87 24.11
C TYR G 603 -21.75 0.19 25.10
N ARG G 604 -22.47 1.31 25.16
CA ARG G 604 -22.09 2.36 26.12
C ARG G 604 -22.19 1.85 27.55
N LEU G 605 -23.26 1.10 27.86
CA LEU G 605 -23.39 0.54 29.19
C LEU G 605 -22.24 -0.42 29.50
N LEU G 606 -21.83 -1.21 28.51
CA LEU G 606 -20.72 -2.14 28.72
C LEU G 606 -19.43 -1.39 29.08
N GLU G 607 -19.13 -0.34 28.32
CA GLU G 607 -17.87 0.37 28.57
C GLU G 607 -17.90 1.07 29.92
N VAL G 608 -19.05 1.66 30.29
CA VAL G 608 -19.15 2.32 31.59
C VAL G 608 -19.00 1.29 32.71
N SER G 609 -19.60 0.11 32.53
CA SER G 609 -19.48 -0.93 33.55
C SER G 609 -18.04 -1.34 33.77
N GLN G 610 -17.29 -1.57 32.69
CA GLN G 610 -15.90 -1.95 32.93
C GLN G 610 -15.09 -0.79 33.49
N ASN G 611 -15.39 0.46 33.11
CA ASN G 611 -14.67 1.58 33.70
C ASN G 611 -14.86 1.60 35.21
N GLN G 612 -16.11 1.41 35.65
CA GLN G 612 -16.38 1.37 37.09
C GLN G 612 -15.65 0.21 37.75
N GLN G 613 -15.66 -0.97 37.11
CA GLN G 613 -15.00 -2.12 37.69
C GLN G 613 -13.50 -1.90 37.82
N GLU G 614 -12.87 -1.34 36.78
CA GLU G 614 -11.43 -1.09 36.82
C GLU G 614 -11.08 -0.05 37.89
N ARG G 615 -11.89 1.00 38.03
CA ARG G 615 -11.63 1.97 39.08
C ARG G 615 -11.75 1.33 40.46
N ASN G 616 -12.77 0.49 40.66
CA ASN G 616 -12.91 -0.17 41.95
C ASN G 616 -11.78 -1.15 42.22
N GLU G 617 -11.20 -1.72 41.16
CA GLU G 617 -10.11 -2.68 41.35
C GLU G 617 -8.97 -2.06 42.14
N LYS G 618 -8.64 -0.80 41.89
CA LYS G 618 -7.63 -0.09 42.66
C LYS G 618 -8.20 0.65 43.85
N ASP G 619 -9.51 0.97 43.83
CA ASP G 619 -10.11 1.61 44.99
C ASP G 619 -10.10 0.69 46.20
N LEU G 620 -10.37 -0.59 45.99
CA LEU G 620 -10.38 -1.56 47.09
C LEU G 620 -9.29 -2.62 46.89
N LEU H 493 20.21 -11.43 27.12
CA LEU H 493 21.04 -11.52 25.92
C LEU H 493 20.41 -10.75 24.77
N GLY H 494 20.75 -11.15 23.55
CA GLY H 494 20.24 -10.53 22.36
C GLY H 494 19.25 -11.40 21.61
N PHE H 495 18.84 -10.89 20.44
CA PHE H 495 17.84 -11.56 19.63
C PHE H 495 18.39 -12.86 19.06
N LEU H 496 17.66 -13.95 19.27
CA LEU H 496 18.09 -15.31 18.88
C LEU H 496 19.40 -15.70 19.55
N GLY H 497 19.65 -15.17 20.76
CA GLY H 497 20.89 -15.50 21.45
C GLY H 497 20.92 -16.89 22.02
N VAL H 498 19.78 -17.56 22.13
CA VAL H 498 19.70 -18.81 22.85
C VAL H 498 19.35 -19.95 21.89
N ALA H 499 19.75 -19.81 20.63
CA ALA H 499 19.45 -20.86 19.65
C ALA H 499 20.12 -22.17 20.04
N GLY H 500 21.38 -22.11 20.47
CA GLY H 500 22.08 -23.31 20.88
C GLY H 500 21.76 -23.78 22.27
N SER H 501 21.24 -22.90 23.12
CA SER H 501 20.88 -23.27 24.47
C SER H 501 19.71 -24.24 24.44
N THR H 502 19.67 -25.13 25.44
CA THR H 502 18.58 -26.09 25.54
C THR H 502 17.28 -25.38 25.89
N MET H 503 16.18 -26.12 25.78
CA MET H 503 14.86 -25.52 25.92
C MET H 503 14.65 -24.93 27.32
N GLY H 504 15.24 -25.55 28.33
CA GLY H 504 15.10 -25.02 29.67
C GLY H 504 15.66 -23.62 29.80
N ALA H 505 16.85 -23.39 29.22
CA ALA H 505 17.41 -22.05 29.22
C ALA H 505 16.62 -21.11 28.32
N ALA H 506 16.15 -21.60 27.17
CA ALA H 506 15.43 -20.74 26.25
C ALA H 506 14.09 -20.30 26.80
N SER H 507 13.54 -21.02 27.79
CA SER H 507 12.30 -20.59 28.41
C SER H 507 12.43 -19.20 29.01
N VAL H 508 13.63 -18.81 29.40
CA VAL H 508 13.90 -17.46 29.85
C VAL H 508 14.16 -16.58 28.64
N ALA H 509 13.77 -15.30 28.74
CA ALA H 509 14.11 -14.30 27.74
C ALA H 509 13.47 -14.59 26.39
N LEU H 510 12.20 -14.98 26.40
CA LEU H 510 11.43 -15.07 25.17
C LEU H 510 10.98 -13.71 24.68
N THR H 511 11.08 -12.69 25.54
CA THR H 511 10.55 -11.37 25.19
C THR H 511 11.36 -10.71 24.08
N VAL H 512 12.67 -10.96 24.02
CA VAL H 512 13.47 -10.39 22.94
C VAL H 512 12.98 -10.91 21.59
N GLN H 513 12.81 -12.22 21.48
CA GLN H 513 12.31 -12.81 20.24
C GLN H 513 10.90 -12.32 19.94
N ALA H 514 10.06 -12.20 20.96
CA ALA H 514 8.69 -11.73 20.73
C ALA H 514 8.68 -10.29 20.25
N ARG H 515 9.53 -9.44 20.81
CA ARG H 515 9.50 -8.02 20.49
C ARG H 515 10.13 -7.74 19.13
N GLN H 516 11.08 -8.58 18.72
CA GLN H 516 11.68 -8.40 17.40
C GLN H 516 10.68 -8.57 16.26
N LEU H 517 9.53 -9.18 16.51
CA LEU H 517 8.58 -9.47 15.44
C LEU H 517 7.87 -8.23 14.93
N LEU H 518 7.81 -7.15 15.72
CA LEU H 518 7.09 -5.96 15.30
C LEU H 518 7.96 -4.75 15.06
N SER H 519 9.25 -4.81 15.40
CA SER H 519 10.15 -3.70 15.11
C SER H 519 10.25 -3.48 13.60
N GLY H 520 10.16 -2.21 13.19
CA GLY H 520 10.16 -1.90 11.77
C GLY H 520 10.99 -0.68 11.39
N ASN H 521 10.76 -0.17 10.18
CA ASN H 521 11.52 0.97 9.68
C ASN H 521 10.62 2.19 9.62
N PRO H 522 10.85 3.21 10.47
CA PRO H 522 9.97 4.38 10.44
C PRO H 522 9.97 5.14 9.13
N ASP H 523 11.09 5.16 8.39
CA ASP H 523 11.14 5.89 7.15
C ASP H 523 10.44 5.11 6.04
N TRP H 524 10.08 5.82 4.97
CA TRP H 524 9.41 5.23 3.83
C TRP H 524 10.08 5.76 2.57
N LEU H 525 9.43 5.57 1.43
CA LEU H 525 10.01 5.89 0.14
C LEU H 525 9.22 6.97 -0.59
N PRO H 526 9.84 7.69 -1.52
CA PRO H 526 9.10 8.64 -2.36
C PRO H 526 8.14 7.96 -3.31
N ASP H 527 7.47 8.76 -4.14
CA ASP H 527 6.36 8.31 -4.97
C ASP H 527 6.84 7.52 -6.19
N MET H 528 5.88 6.88 -6.84
CA MET H 528 6.05 6.31 -8.18
C MET H 528 7.19 5.30 -8.23
N THR H 529 7.24 4.42 -7.25
CA THR H 529 8.27 3.40 -7.18
C THR H 529 7.63 2.04 -6.97
N VAL H 530 8.13 1.03 -7.69
CA VAL H 530 7.76 -0.34 -7.38
C VAL H 530 8.42 -0.78 -6.08
N TRP H 531 9.56 -0.17 -5.72
CA TRP H 531 10.17 -0.46 -4.43
C TRP H 531 9.22 -0.14 -3.28
N GLY H 532 8.55 1.00 -3.36
CA GLY H 532 7.64 1.38 -2.29
C GLY H 532 6.49 0.40 -2.15
N ILE H 533 5.96 -0.08 -3.28
CA ILE H 533 4.84 -1.01 -3.22
C ILE H 533 5.30 -2.36 -2.69
N LYS H 534 6.51 -2.78 -3.07
CA LYS H 534 7.06 -4.01 -2.51
C LYS H 534 7.23 -3.90 -1.00
N GLN H 535 7.72 -2.76 -0.53
CA GLN H 535 7.87 -2.55 0.91
C GLN H 535 6.53 -2.59 1.61
N LEU H 536 5.52 -1.94 1.03
CA LEU H 536 4.18 -1.95 1.63
C LEU H 536 3.64 -3.37 1.70
N GLN H 537 3.80 -4.13 0.61
CA GLN H 537 3.38 -5.53 0.60
C GLN H 537 4.05 -6.30 1.73
N THR H 538 5.36 -6.16 1.85
CA THR H 538 6.10 -6.92 2.85
C THR H 538 5.61 -6.61 4.26
N ARG H 539 5.42 -5.33 4.55
CA ARG H 539 5.07 -5.00 5.92
C ARG H 539 3.60 -5.26 6.24
N VAL H 540 2.71 -5.17 5.26
CA VAL H 540 1.33 -5.60 5.50
C VAL H 540 1.28 -7.11 5.74
N LEU H 541 2.09 -7.87 4.99
CA LEU H 541 2.15 -9.31 5.23
C LEU H 541 2.69 -9.62 6.62
N ALA H 542 3.69 -8.86 7.06
CA ALA H 542 4.22 -9.07 8.41
C ALA H 542 3.16 -8.81 9.46
N ILE H 543 2.39 -7.73 9.32
CA ILE H 543 1.32 -7.44 10.27
C ILE H 543 0.29 -8.56 10.27
N GLU H 544 -0.07 -9.05 9.09
CA GLU H 544 -1.06 -10.12 9.01
C GLU H 544 -0.58 -11.38 9.69
N ARG H 545 0.69 -11.74 9.49
CA ARG H 545 1.23 -12.93 10.14
C ARG H 545 1.23 -12.78 11.66
N TYR H 546 1.67 -11.63 12.15
CA TYR H 546 1.67 -11.43 13.60
C TYR H 546 0.26 -11.52 14.17
N LEU H 547 -0.71 -10.90 13.50
CA LEU H 547 -2.08 -10.94 13.98
C LEU H 547 -2.63 -12.35 13.97
N LYS H 548 -2.30 -13.13 12.94
CA LYS H 548 -2.76 -14.51 12.90
C LYS H 548 -2.20 -15.31 14.07
N ASP H 549 -0.91 -15.14 14.36
CA ASP H 549 -0.33 -15.86 15.49
C ASP H 549 -0.98 -15.44 16.81
N GLN H 550 -1.21 -14.14 16.98
CA GLN H 550 -1.82 -13.67 18.22
C GLN H 550 -3.24 -14.19 18.38
N GLN H 551 -4.01 -14.19 17.30
CA GLN H 551 -5.37 -14.72 17.35
C GLN H 551 -5.36 -16.21 17.68
N LEU H 552 -4.42 -16.94 17.09
CA LEU H 552 -4.32 -18.37 17.39
C LEU H 552 -3.99 -18.60 18.85
N LEU H 553 -3.13 -17.75 19.42
CA LEU H 553 -2.87 -17.83 20.86
C LEU H 553 -4.12 -17.53 21.67
N GLY H 554 -4.87 -16.50 21.27
CA GLY H 554 -6.03 -16.10 22.05
C GLY H 554 -7.14 -17.13 22.05
N ILE H 555 -7.34 -17.81 20.91
CA ILE H 555 -8.39 -18.83 20.84
C ILE H 555 -8.12 -19.96 21.84
N TRP H 556 -6.85 -20.18 22.18
CA TRP H 556 -6.50 -21.20 23.15
C TRP H 556 -6.57 -20.71 24.60
N GLY H 557 -6.85 -19.44 24.82
CA GLY H 557 -6.96 -18.91 26.17
C GLY H 557 -5.69 -18.29 26.73
N CYS H 558 -4.78 -17.86 25.88
CA CYS H 558 -3.50 -17.29 26.29
C CYS H 558 -3.30 -15.92 25.68
N SER H 559 -4.29 -15.04 25.88
CA SER H 559 -4.32 -13.76 25.18
C SER H 559 -3.05 -12.96 25.43
N GLY H 560 -2.64 -12.86 26.68
CA GLY H 560 -1.48 -12.04 27.00
C GLY H 560 -0.41 -12.76 27.79
N LYS H 561 -0.28 -14.07 27.57
CA LYS H 561 0.64 -14.90 28.32
C LYS H 561 1.66 -15.49 27.37
N LEU H 562 2.94 -15.29 27.67
CA LEU H 562 4.00 -15.85 26.83
C LEU H 562 4.22 -17.32 27.15
N ILE H 563 4.01 -17.74 28.40
CA ILE H 563 4.33 -19.10 28.83
C ILE H 563 3.08 -19.75 29.42
N CYS H 564 1.92 -19.50 28.81
CA CYS H 564 0.67 -19.97 29.42
C CYS H 564 0.64 -21.48 29.54
N CYS H 565 -0.32 -21.96 30.33
CA CYS H 565 -0.49 -23.37 30.64
C CYS H 565 -1.92 -23.78 30.30
N THR H 566 -2.07 -24.67 29.33
CA THR H 566 -3.39 -25.13 28.94
C THR H 566 -3.75 -26.40 29.71
N ALA H 567 -4.84 -27.05 29.32
CA ALA H 567 -5.36 -28.20 30.04
C ALA H 567 -5.66 -29.34 29.08
N VAL H 568 -4.74 -29.64 28.20
CA VAL H 568 -4.84 -30.77 27.26
C VAL H 568 -3.79 -31.79 27.64
N PRO H 569 -4.17 -33.04 27.90
CA PRO H 569 -3.16 -34.06 28.22
C PRO H 569 -2.27 -34.36 27.02
N TRP H 570 -1.01 -34.69 27.31
CA TRP H 570 -0.03 -34.94 26.27
C TRP H 570 -0.01 -36.43 25.97
N ASN H 571 -0.54 -36.80 24.81
CA ASN H 571 -0.51 -38.19 24.37
C ASN H 571 0.91 -38.67 24.17
N SER H 572 1.21 -39.84 24.70
CA SER H 572 2.57 -40.38 24.59
C SER H 572 2.91 -40.77 23.16
N SER H 573 1.93 -41.00 22.31
CA SER H 573 2.21 -41.33 20.92
C SER H 573 2.81 -40.16 20.16
N TRP H 574 2.59 -38.93 20.62
CA TRP H 574 3.18 -37.76 19.97
C TRP H 574 4.69 -37.77 20.12
N SER H 575 5.18 -37.74 21.36
CA SER H 575 6.62 -37.78 21.60
C SER H 575 6.83 -38.28 23.03
N ASN H 576 7.33 -39.51 23.16
CA ASN H 576 7.49 -40.15 24.46
C ASN H 576 8.96 -40.12 24.85
N LYS H 577 9.38 -39.02 25.44
CA LYS H 577 10.73 -38.92 25.98
C LYS H 577 10.68 -38.29 27.37
N SER H 578 11.73 -38.56 28.15
CA SER H 578 11.78 -38.12 29.53
C SER H 578 11.77 -36.60 29.62
N GLN H 579 11.20 -36.11 30.72
CA GLN H 579 11.12 -34.66 30.95
C GLN H 579 12.51 -34.04 31.01
N THR H 580 13.42 -34.68 31.74
CA THR H 580 14.77 -34.17 31.85
C THR H 580 15.47 -34.18 30.49
N GLU H 581 15.26 -35.23 29.70
CA GLU H 581 15.87 -35.30 28.38
C GLU H 581 15.34 -34.19 27.48
N ILE H 582 14.04 -33.91 27.54
CA ILE H 582 13.45 -32.89 26.69
C ILE H 582 13.93 -31.50 27.08
N TRP H 583 13.97 -31.21 28.38
CA TRP H 583 14.25 -29.87 28.85
C TRP H 583 15.71 -29.63 29.19
N ASN H 584 16.60 -30.61 29.00
CA ASN H 584 18.00 -30.44 29.36
C ASN H 584 18.99 -30.79 28.26
N ASN H 585 18.62 -31.59 27.27
CA ASN H 585 19.56 -32.05 26.25
C ASN H 585 18.92 -31.99 24.87
N MET H 586 18.23 -30.89 24.57
CA MET H 586 17.58 -30.74 23.28
C MET H 586 17.28 -29.27 23.03
N THR H 587 17.58 -28.82 21.81
CA THR H 587 17.27 -27.48 21.38
C THR H 587 15.85 -27.41 20.82
N TRP H 588 15.37 -26.19 20.62
CA TRP H 588 14.01 -26.03 20.11
C TRP H 588 13.89 -26.49 18.67
N MET H 589 14.99 -26.43 17.90
CA MET H 589 14.94 -26.85 16.51
C MET H 589 14.68 -28.35 16.40
N GLN H 590 15.46 -29.15 17.13
CA GLN H 590 15.27 -30.59 17.08
C GLN H 590 13.89 -30.97 17.59
N TRP H 591 13.40 -30.27 18.61
CA TRP H 591 12.09 -30.57 19.15
C TRP H 591 11.00 -30.27 18.12
N ASP H 592 11.05 -29.10 17.50
CA ASP H 592 10.03 -28.75 16.53
C ASP H 592 10.09 -29.65 15.31
N GLU H 593 11.27 -30.16 14.96
CA GLU H 593 11.35 -31.10 13.86
C GLU H 593 10.78 -32.46 14.24
N GLU H 594 11.02 -32.90 15.48
CA GLU H 594 10.62 -34.25 15.87
C GLU H 594 9.13 -34.39 16.14
N ILE H 595 8.39 -33.29 16.29
CA ILE H 595 6.96 -33.38 16.52
C ILE H 595 6.22 -32.65 15.41
N SER H 596 6.85 -32.57 14.24
CA SER H 596 6.24 -31.83 13.12
C SER H 596 4.95 -32.49 12.65
N ASN H 597 4.92 -33.82 12.62
CA ASN H 597 3.73 -34.53 12.13
C ASN H 597 2.53 -34.34 13.04
N TYR H 598 2.74 -34.22 14.34
CA TYR H 598 1.63 -34.16 15.29
C TYR H 598 1.27 -32.75 15.71
N THR H 599 1.87 -31.73 15.08
CA THR H 599 1.56 -30.37 15.47
C THR H 599 0.11 -30.02 15.18
N ALA H 600 -0.32 -30.23 13.93
CA ALA H 600 -1.63 -29.75 13.50
C ALA H 600 -2.73 -30.30 14.39
N THR H 601 -2.77 -31.62 14.58
CA THR H 601 -3.82 -32.21 15.40
C THR H 601 -3.79 -31.64 16.81
N ILE H 602 -2.60 -31.43 17.37
CA ILE H 602 -2.49 -30.85 18.70
C ILE H 602 -3.24 -29.54 18.75
N TYR H 603 -3.01 -28.69 17.74
CA TYR H 603 -3.67 -27.40 17.68
C TYR H 603 -5.18 -27.58 17.81
N ARG H 604 -5.75 -28.48 17.01
CA ARG H 604 -7.19 -28.68 17.05
C ARG H 604 -7.64 -29.01 18.47
N LEU H 605 -6.92 -29.92 19.13
CA LEU H 605 -7.29 -30.31 20.48
C LEU H 605 -7.36 -29.08 21.37
N LEU H 606 -6.33 -28.23 21.31
CA LEU H 606 -6.33 -27.02 22.13
C LEU H 606 -7.62 -26.26 21.93
N GLU H 607 -7.96 -26.00 20.66
CA GLU H 607 -9.20 -25.31 20.33
C GLU H 607 -10.35 -25.90 21.13
N VAL H 608 -10.60 -27.19 20.92
CA VAL H 608 -11.76 -27.82 21.53
C VAL H 608 -11.74 -27.62 23.03
N SER H 609 -10.56 -27.87 23.64
CA SER H 609 -10.47 -27.76 25.08
C SER H 609 -10.96 -26.40 25.55
N GLN H 610 -10.40 -25.33 24.97
CA GLN H 610 -10.78 -24.01 25.42
C GLN H 610 -12.26 -23.78 25.22
N ASN H 611 -12.77 -24.17 24.05
CA ASN H 611 -14.19 -24.00 23.78
C ASN H 611 -14.99 -24.68 24.88
N GLN H 612 -14.66 -25.93 25.18
CA GLN H 612 -15.36 -26.65 26.24
C GLN H 612 -15.33 -25.82 27.52
N GLN H 613 -14.14 -25.37 27.92
CA GLN H 613 -14.01 -24.60 29.14
C GLN H 613 -14.94 -23.41 29.10
N GLU H 614 -14.93 -22.66 28.00
CA GLU H 614 -15.75 -21.46 27.90
C GLU H 614 -17.22 -21.81 28.10
N ARG H 615 -17.68 -22.89 27.45
CA ARG H 615 -19.08 -23.27 27.60
C ARG H 615 -19.37 -23.61 29.06
N ASN H 616 -18.47 -24.34 29.70
CA ASN H 616 -18.68 -24.65 31.12
C ASN H 616 -18.72 -23.39 31.94
N GLU H 617 -17.92 -22.38 31.57
CA GLU H 617 -17.89 -21.15 32.33
C GLU H 617 -19.23 -20.42 32.27
N LYS H 618 -20.09 -20.76 31.31
CA LYS H 618 -21.42 -20.20 31.27
C LYS H 618 -22.47 -21.14 31.85
N ASP H 619 -22.15 -22.42 32.00
CA ASP H 619 -23.08 -23.40 32.54
C ASP H 619 -22.84 -23.68 34.02
N LEU H 620 -21.88 -23.01 34.64
CA LEU H 620 -21.59 -23.23 36.06
C LEU H 620 -21.90 -21.97 36.87
N LEU I 493 -17.19 12.45 27.30
CA LEU I 493 -16.90 13.76 26.75
C LEU I 493 -15.95 13.68 25.54
N GLY I 494 -15.36 14.82 25.19
CA GLY I 494 -14.57 14.92 23.97
C GLY I 494 -13.29 14.11 24.02
N PHE I 495 -12.50 14.27 22.95
CA PHE I 495 -11.33 13.43 22.75
C PHE I 495 -10.26 13.68 23.81
N LEU I 496 -9.90 14.94 24.03
CA LEU I 496 -8.85 15.24 25.00
C LEU I 496 -9.34 16.23 26.05
N GLY I 497 -10.66 16.27 26.29
CA GLY I 497 -11.22 17.30 27.14
C GLY I 497 -10.66 17.31 28.54
N VAL I 498 -10.01 16.23 28.96
CA VAL I 498 -9.45 16.15 30.29
C VAL I 498 -7.96 16.48 30.30
N ALA I 499 -7.48 17.17 29.26
CA ALA I 499 -6.06 17.48 29.18
C ALA I 499 -5.61 18.36 30.34
N GLY I 500 -6.42 19.37 30.67
CA GLY I 500 -6.05 20.26 31.76
C GLY I 500 -6.39 19.73 33.13
N SER I 501 -7.21 18.70 33.20
CA SER I 501 -7.57 18.13 34.49
C SER I 501 -6.37 17.40 35.10
N THR I 502 -6.34 17.37 36.42
CA THR I 502 -5.31 16.60 37.10
C THR I 502 -5.51 15.11 36.86
N MET I 503 -4.46 14.33 37.11
CA MET I 503 -4.45 12.93 36.73
C MET I 503 -5.54 12.14 37.43
N GLY I 504 -5.87 12.50 38.67
CA GLY I 504 -6.93 11.81 39.37
C GLY I 504 -8.26 11.89 38.63
N ALA I 505 -8.61 13.09 38.16
CA ALA I 505 -9.84 13.24 37.39
C ALA I 505 -9.71 12.64 36.00
N ALA I 506 -8.50 12.67 35.43
CA ALA I 506 -8.32 12.21 34.07
C ALA I 506 -8.36 10.69 33.95
N SER I 507 -8.12 9.97 35.05
CA SER I 507 -8.09 8.52 34.99
C SER I 507 -9.46 7.92 34.71
N VAL I 508 -10.54 8.70 34.79
CA VAL I 508 -11.88 8.14 34.63
C VAL I 508 -12.32 8.01 33.18
N ALA I 509 -11.66 8.71 32.25
CA ALA I 509 -12.18 8.77 30.89
C ALA I 509 -11.13 8.39 29.85
N LEU I 510 -10.42 7.28 30.07
CA LEU I 510 -9.39 6.85 29.14
C LEU I 510 -9.95 6.17 27.91
N THR I 511 -11.22 5.76 27.93
CA THR I 511 -11.77 5.04 26.80
C THR I 511 -11.85 5.88 25.54
N VAL I 512 -12.17 7.17 25.65
CA VAL I 512 -12.27 8.01 24.47
C VAL I 512 -10.91 8.12 23.78
N GLN I 513 -9.87 8.44 24.56
CA GLN I 513 -8.54 8.53 23.99
C GLN I 513 -8.10 7.19 23.40
N ALA I 514 -8.37 6.10 24.10
CA ALA I 514 -7.98 4.79 23.58
C ALA I 514 -8.68 4.49 22.27
N ARG I 515 -9.96 4.86 22.16
CA ARG I 515 -10.74 4.51 20.98
C ARG I 515 -10.33 5.33 19.78
N GLN I 516 -9.95 6.60 19.99
CA GLN I 516 -9.65 7.43 18.83
C GLN I 516 -8.29 7.10 18.20
N LEU I 517 -7.48 6.25 18.81
CA LEU I 517 -6.25 5.80 18.14
C LEU I 517 -6.52 4.89 16.95
N LEU I 518 -7.74 4.41 16.79
CA LEU I 518 -8.05 3.50 15.69
C LEU I 518 -9.20 3.96 14.81
N SER I 519 -10.19 4.64 15.37
CA SER I 519 -11.35 5.06 14.59
C SER I 519 -11.04 6.32 13.80
N GLY I 520 -11.94 6.65 12.87
CA GLY I 520 -11.79 7.81 12.02
C GLY I 520 -11.27 7.53 10.64
N ASN I 521 -11.11 6.28 10.25
CA ASN I 521 -10.56 5.94 8.95
C ASN I 521 -11.64 6.03 7.87
N PRO I 522 -11.45 6.84 6.84
CA PRO I 522 -12.49 6.98 5.81
C PRO I 522 -12.38 5.93 4.72
N ASP I 523 -13.19 6.08 3.67
CA ASP I 523 -13.10 5.24 2.49
C ASP I 523 -11.79 5.52 1.75
N TRP I 524 -11.57 4.78 0.67
CA TRP I 524 -10.31 4.82 -0.05
C TRP I 524 -10.30 5.88 -1.13
N LEU I 525 -9.09 6.14 -1.64
CA LEU I 525 -8.87 7.07 -2.74
C LEU I 525 -8.67 6.30 -4.03
N PRO I 526 -9.58 6.39 -4.99
CA PRO I 526 -9.48 5.53 -6.19
C PRO I 526 -8.20 5.72 -6.99
N ASP I 527 -7.70 6.95 -7.09
CA ASP I 527 -6.58 7.22 -7.99
C ASP I 527 -5.30 6.60 -7.47
N MET I 528 -4.56 5.92 -8.35
CA MET I 528 -3.22 5.43 -8.03
C MET I 528 -2.24 6.57 -8.25
N THR I 529 -2.11 7.42 -7.25
CA THR I 529 -1.23 8.58 -7.34
C THR I 529 -0.29 8.62 -6.15
N VAL I 530 0.42 9.74 -5.99
CA VAL I 530 1.19 9.97 -4.77
C VAL I 530 0.28 9.98 -3.56
N TRP I 531 -0.92 10.56 -3.72
CA TRP I 531 -1.82 10.71 -2.59
C TRP I 531 -2.27 9.37 -2.03
N GLY I 532 -2.59 8.42 -2.90
CA GLY I 532 -2.99 7.11 -2.42
C GLY I 532 -1.87 6.42 -1.67
N ILE I 533 -0.65 6.55 -2.16
CA ILE I 533 0.49 5.94 -1.51
C ILE I 533 0.73 6.60 -0.16
N LYS I 534 0.50 7.90 -0.06
CA LYS I 534 0.66 8.58 1.22
C LYS I 534 -0.45 8.20 2.21
N GLN I 535 -1.66 7.96 1.72
CA GLN I 535 -2.69 7.46 2.61
C GLN I 535 -2.32 6.08 3.14
N LEU I 536 -1.86 5.20 2.25
CA LEU I 536 -1.50 3.84 2.64
C LEU I 536 -0.31 3.86 3.60
N GLN I 537 0.68 4.69 3.30
CA GLN I 537 1.71 5.19 4.20
C GLN I 537 1.21 5.38 5.62
N THR I 538 0.32 6.35 5.77
CA THR I 538 0.00 6.80 7.11
C THR I 538 -0.80 5.73 7.86
N ARG I 539 -1.68 5.03 7.16
CA ARG I 539 -2.51 4.07 7.87
C ARG I 539 -1.77 2.79 8.23
N VAL I 540 -0.85 2.32 7.39
CA VAL I 540 -0.02 1.19 7.80
C VAL I 540 0.88 1.58 8.96
N LEU I 541 1.39 2.82 8.95
CA LEU I 541 2.19 3.27 10.09
C LEU I 541 1.36 3.30 11.37
N ALA I 542 0.11 3.77 11.28
CA ALA I 542 -0.75 3.82 12.46
C ALA I 542 -1.02 2.43 13.00
N ILE I 543 -1.30 1.46 12.12
CA ILE I 543 -1.52 0.09 12.58
C ILE I 543 -0.28 -0.43 13.29
N GLU I 544 0.90 -0.19 12.71
CA GLU I 544 2.12 -0.68 13.33
C GLU I 544 2.33 -0.09 14.72
N ARG I 545 2.09 1.22 14.87
CA ARG I 545 2.26 1.86 16.17
C ARG I 545 1.29 1.30 17.20
N TYR I 546 0.02 1.14 16.81
CA TYR I 546 -0.95 0.61 17.76
C TYR I 546 -0.58 -0.80 18.19
N LEU I 547 -0.17 -1.64 17.24
CA LEU I 547 0.19 -3.01 17.58
C LEU I 547 1.40 -3.03 18.49
N LYS I 548 2.36 -2.14 18.27
CA LYS I 548 3.53 -2.08 19.15
C LYS I 548 3.12 -1.72 20.57
N ASP I 549 2.26 -0.72 20.72
CA ASP I 549 1.83 -0.34 22.07
C ASP I 549 1.09 -1.48 22.75
N GLN I 550 0.20 -2.16 22.03
CA GLN I 550 -0.54 -3.26 22.61
C GLN I 550 0.38 -4.41 23.01
N GLN I 551 1.38 -4.70 22.18
CA GLN I 551 2.33 -5.76 22.52
C GLN I 551 3.14 -5.39 23.76
N LEU I 552 3.53 -4.12 23.87
CA LEU I 552 4.21 -3.67 25.08
C LEU I 552 3.33 -3.87 26.30
N LEU I 553 2.04 -3.57 26.18
CA LEU I 553 1.12 -3.80 27.29
C LEU I 553 1.02 -5.28 27.62
N GLY I 554 0.95 -6.13 26.60
CA GLY I 554 0.70 -7.54 26.82
C GLY I 554 1.89 -8.32 27.34
N ILE I 555 3.10 -7.92 26.96
CA ILE I 555 4.29 -8.54 27.52
C ILE I 555 4.32 -8.34 29.04
N TRP I 556 3.97 -7.14 29.46
CA TRP I 556 3.74 -6.86 30.87
C TRP I 556 2.47 -7.58 31.31
N GLY I 557 2.27 -7.67 32.62
CA GLY I 557 1.10 -8.37 33.11
C GLY I 557 -0.18 -7.54 33.03
N CYS I 558 -0.40 -6.88 31.90
CA CYS I 558 -1.46 -5.89 31.77
C CYS I 558 -2.17 -6.03 30.43
N SER I 559 -2.51 -7.26 30.05
CA SER I 559 -3.14 -7.52 28.77
C SER I 559 -4.65 -7.26 28.86
N GLY I 560 -5.15 -6.42 27.96
CA GLY I 560 -6.57 -6.16 27.90
C GLY I 560 -7.11 -5.30 29.03
N LYS I 561 -6.24 -4.54 29.71
CA LYS I 561 -6.65 -3.70 30.82
C LYS I 561 -6.18 -2.28 30.57
N LEU I 562 -7.09 -1.31 30.71
CA LEU I 562 -6.69 0.09 30.58
C LEU I 562 -5.94 0.56 31.81
N ILE I 563 -6.39 0.16 33.00
CA ILE I 563 -5.70 0.44 34.24
C ILE I 563 -5.24 -0.88 34.83
N CYS I 564 -3.95 -0.97 35.17
CA CYS I 564 -3.35 -2.22 35.58
C CYS I 564 -2.36 -1.99 36.71
N CYS I 565 -2.49 -2.77 37.78
CA CYS I 565 -1.58 -2.73 38.91
C CYS I 565 -0.53 -3.80 38.72
N THR I 566 0.72 -3.38 38.54
CA THR I 566 1.83 -4.31 38.39
C THR I 566 2.40 -4.65 39.76
N ALA I 567 3.57 -5.28 39.79
CA ALA I 567 4.19 -5.71 41.04
C ALA I 567 5.65 -5.26 41.10
N VAL I 568 5.94 -4.08 40.58
CA VAL I 568 7.27 -3.49 40.63
C VAL I 568 7.24 -2.35 41.63
N PRO I 569 8.07 -2.37 42.67
CA PRO I 569 8.09 -1.26 43.62
C PRO I 569 8.60 0.02 42.98
N TRP I 570 8.12 1.15 43.50
CA TRP I 570 8.45 2.46 42.95
C TRP I 570 9.72 2.98 43.62
N ASN I 571 10.85 2.86 42.91
CA ASN I 571 12.11 3.36 43.43
C ASN I 571 12.04 4.86 43.64
N SER I 572 12.49 5.31 44.81
CA SER I 572 12.42 6.72 45.15
C SER I 572 13.47 7.55 44.43
N SER I 573 14.46 6.92 43.81
CA SER I 573 15.38 7.65 42.95
C SER I 573 14.67 8.23 41.74
N TRP I 574 13.51 7.68 41.38
CA TRP I 574 12.62 8.30 40.40
C TRP I 574 11.85 9.41 41.10
N SER I 575 10.77 9.90 40.50
CA SER I 575 10.02 10.99 41.10
C SER I 575 9.59 10.63 42.52
N ASN I 576 9.85 11.54 43.45
CA ASN I 576 9.57 11.37 44.87
C ASN I 576 8.63 12.49 45.30
N LYS I 577 7.33 12.27 45.11
CA LYS I 577 6.32 13.25 45.50
C LYS I 577 5.20 12.54 46.23
N SER I 578 4.52 13.29 47.10
CA SER I 578 3.40 12.72 47.84
C SER I 578 2.27 12.35 46.90
N GLN I 579 1.49 11.34 47.29
CA GLN I 579 0.40 10.87 46.45
C GLN I 579 -0.62 11.96 46.20
N THR I 580 -0.93 12.75 47.23
CA THR I 580 -1.87 13.84 47.05
C THR I 580 -1.37 14.84 46.02
N GLU I 581 -0.09 15.21 46.10
CA GLU I 581 0.46 16.18 45.15
C GLU I 581 0.44 15.63 43.73
N ILE I 582 0.77 14.35 43.58
CA ILE I 582 0.77 13.75 42.24
C ILE I 582 -0.63 13.70 41.66
N TRP I 583 -1.59 13.24 42.44
CA TRP I 583 -2.91 12.92 41.91
C TRP I 583 -3.93 14.03 42.05
N ASN I 584 -3.56 15.20 42.59
CA ASN I 584 -4.50 16.30 42.69
C ASN I 584 -3.98 17.65 42.24
N ASN I 585 -2.66 17.82 42.05
CA ASN I 585 -2.12 19.11 41.67
C ASN I 585 -1.05 18.95 40.59
N MET I 586 -1.33 18.11 39.59
CA MET I 586 -0.36 17.87 38.53
C MET I 586 -1.08 17.21 37.36
N THR I 587 -0.77 17.69 36.15
CA THR I 587 -1.34 17.15 34.93
C THR I 587 -0.48 16.03 34.39
N TRP I 588 -1.02 15.30 33.40
CA TRP I 588 -0.29 14.17 32.85
C TRP I 588 0.94 14.62 32.06
N MET I 589 0.85 15.77 31.40
CA MET I 589 1.98 16.26 30.62
C MET I 589 3.18 16.56 31.52
N GLN I 590 2.96 17.25 32.63
CA GLN I 590 4.05 17.55 33.54
C GLN I 590 4.64 16.28 34.13
N TRP I 591 3.79 15.33 34.49
CA TRP I 591 4.29 14.08 35.04
C TRP I 591 5.15 13.34 34.04
N ASP I 592 4.71 13.27 32.78
CA ASP I 592 5.51 12.60 31.78
C ASP I 592 6.81 13.33 31.51
N GLU I 593 6.81 14.65 31.62
CA GLU I 593 8.05 15.40 31.43
C GLU I 593 9.03 15.15 32.56
N GLU I 594 8.55 15.08 33.79
CA GLU I 594 9.47 15.00 34.93
C GLU I 594 10.16 13.65 35.04
N ILE I 595 9.49 12.57 34.66
CA ILE I 595 10.04 11.24 34.82
C ILE I 595 10.60 10.70 33.49
N SER I 596 10.95 11.59 32.57
CA SER I 596 11.32 11.16 31.22
C SER I 596 12.60 10.33 31.21
N ASN I 597 13.54 10.59 32.13
CA ASN I 597 14.80 9.87 32.11
C ASN I 597 14.69 8.43 32.60
N TYR I 598 13.64 8.09 33.35
CA TYR I 598 13.56 6.78 33.98
C TYR I 598 12.58 5.85 33.28
N THR I 599 12.01 6.26 32.15
CA THR I 599 11.00 5.46 31.49
C THR I 599 11.57 4.13 30.99
N ALA I 600 12.76 4.17 30.40
CA ALA I 600 13.36 2.94 29.87
C ALA I 600 13.64 1.94 30.99
N THR I 601 14.18 2.42 32.11
CA THR I 601 14.44 1.55 33.23
C THR I 601 13.15 0.97 33.80
N ILE I 602 12.11 1.79 33.89
CA ILE I 602 10.82 1.30 34.39
C ILE I 602 10.28 0.21 33.48
N TYR I 603 10.36 0.42 32.17
CA TYR I 603 9.86 -0.57 31.23
C TYR I 603 10.62 -1.88 31.35
N ARG I 604 11.95 -1.80 31.47
CA ARG I 604 12.74 -3.03 31.60
C ARG I 604 12.40 -3.76 32.89
N LEU I 605 12.22 -3.01 33.99
CA LEU I 605 11.86 -3.64 35.25
C LEU I 605 10.51 -4.32 35.17
N LEU I 606 9.54 -3.68 34.52
CA LEU I 606 8.23 -4.32 34.34
C LEU I 606 8.36 -5.60 33.54
N GLU I 607 9.16 -5.57 32.48
CA GLU I 607 9.39 -6.76 31.66
C GLU I 607 9.93 -7.90 32.49
N VAL I 608 11.01 -7.64 33.25
CA VAL I 608 11.64 -8.73 34.00
C VAL I 608 10.72 -9.21 35.11
N SER I 609 9.96 -8.32 35.74
CA SER I 609 9.02 -8.75 36.77
C SER I 609 7.95 -9.68 36.21
N GLN I 610 7.39 -9.33 35.05
CA GLN I 610 6.38 -10.20 34.46
C GLN I 610 6.98 -11.53 34.04
N ASN I 611 8.19 -11.53 33.49
CA ASN I 611 8.83 -12.79 33.13
C ASN I 611 9.06 -13.67 34.34
N GLN I 612 9.50 -13.07 35.45
CA GLN I 612 9.69 -13.83 36.68
C GLN I 612 8.37 -14.39 37.18
N GLN I 613 7.29 -13.60 37.10
CA GLN I 613 5.99 -14.09 37.53
C GLN I 613 5.54 -15.27 36.68
N GLU I 614 5.73 -15.19 35.36
CA GLU I 614 5.35 -16.30 34.49
C GLU I 614 6.15 -17.55 34.79
N ARG I 615 7.46 -17.41 34.99
CA ARG I 615 8.29 -18.57 35.30
C ARG I 615 7.88 -19.19 36.63
N ASN I 616 7.62 -18.36 37.64
CA ASN I 616 7.18 -18.88 38.92
C ASN I 616 5.84 -19.60 38.80
N GLU I 617 4.92 -19.03 38.01
CA GLU I 617 3.62 -19.67 37.82
C GLU I 617 3.78 -21.04 37.16
N LYS I 618 4.65 -21.13 36.14
CA LYS I 618 4.86 -22.42 35.51
C LYS I 618 5.63 -23.38 36.39
N ASP I 619 6.38 -22.88 37.37
CA ASP I 619 7.15 -23.72 38.28
C ASP I 619 6.51 -23.86 39.66
N LEU I 620 5.34 -23.27 39.86
CA LEU I 620 4.65 -23.35 41.16
C LEU I 620 3.15 -23.14 41.00
N ASN J 1 -0.78 -35.46 34.86
CA ASN J 1 0.60 -35.87 34.67
C ASN J 1 1.36 -34.87 33.82
N LEU J 2 1.45 -35.14 32.52
CA LEU J 2 2.13 -34.27 31.57
C LEU J 2 1.08 -33.58 30.71
N TRP J 3 1.10 -32.25 30.69
CA TRP J 3 0.14 -31.45 29.97
C TRP J 3 0.84 -30.53 28.99
N VAL J 4 0.14 -30.17 27.93
CA VAL J 4 0.68 -29.31 26.90
C VAL J 4 0.88 -27.90 27.45
N THR J 5 1.89 -27.21 26.93
CA THR J 5 2.15 -25.83 27.27
C THR J 5 2.72 -25.14 26.03
N VAL J 6 2.12 -24.02 25.64
CA VAL J 6 2.52 -23.32 24.43
C VAL J 6 3.40 -22.14 24.81
N TYR J 7 4.42 -21.90 24.00
CA TYR J 7 5.42 -20.87 24.25
C TYR J 7 5.45 -19.92 23.06
N TYR J 8 5.49 -18.63 23.35
CA TYR J 8 5.64 -17.61 22.32
C TYR J 8 7.02 -16.98 22.43
N GLY J 9 7.71 -16.90 21.30
CA GLY J 9 9.08 -16.44 21.28
C GLY J 9 10.11 -17.54 21.12
N VAL J 10 9.70 -18.74 20.74
CA VAL J 10 10.64 -19.86 20.59
C VAL J 10 11.61 -19.53 19.46
N PRO J 11 12.91 -19.73 19.66
CA PRO J 11 13.91 -19.46 18.60
C PRO J 11 14.11 -20.58 17.59
N VAL J 12 13.22 -20.65 16.61
CA VAL J 12 13.36 -21.58 15.49
C VAL J 12 13.16 -20.82 14.20
N TRP J 13 13.94 -21.15 13.18
CA TRP J 13 13.92 -20.44 11.92
C TRP J 13 13.80 -21.42 10.75
N LYS J 14 13.16 -20.96 9.69
CA LYS J 14 13.07 -21.65 8.42
C LYS J 14 13.86 -20.86 7.38
N GLU J 15 14.21 -21.52 6.28
CA GLU J 15 14.76 -20.82 5.13
C GLU J 15 13.64 -20.21 4.32
N ALA J 16 13.79 -18.94 3.94
CA ALA J 16 12.72 -18.23 3.27
C ALA J 16 13.30 -17.14 2.39
N THR J 17 12.48 -16.66 1.45
CA THR J 17 12.85 -15.60 0.52
C THR J 17 11.86 -14.45 0.67
N THR J 18 12.39 -13.23 0.70
CA THR J 18 11.57 -12.04 0.89
C THR J 18 12.17 -10.86 0.13
N THR J 19 11.40 -9.79 0.05
CA THR J 19 11.85 -8.56 -0.59
C THR J 19 12.59 -7.74 0.45
N LEU J 20 13.92 -7.81 0.40
CA LEU J 20 14.75 -7.04 1.31
C LEU J 20 14.86 -5.61 0.82
N PHE J 21 14.83 -4.65 1.74
CA PHE J 21 14.95 -3.27 1.27
C PHE J 21 16.38 -2.81 1.50
N CYS J 22 16.69 -1.57 1.13
CA CYS J 22 18.04 -1.08 1.33
C CYS J 22 18.04 0.26 2.04
N ALA J 23 19.24 0.69 2.41
CA ALA J 23 19.42 1.90 3.19
C ALA J 23 20.80 2.46 2.92
N SER J 24 20.93 3.77 3.13
CA SER J 24 22.16 4.49 2.86
C SER J 24 22.51 5.35 4.07
N ASP J 25 23.81 5.59 4.24
CA ASP J 25 24.29 6.39 5.35
C ASP J 25 24.39 7.86 4.95
N HIS J 34 20.10 14.52 -7.12
CA HIS J 34 21.48 14.06 -7.19
C HIS J 34 21.57 12.56 -7.41
N ASN J 35 22.29 11.87 -6.52
CA ASN J 35 22.57 10.46 -6.71
C ASN J 35 21.30 9.63 -6.61
N VAL J 36 21.21 8.62 -7.47
CA VAL J 36 19.98 7.83 -7.57
C VAL J 36 19.78 6.99 -6.32
N TRP J 37 20.85 6.42 -5.78
CA TRP J 37 20.69 5.55 -4.62
C TRP J 37 20.44 6.36 -3.35
N ALA J 38 21.18 7.44 -3.15
CA ALA J 38 21.11 8.16 -1.90
C ALA J 38 19.76 8.85 -1.71
N THR J 39 19.22 9.44 -2.78
CA THR J 39 18.00 10.24 -2.69
C THR J 39 16.84 9.58 -3.40
N HIS J 40 16.84 8.26 -3.53
CA HIS J 40 15.76 7.55 -4.19
C HIS J 40 15.97 6.06 -4.03
N ALA J 41 14.88 5.32 -4.18
CA ALA J 41 14.85 3.86 -4.34
C ALA J 41 15.09 3.08 -3.06
N CYS J 42 15.53 3.74 -1.98
CA CYS J 42 15.42 3.18 -0.64
C CYS J 42 15.93 4.16 0.40
N VAL J 43 15.49 3.94 1.63
CA VAL J 43 15.46 4.91 2.72
C VAL J 43 16.86 5.34 3.14
N PRO J 44 17.04 6.60 3.53
CA PRO J 44 18.28 6.99 4.22
C PRO J 44 18.16 6.75 5.71
N THR J 45 18.91 5.78 6.24
CA THR J 45 18.92 5.51 7.68
C THR J 45 20.10 4.61 8.00
N ASP J 46 20.66 4.82 9.18
CA ASP J 46 21.74 3.98 9.68
C ASP J 46 21.87 4.13 11.18
N PRO J 47 20.94 3.58 11.97
CA PRO J 47 21.07 3.67 13.42
C PRO J 47 22.14 2.72 13.96
N ASN J 48 22.28 2.64 15.27
CA ASN J 48 23.23 1.72 15.88
C ASN J 48 22.88 0.29 15.49
N PRO J 49 23.67 -0.36 14.65
CA PRO J 49 23.32 -1.71 14.20
C PRO J 49 23.46 -2.72 15.32
N GLN J 50 22.68 -3.79 15.23
CA GLN J 50 22.66 -4.85 16.23
C GLN J 50 23.26 -6.10 15.61
N GLU J 51 24.46 -6.46 16.05
CA GLU J 51 25.13 -7.67 15.63
C GLU J 51 25.33 -8.57 16.84
N MET J 52 24.94 -9.83 16.72
CA MET J 52 25.07 -10.76 17.84
C MET J 52 25.73 -12.03 17.35
N VAL J 53 26.42 -12.74 18.24
CA VAL J 53 27.14 -13.95 17.89
C VAL J 53 26.48 -15.15 18.56
N LEU J 54 25.93 -16.06 17.76
CA LEU J 54 25.25 -17.21 18.29
C LEU J 54 26.26 -18.25 18.77
N GLU J 55 25.81 -19.15 19.62
CA GLU J 55 26.67 -20.17 20.19
C GLU J 55 26.05 -21.56 20.00
N ASN J 56 26.93 -22.56 19.86
CA ASN J 56 26.53 -23.95 19.79
C ASN J 56 25.62 -24.24 18.60
N VAL J 57 25.69 -23.43 17.55
CA VAL J 57 24.84 -23.60 16.39
C VAL J 57 25.70 -23.65 15.13
N THR J 58 25.37 -24.58 14.24
CA THR J 58 26.03 -24.69 12.95
C THR J 58 24.98 -24.54 11.86
N GLU J 59 25.31 -23.79 10.83
CA GLU J 59 24.33 -23.51 9.78
C GLU J 59 24.93 -23.81 8.41
N ASN J 60 24.14 -24.40 7.53
CA ASN J 60 24.60 -24.70 6.20
C ASN J 60 24.47 -23.48 5.29
N PHE J 61 25.42 -23.34 4.37
CA PHE J 61 25.42 -22.24 3.43
C PHE J 61 25.74 -22.77 2.04
N ASN J 62 25.14 -22.13 1.03
CA ASN J 62 25.56 -22.38 -0.33
C ASN J 62 25.18 -21.12 -1.11
N MET J 63 26.19 -20.39 -1.56
CA MET J 63 26.00 -19.10 -2.19
C MET J 63 25.49 -19.20 -3.62
N TRP J 64 25.52 -20.39 -4.20
CA TRP J 64 25.24 -20.54 -5.62
C TRP J 64 23.75 -20.67 -5.95
N LYS J 65 22.88 -20.81 -4.96
CA LYS J 65 21.45 -20.49 -5.16
C LYS J 65 21.05 -19.60 -3.98
N ASN J 66 21.14 -18.29 -4.19
CA ASN J 66 20.81 -17.30 -3.19
C ASN J 66 20.04 -16.18 -3.87
N GLU J 67 18.88 -15.82 -3.34
CA GLU J 67 18.03 -14.83 -3.98
C GLU J 67 18.49 -13.40 -3.73
N MET J 68 19.47 -13.21 -2.85
CA MET J 68 20.02 -11.88 -2.61
C MET J 68 20.57 -11.28 -3.89
N VAL J 69 21.34 -12.07 -4.64
CA VAL J 69 22.00 -11.52 -5.82
C VAL J 69 20.99 -11.23 -6.91
N ASN J 70 19.99 -12.08 -7.07
CA ASN J 70 18.95 -11.81 -8.06
C ASN J 70 18.19 -10.55 -7.71
N GLN J 71 17.85 -10.38 -6.44
CA GLN J 71 17.14 -9.18 -6.02
C GLN J 71 17.99 -7.94 -6.26
N MET J 72 19.29 -8.02 -5.95
CA MET J 72 20.15 -6.87 -6.15
C MET J 72 20.29 -6.52 -7.63
N HIS J 73 20.41 -7.53 -8.48
CA HIS J 73 20.54 -7.30 -9.91
C HIS J 73 19.27 -6.65 -10.47
N GLU J 74 18.11 -7.16 -10.07
CA GLU J 74 16.85 -6.56 -10.51
C GLU J 74 16.74 -5.13 -10.03
N ASP J 75 17.11 -4.86 -8.78
CA ASP J 75 17.04 -3.50 -8.26
C ASP J 75 17.97 -2.56 -9.01
N VAL J 76 19.18 -3.02 -9.32
CA VAL J 76 20.12 -2.17 -10.05
C VAL J 76 19.57 -1.81 -11.42
N ILE J 77 19.07 -2.81 -12.15
CA ILE J 77 18.53 -2.55 -13.48
C ILE J 77 17.35 -1.60 -13.40
N SER J 78 16.43 -1.84 -12.46
CA SER J 78 15.25 -1.01 -12.35
C SER J 78 15.61 0.42 -11.99
N LEU J 79 16.56 0.61 -11.08
CA LEU J 79 16.96 1.96 -10.71
C LEU J 79 17.59 2.69 -11.88
N TRP J 80 18.44 2.02 -12.65
CA TRP J 80 19.06 2.69 -13.78
C TRP J 80 18.00 3.09 -14.80
N ASP J 81 17.02 2.22 -15.04
CA ASP J 81 15.96 2.55 -16.00
C ASP J 81 15.16 3.75 -15.52
N GLN J 82 14.76 3.73 -14.24
CA GLN J 82 13.96 4.82 -13.71
C GLN J 82 14.73 6.13 -13.70
N SER J 83 16.06 6.05 -13.58
CA SER J 83 16.86 7.27 -13.67
C SER J 83 16.91 7.78 -15.11
N LEU J 84 17.13 6.89 -16.07
CA LEU J 84 17.29 7.32 -17.45
C LEU J 84 16.01 7.87 -18.04
N LYS J 85 14.85 7.31 -17.71
CA LYS J 85 13.64 7.67 -18.44
C LYS J 85 13.21 9.14 -18.30
N PRO J 86 13.21 9.78 -17.08
CA PRO J 86 12.65 11.14 -16.96
C PRO J 86 13.53 12.28 -17.48
N CYS J 87 14.10 12.09 -18.67
CA CYS J 87 14.79 13.22 -19.32
C CYS J 87 15.09 12.87 -20.78
N VAL J 88 16.00 13.64 -21.39
CA VAL J 88 16.00 13.86 -22.83
C VAL J 88 16.14 12.58 -23.62
N LYS J 89 15.42 12.51 -24.75
CA LYS J 89 15.50 11.42 -25.71
C LYS J 89 16.22 11.91 -26.96
N LEU J 90 16.82 10.97 -27.67
CA LEU J 90 17.68 11.31 -28.81
C LEU J 90 17.17 10.72 -30.11
N THR J 91 15.88 10.83 -30.37
CA THR J 91 15.35 10.36 -31.63
C THR J 91 15.73 11.24 -32.84
N PRO J 92 15.92 12.56 -32.71
CA PRO J 92 16.28 13.32 -33.91
C PRO J 92 17.74 13.21 -34.31
N LEU J 93 18.57 12.59 -33.48
CA LEU J 93 19.99 12.44 -33.82
C LEU J 93 20.25 11.37 -34.84
N CYS J 94 19.30 10.46 -35.06
CA CYS J 94 19.52 9.33 -35.96
C CYS J 94 19.30 9.78 -37.40
N VAL J 95 20.31 10.46 -37.93
CA VAL J 95 20.29 11.01 -39.28
C VAL J 95 21.59 10.63 -39.97
N THR J 96 21.75 11.12 -41.20
CA THR J 96 22.96 10.86 -41.96
C THR J 96 24.08 11.77 -41.47
N LEU J 97 25.19 11.16 -41.08
CA LEU J 97 26.34 11.89 -40.56
C LEU J 97 27.41 11.97 -41.64
N ASP J 98 27.85 13.18 -41.96
CA ASP J 98 28.95 13.40 -42.90
C ASP J 98 30.23 13.54 -42.09
N CYS J 99 31.09 12.54 -42.15
CA CYS J 99 32.26 12.47 -41.29
C CYS J 99 33.55 12.62 -42.09
N THR J 100 34.54 13.23 -41.45
CA THR J 100 35.86 13.40 -42.04
C THR J 100 36.90 13.30 -40.93
N THR J 101 38.16 13.37 -41.34
CA THR J 101 39.27 13.29 -40.40
C THR J 101 39.27 14.50 -39.46
N VAL J 102 39.85 14.31 -38.27
CA VAL J 102 39.84 15.36 -37.26
C VAL J 102 40.63 16.58 -37.70
N ASN J 103 41.72 16.37 -38.44
CA ASN J 103 42.57 17.46 -38.91
C ASN J 103 43.05 18.35 -37.77
N GLN J 125 43.05 10.68 -34.27
CA GLN J 125 42.93 9.41 -34.96
C GLN J 125 41.98 8.49 -34.21
N GLU J 126 41.63 8.86 -32.99
CA GLU J 126 40.65 8.13 -32.21
C GLU J 126 39.24 8.69 -32.35
N MET J 127 39.06 9.74 -33.15
CA MET J 127 37.77 10.40 -33.32
C MET J 127 37.56 10.75 -34.79
N LYS J 128 36.34 11.20 -35.10
CA LYS J 128 35.99 11.67 -36.43
C LYS J 128 35.09 12.89 -36.31
N ASN J 129 35.31 13.87 -37.18
CA ASN J 129 34.56 15.12 -37.16
C ASN J 129 33.36 14.99 -38.08
N CYS J 130 32.16 14.98 -37.51
CA CYS J 130 30.95 14.69 -38.28
C CYS J 130 29.97 15.85 -38.17
N SER J 131 29.46 16.28 -39.32
CA SER J 131 28.43 17.31 -39.39
C SER J 131 27.13 16.69 -39.87
N PHE J 132 26.03 17.30 -39.43
CA PHE J 132 24.72 16.72 -39.64
C PHE J 132 23.62 17.74 -39.37
N ASN J 133 22.45 17.46 -39.95
CA ASN J 133 21.29 18.35 -39.89
C ASN J 133 20.34 17.89 -38.79
N THR J 134 19.87 18.83 -37.99
CA THR J 134 18.90 18.53 -36.94
C THR J 134 17.81 19.59 -36.91
N THR J 135 16.82 19.36 -36.05
CA THR J 135 15.76 20.33 -35.80
C THR J 135 16.24 21.38 -34.82
N THR J 136 15.38 22.37 -34.59
CA THR J 136 15.71 23.48 -33.71
C THR J 136 14.48 23.83 -32.90
N GLU J 137 14.50 25.01 -32.28
CA GLU J 137 13.35 25.45 -31.50
C GLU J 137 12.10 25.64 -32.35
N LEU J 138 12.26 25.78 -33.66
CA LEU J 138 11.14 25.91 -34.58
C LEU J 138 11.13 24.71 -35.52
N ARG J 139 9.97 24.06 -35.64
CA ARG J 139 9.89 22.84 -36.43
C ARG J 139 9.94 23.07 -37.94
N ASP J 140 9.75 24.30 -38.40
CA ASP J 140 9.83 24.60 -39.82
C ASP J 140 11.22 25.00 -40.26
N LYS J 141 12.22 24.91 -39.39
CA LYS J 141 13.59 25.26 -39.72
C LYS J 141 14.52 24.17 -39.25
N LYS J 142 15.59 23.95 -40.02
CA LYS J 142 16.63 22.99 -39.69
C LYS J 142 17.94 23.72 -39.46
N GLN J 143 18.89 23.03 -38.82
CA GLN J 143 20.19 23.61 -38.53
C GLN J 143 21.28 22.60 -38.86
N LYS J 144 22.43 23.14 -39.25
CA LYS J 144 23.64 22.36 -39.47
C LYS J 144 24.52 22.47 -38.23
N VAL J 145 24.90 21.31 -37.67
CA VAL J 145 25.77 21.28 -36.51
C VAL J 145 26.89 20.28 -36.78
N TYR J 146 27.92 20.34 -35.94
CA TYR J 146 29.05 19.44 -36.06
C TYR J 146 29.49 19.00 -34.67
N ALA J 147 30.04 17.79 -34.61
CA ALA J 147 30.50 17.24 -33.35
C ALA J 147 31.56 16.17 -33.61
N LEU J 148 32.34 15.88 -32.59
CA LEU J 148 33.33 14.82 -32.65
C LEU J 148 32.72 13.54 -32.13
N PHE J 149 32.97 12.43 -32.83
CA PHE J 149 32.43 11.14 -32.46
C PHE J 149 33.51 10.08 -32.52
N TYR J 150 33.51 9.18 -31.54
CA TYR J 150 34.44 8.06 -31.58
C TYR J 150 33.95 7.03 -32.59
N LYS J 151 34.90 6.39 -33.30
CA LYS J 151 34.48 5.46 -34.34
C LYS J 151 33.80 4.22 -33.80
N LEU J 152 33.95 3.93 -32.50
CA LEU J 152 33.19 2.85 -31.92
C LEU J 152 31.71 3.17 -31.82
N ASP J 153 31.32 4.42 -32.02
CA ASP J 153 29.92 4.84 -32.03
C ASP J 153 29.40 5.07 -33.43
N ILE J 154 30.10 4.62 -34.45
CA ILE J 154 29.80 4.95 -35.84
C ILE J 154 29.76 3.67 -36.68
N VAL J 155 28.77 3.58 -37.56
CA VAL J 155 28.63 2.48 -38.50
C VAL J 155 28.53 3.04 -39.92
N PRO J 156 29.25 2.48 -40.88
CA PRO J 156 29.12 2.94 -42.26
C PRO J 156 27.80 2.51 -42.90
N LEU J 157 27.38 3.28 -43.89
CA LEU J 157 26.18 2.96 -44.66
C LEU J 157 26.49 2.23 -45.96
N SER J 158 27.59 2.57 -46.62
CA SER J 158 27.98 1.90 -47.85
C SER J 158 29.49 1.96 -47.99
N ASN J 159 30.04 0.99 -48.73
CA ASN J 159 31.49 0.93 -48.90
C ASN J 159 32.00 2.12 -49.71
N ASN J 160 31.38 2.38 -50.86
CA ASN J 160 31.76 3.50 -51.70
C ASN J 160 30.88 4.72 -51.42
N SER J 161 30.98 5.21 -50.19
CA SER J 161 30.18 6.33 -49.76
C SER J 161 30.89 7.03 -48.60
N SER J 162 30.41 8.22 -48.28
CA SER J 162 30.90 9.01 -47.16
C SER J 162 29.77 9.30 -46.19
N GLU J 163 28.97 8.28 -45.89
CA GLU J 163 27.85 8.40 -44.97
C GLU J 163 28.08 7.52 -43.76
N TYR J 164 27.56 7.96 -42.62
CA TYR J 164 27.77 7.28 -41.36
C TYR J 164 26.54 7.45 -40.50
N ARG J 165 26.32 6.52 -39.57
CA ARG J 165 25.24 6.65 -38.61
C ARG J 165 25.71 6.15 -37.25
N LEU J 166 24.89 6.37 -36.23
CA LEU J 166 25.22 5.86 -34.91
C LEU J 166 25.00 4.35 -34.86
N ILE J 167 25.59 3.71 -33.85
CA ILE J 167 25.48 2.26 -33.73
C ILE J 167 24.03 1.85 -33.57
N ASN J 168 23.39 2.31 -32.49
CA ASN J 168 22.05 1.88 -32.16
C ASN J 168 21.04 2.89 -32.68
N CYS J 169 20.96 2.95 -34.02
CA CYS J 169 19.89 3.69 -34.68
C CYS J 169 18.90 2.80 -35.39
N ASN J 170 19.24 1.54 -35.62
CA ASN J 170 18.33 0.58 -36.22
C ASN J 170 17.82 -0.46 -35.24
N THR J 171 18.47 -0.63 -34.09
CA THR J 171 18.10 -1.67 -33.15
C THR J 171 17.52 -1.16 -31.84
N SER J 172 17.62 0.13 -31.54
CA SER J 172 17.14 0.64 -30.27
C SER J 172 16.93 2.15 -30.38
N ALA J 173 16.59 2.77 -29.26
CA ALA J 173 16.43 4.21 -29.16
C ALA J 173 17.38 4.73 -28.10
N ILE J 174 18.11 5.79 -28.44
CA ILE J 174 19.17 6.30 -27.57
C ILE J 174 18.58 7.32 -26.60
N THR J 175 18.92 7.17 -25.33
CA THR J 175 18.56 8.15 -24.31
C THR J 175 19.83 8.72 -23.70
N GLN J 176 19.88 10.03 -23.55
CA GLN J 176 21.09 10.67 -23.04
C GLN J 176 21.22 10.48 -21.54
N ALA J 177 22.42 10.14 -21.11
CA ALA J 177 22.70 10.11 -19.67
C ALA J 177 22.39 11.47 -19.08
N CYS J 178 21.70 11.47 -17.95
CA CYS J 178 20.96 12.64 -17.54
C CYS J 178 21.89 13.53 -16.73
N PRO J 179 22.20 14.75 -17.19
CA PRO J 179 23.39 15.45 -16.68
C PRO J 179 23.34 15.77 -15.21
N LYS J 180 22.17 16.06 -14.65
CA LYS J 180 22.10 16.51 -13.27
C LYS J 180 22.17 15.37 -12.27
N VAL J 181 21.98 14.13 -12.68
CA VAL J 181 22.05 12.99 -11.77
C VAL J 181 23.42 12.35 -11.92
N SER J 182 23.89 11.74 -10.84
CA SER J 182 25.24 11.19 -10.76
C SER J 182 25.18 9.68 -10.69
N PHE J 183 25.90 9.01 -11.59
CA PHE J 183 25.98 7.55 -11.61
C PHE J 183 27.22 7.10 -10.85
N ASP J 184 27.29 7.53 -9.59
CA ASP J 184 28.43 7.23 -8.73
C ASP J 184 28.02 6.21 -7.69
N PRO J 185 28.68 5.06 -7.61
CA PRO J 185 28.33 4.08 -6.58
C PRO J 185 28.53 4.67 -5.18
N ILE J 186 27.59 4.36 -4.30
CA ILE J 186 27.69 4.74 -2.90
C ILE J 186 27.47 3.47 -2.07
N PRO J 187 27.99 3.39 -0.85
CA PRO J 187 27.72 2.21 -0.03
C PRO J 187 26.23 2.06 0.24
N ILE J 188 25.75 0.82 0.14
CA ILE J 188 24.35 0.49 0.34
C ILE J 188 24.29 -0.68 1.30
N HIS J 189 23.25 -0.70 2.14
CA HIS J 189 23.05 -1.77 3.11
C HIS J 189 21.70 -2.42 2.84
N TYR J 190 21.71 -3.72 2.58
CA TYR J 190 20.46 -4.47 2.49
C TYR J 190 19.97 -4.85 3.87
N CYS J 191 18.70 -4.59 4.14
CA CYS J 191 18.09 -4.69 5.45
C CYS J 191 16.86 -5.58 5.32
N THR J 192 16.68 -6.50 6.33
CA THR J 192 15.57 -7.43 6.49
C THR J 192 14.37 -6.75 7.14
N PRO J 193 13.17 -7.15 6.75
CA PRO J 193 11.96 -6.62 7.38
C PRO J 193 11.68 -7.34 8.69
N ALA J 194 10.56 -6.98 9.31
CA ALA J 194 10.16 -7.58 10.57
C ALA J 194 9.84 -9.05 10.39
N GLY J 195 10.17 -9.85 11.39
CA GLY J 195 9.92 -11.27 11.33
C GLY J 195 10.95 -12.07 10.59
N TYR J 196 12.03 -11.44 10.13
CA TYR J 196 13.08 -12.11 9.38
C TYR J 196 14.41 -11.79 10.02
N ALA J 197 15.45 -12.52 9.62
CA ALA J 197 16.78 -12.26 10.14
C ALA J 197 17.81 -12.66 9.10
N LEU J 198 19.01 -12.09 9.24
CA LEU J 198 20.14 -12.45 8.39
C LEU J 198 21.17 -13.19 9.23
N LEU J 199 21.65 -14.31 8.70
CA LEU J 199 22.70 -15.09 9.33
C LEU J 199 23.99 -14.89 8.54
N LYS J 200 25.07 -14.61 9.25
CA LYS J 200 26.37 -14.33 8.66
C LYS J 200 27.38 -15.38 9.10
N CYS J 201 28.11 -15.93 8.15
CA CYS J 201 29.19 -16.87 8.42
C CYS J 201 30.47 -16.10 8.72
N ASN J 202 31.01 -16.30 9.93
CA ASN J 202 32.25 -15.65 10.34
C ASN J 202 33.45 -16.58 10.27
N ASP J 203 33.27 -17.80 9.77
CA ASP J 203 34.38 -18.72 9.64
C ASP J 203 35.44 -18.15 8.70
N LYS J 204 36.70 -18.22 9.14
CA LYS J 204 37.79 -17.71 8.34
C LYS J 204 38.01 -18.59 7.12
N ARG J 205 38.26 -17.96 5.98
CA ARG J 205 38.51 -18.67 4.72
C ARG J 205 37.30 -19.52 4.32
N PHE J 206 36.19 -18.84 4.12
CA PHE J 206 34.95 -19.50 3.73
C PHE J 206 34.82 -19.49 2.22
N ASN J 207 34.60 -20.65 1.62
CA ASN J 207 34.42 -20.80 0.19
C ASN J 207 32.96 -20.90 -0.23
N GLY J 208 32.05 -20.58 0.67
CA GLY J 208 30.67 -20.33 0.32
C GLY J 208 29.74 -21.53 0.42
N THR J 209 30.26 -22.75 0.40
CA THR J 209 29.45 -23.95 0.46
C THR J 209 29.88 -24.80 1.64
N GLY J 210 28.89 -25.29 2.39
CA GLY J 210 29.16 -26.20 3.47
C GLY J 210 28.67 -25.70 4.81
N PRO J 211 29.07 -26.38 5.88
CA PRO J 211 28.68 -25.95 7.22
C PRO J 211 29.45 -24.72 7.67
N CYS J 212 28.85 -24.03 8.64
CA CYS J 212 29.45 -22.86 9.27
C CYS J 212 29.32 -23.05 10.77
N HIS J 213 30.45 -23.05 11.47
CA HIS J 213 30.50 -23.30 12.91
C HIS J 213 30.51 -22.03 13.75
N ASN J 214 30.72 -20.88 13.14
CA ASN J 214 30.70 -19.60 13.85
C ASN J 214 29.70 -18.71 13.11
N VAL J 215 28.51 -18.54 13.69
CA VAL J 215 27.40 -17.86 13.03
C VAL J 215 27.00 -16.65 13.84
N SER J 216 26.68 -15.56 13.15
CA SER J 216 26.19 -14.36 13.78
C SER J 216 24.85 -13.98 13.17
N THR J 217 24.06 -13.23 13.93
CA THR J 217 22.80 -12.71 13.43
C THR J 217 22.88 -11.19 13.32
N VAL J 218 22.29 -10.69 12.23
CA VAL J 218 22.23 -9.27 11.93
C VAL J 218 20.88 -8.95 11.30
N GLN J 219 20.63 -7.65 11.18
CA GLN J 219 19.45 -7.14 10.49
C GLN J 219 19.77 -6.46 9.19
N CYS J 220 21.01 -6.00 8.99
CA CYS J 220 21.37 -5.23 7.82
C CYS J 220 22.81 -5.55 7.44
N THR J 221 23.04 -5.73 6.13
CA THR J 221 24.35 -6.10 5.65
C THR J 221 25.32 -4.93 5.80
N HIS J 222 26.60 -5.22 5.60
CA HIS J 222 27.62 -4.19 5.65
C HIS J 222 27.59 -3.38 4.38
N GLY J 223 28.54 -2.46 4.25
CA GLY J 223 28.58 -1.56 3.10
C GLY J 223 28.81 -2.32 1.82
N ILE J 224 27.90 -2.22 0.87
CA ILE J 224 28.04 -2.83 -0.44
C ILE J 224 27.98 -1.73 -1.48
N LYS J 225 29.00 -1.69 -2.34
CA LYS J 225 29.04 -0.71 -3.40
C LYS J 225 28.65 -1.37 -4.72
N PRO J 226 27.54 -1.00 -5.33
CA PRO J 226 27.09 -1.64 -6.57
C PRO J 226 27.89 -1.20 -7.79
N VAL J 227 29.16 -1.59 -7.83
CA VAL J 227 30.04 -1.24 -8.92
C VAL J 227 29.92 -2.28 -10.02
N VAL J 228 29.79 -1.81 -11.25
CA VAL J 228 29.69 -2.69 -12.41
C VAL J 228 31.04 -2.68 -13.13
N SER J 229 31.67 -3.84 -13.23
CA SER J 229 32.96 -3.96 -13.89
C SER J 229 33.10 -5.36 -14.45
N THR J 230 34.02 -5.53 -15.38
CA THR J 230 34.29 -6.83 -15.99
C THR J 230 35.79 -7.11 -15.94
N GLN J 231 36.13 -8.38 -15.74
CA GLN J 231 37.49 -8.89 -15.81
C GLN J 231 38.37 -8.41 -14.67
N LEU J 232 37.85 -7.50 -13.84
CA LEU J 232 38.63 -6.96 -12.73
C LEU J 232 37.64 -6.40 -11.72
N LEU J 233 37.58 -7.01 -10.53
CA LEU J 233 36.71 -6.52 -9.49
C LEU J 233 37.35 -5.32 -8.81
N LEU J 234 36.60 -4.23 -8.70
CA LEU J 234 37.13 -2.96 -8.24
C LEU J 234 36.37 -2.49 -7.01
N ASN J 235 37.09 -1.84 -6.09
CA ASN J 235 36.50 -1.17 -4.94
C ASN J 235 35.68 -2.14 -4.08
N GLY J 236 36.25 -3.30 -3.81
CA GLY J 236 35.56 -4.30 -3.02
C GLY J 236 36.19 -4.56 -1.67
N SER J 237 35.43 -5.14 -0.76
CA SER J 237 35.97 -5.55 0.53
C SER J 237 36.98 -6.67 0.34
N LEU J 238 38.05 -6.64 1.13
CA LEU J 238 39.16 -7.54 0.95
C LEU J 238 38.98 -8.80 1.80
N ALA J 239 39.61 -9.88 1.36
CA ALA J 239 39.54 -11.13 2.10
C ALA J 239 40.22 -10.97 3.45
N GLU J 240 39.73 -11.73 4.43
CA GLU J 240 40.16 -11.53 5.81
C GLU J 240 41.61 -11.95 6.03
N LYS J 241 41.98 -13.15 5.57
CA LYS J 241 43.29 -13.69 5.87
C LYS J 241 44.13 -13.93 4.63
N GLU J 242 43.61 -14.67 3.65
CA GLU J 242 44.37 -14.95 2.44
C GLU J 242 43.39 -15.15 1.28
N ILE J 243 43.96 -15.43 0.10
CA ILE J 243 43.18 -15.45 -1.13
C ILE J 243 42.15 -16.59 -1.07
N ILE J 244 40.93 -16.27 -1.49
CA ILE J 244 39.82 -17.23 -1.52
C ILE J 244 39.43 -17.46 -2.97
N VAL J 245 39.40 -18.71 -3.38
CA VAL J 245 39.04 -19.08 -4.75
C VAL J 245 37.73 -19.85 -4.70
N ARG J 246 36.74 -19.40 -5.48
CA ARG J 246 35.43 -20.02 -5.42
C ARG J 246 34.79 -20.08 -6.80
N SER J 247 34.12 -21.20 -7.07
CA SER J 247 33.36 -21.34 -8.30
C SER J 247 32.22 -22.32 -8.06
N GLU J 248 31.15 -22.16 -8.85
CA GLU J 248 30.00 -23.02 -8.67
C GLU J 248 30.31 -24.47 -8.99
N ASN J 249 31.21 -24.70 -9.97
CA ASN J 249 31.59 -26.07 -10.32
C ASN J 249 33.00 -26.00 -10.93
N LEU J 250 34.00 -26.35 -10.13
CA LEU J 250 35.38 -26.29 -10.61
C LEU J 250 35.62 -27.29 -11.73
N THR J 251 35.03 -28.48 -11.64
CA THR J 251 35.27 -29.50 -12.66
C THR J 251 34.78 -29.03 -14.02
N ASN J 252 33.62 -28.38 -14.06
CA ASN J 252 33.19 -27.71 -15.28
C ASN J 252 34.11 -26.54 -15.59
N ASN J 253 34.27 -26.27 -16.88
CA ASN J 253 35.21 -25.25 -17.34
C ASN J 253 34.55 -23.95 -17.73
N VAL J 254 33.28 -23.98 -18.16
CA VAL J 254 32.61 -22.76 -18.59
C VAL J 254 32.31 -21.84 -17.41
N LYS J 255 32.24 -22.39 -16.20
CA LYS J 255 31.84 -21.59 -15.04
C LYS J 255 32.95 -20.62 -14.64
N THR J 256 32.53 -19.45 -14.17
CA THR J 256 33.47 -18.42 -13.75
C THR J 256 34.13 -18.78 -12.43
N ILE J 257 35.41 -18.45 -12.32
CA ILE J 257 36.18 -18.63 -11.09
C ILE J 257 36.44 -17.26 -10.50
N ILE J 258 35.95 -17.04 -9.27
CA ILE J 258 36.11 -15.79 -8.57
C ILE J 258 37.31 -15.91 -7.63
N VAL J 259 38.22 -14.95 -7.72
CA VAL J 259 39.41 -14.91 -6.87
C VAL J 259 39.34 -13.65 -6.03
N HIS J 260 39.40 -13.82 -4.71
CA HIS J 260 39.22 -12.76 -3.74
C HIS J 260 40.53 -12.57 -2.99
N LEU J 261 41.22 -11.47 -3.26
CA LEU J 261 42.55 -11.23 -2.71
C LEU J 261 42.46 -10.61 -1.33
N ASN J 262 43.58 -10.64 -0.61
CA ASN J 262 43.70 -9.97 0.67
C ASN J 262 44.55 -8.71 0.60
N LYS J 263 45.30 -8.50 -0.48
CA LYS J 263 46.07 -7.27 -0.68
C LYS J 263 45.48 -6.53 -1.87
N SER J 264 45.04 -5.30 -1.64
CA SER J 264 44.47 -4.51 -2.72
C SER J 264 45.58 -3.99 -3.62
N VAL J 265 45.30 -3.97 -4.93
CA VAL J 265 46.27 -3.48 -5.90
C VAL J 265 45.85 -2.09 -6.35
N GLU J 266 46.82 -1.24 -6.62
CA GLU J 266 46.55 0.15 -6.97
C GLU J 266 46.51 0.31 -8.49
N ILE J 267 45.35 0.73 -9.00
CA ILE J 267 45.17 1.04 -10.41
C ILE J 267 44.59 2.44 -10.52
N VAL J 268 45.35 3.34 -11.13
CA VAL J 268 44.92 4.71 -11.33
C VAL J 268 44.98 5.00 -12.82
N CYS J 269 43.94 5.63 -13.36
CA CYS J 269 43.96 5.81 -14.80
C CYS J 269 43.00 6.89 -15.27
N THR J 270 43.16 7.24 -16.54
CA THR J 270 42.75 8.56 -16.97
C THR J 270 42.58 8.64 -18.47
N ARG J 271 41.74 9.59 -18.88
CA ARG J 271 41.75 10.16 -20.21
C ARG J 271 42.31 11.56 -20.08
N PRO J 272 43.51 11.83 -20.61
CA PRO J 272 44.16 13.12 -20.37
C PRO J 272 43.88 14.20 -21.40
N GLY J 273 43.32 13.85 -22.55
CA GLY J 273 43.02 14.83 -23.58
C GLY J 273 42.06 15.91 -23.12
N ASN J 274 42.42 17.16 -23.35
CA ASN J 274 41.55 18.28 -23.01
C ASN J 274 40.43 18.38 -24.03
N ASN J 275 39.21 18.13 -23.59
CA ASN J 275 38.02 18.23 -24.42
C ASN J 275 37.23 19.47 -24.05
N THR J 276 36.27 19.80 -24.90
CA THR J 276 35.30 20.84 -24.61
C THR J 276 34.00 20.45 -25.26
N ARG J 277 32.90 20.64 -24.54
CA ARG J 277 31.58 20.17 -24.94
C ARG J 277 30.71 21.33 -25.37
N LYS J 278 29.96 21.13 -26.44
CA LYS J 278 29.04 22.13 -26.94
C LYS J 278 27.61 21.74 -26.62
N SER J 279 26.77 22.74 -26.38
CA SER J 279 25.35 22.52 -26.14
C SER J 279 24.61 22.75 -27.44
N ILE J 280 23.87 21.74 -27.89
CA ILE J 280 23.11 21.81 -29.14
C ILE J 280 21.64 21.71 -28.80
N ARG J 281 20.87 22.68 -29.26
CA ARG J 281 19.43 22.68 -29.03
C ARG J 281 18.78 21.80 -30.09
N ILE J 282 18.22 20.67 -29.66
CA ILE J 282 17.56 19.73 -30.55
C ILE J 282 16.06 19.78 -30.42
N GLY J 283 15.52 20.79 -29.74
CA GLY J 283 14.10 20.91 -29.57
C GLY J 283 13.75 21.94 -28.52
N PRO J 284 12.51 21.92 -28.06
CA PRO J 284 12.07 22.86 -27.01
C PRO J 284 12.60 22.47 -25.62
N GLY J 285 13.82 22.89 -25.34
CA GLY J 285 14.46 22.68 -24.06
C GLY J 285 15.35 21.47 -24.00
N GLN J 286 15.19 20.52 -24.91
CA GLN J 286 16.06 19.36 -24.97
C GLN J 286 17.38 19.75 -25.58
N THR J 287 18.46 19.63 -24.82
CA THR J 287 19.80 19.96 -25.28
C THR J 287 20.63 18.69 -25.36
N PHE J 288 21.46 18.60 -26.39
CA PHE J 288 22.31 17.45 -26.63
C PHE J 288 23.76 17.87 -26.54
N TYR J 289 24.49 17.29 -25.60
CA TYR J 289 25.89 17.62 -25.38
C TYR J 289 26.78 16.60 -26.08
N ALA J 290 27.79 17.11 -26.79
CA ALA J 290 28.70 16.26 -27.54
C ALA J 290 30.10 16.84 -27.43
N THR J 291 31.08 16.08 -27.91
CA THR J 291 32.47 16.48 -27.84
C THR J 291 32.70 17.63 -28.80
N GLY J 292 32.62 18.86 -28.30
CA GLY J 292 32.73 20.02 -29.17
C GLY J 292 34.08 20.10 -29.86
N ASP J 293 35.15 19.94 -29.10
CA ASP J 293 36.48 20.00 -29.69
C ASP J 293 37.48 19.37 -28.74
N ILE J 294 38.65 19.03 -29.28
CA ILE J 294 39.79 18.58 -28.50
C ILE J 294 40.95 19.52 -28.76
N ILE J 295 41.63 19.93 -27.69
CA ILE J 295 42.78 20.82 -27.81
C ILE J 295 43.93 20.24 -27.01
N GLY J 296 45.14 20.64 -27.39
CA GLY J 296 46.33 20.03 -26.83
C GLY J 296 46.79 18.85 -27.65
N ASP J 297 47.90 18.26 -27.22
CA ASP J 297 48.47 17.13 -27.91
C ASP J 297 47.54 15.92 -27.84
N ILE J 298 47.58 15.10 -28.89
CA ILE J 298 46.77 13.89 -28.94
C ILE J 298 47.31 12.89 -27.94
N ARG J 299 46.62 12.72 -26.82
CA ARG J 299 47.04 11.83 -25.75
C ARG J 299 45.99 10.75 -25.54
N GLN J 300 46.44 9.51 -25.39
CA GLN J 300 45.55 8.36 -25.36
C GLN J 300 45.16 8.00 -23.94
N ALA J 301 43.89 7.65 -23.76
CA ALA J 301 43.41 7.21 -22.44
C ALA J 301 44.06 5.90 -22.06
N HIS J 302 44.54 5.81 -20.83
CA HIS J 302 45.39 4.69 -20.43
C HIS J 302 45.24 4.43 -18.94
N CYS J 303 45.61 3.20 -18.54
CA CYS J 303 45.53 2.81 -17.14
C CYS J 303 46.88 2.36 -16.61
N ASN J 304 47.27 2.87 -15.44
CA ASN J 304 48.49 2.52 -14.75
C ASN J 304 48.19 1.61 -13.58
N ILE J 305 48.99 0.56 -13.43
CA ILE J 305 48.86 -0.37 -12.33
C ILE J 305 50.23 -0.57 -11.71
N SER J 306 50.28 -0.60 -10.37
CA SER J 306 51.57 -0.82 -9.71
C SER J 306 52.13 -2.19 -10.09
N ARG J 307 53.33 -2.19 -10.70
CA ARG J 307 53.83 -3.41 -11.31
C ARG J 307 54.27 -4.44 -10.27
N GLY J 308 55.03 -4.03 -9.27
CA GLY J 308 55.54 -4.98 -8.30
C GLY J 308 54.43 -5.65 -7.52
N ASP J 309 53.44 -4.88 -7.09
CA ASP J 309 52.29 -5.45 -6.41
C ASP J 309 51.56 -6.43 -7.32
N TRP J 310 51.47 -6.10 -8.61
CA TRP J 310 50.79 -7.01 -9.53
C TRP J 310 51.55 -8.32 -9.69
N GLU J 311 52.88 -8.26 -9.77
CA GLU J 311 53.64 -9.49 -9.85
C GLU J 311 53.46 -10.32 -8.59
N GLU J 312 53.47 -9.67 -7.43
CA GLU J 312 53.26 -10.40 -6.19
C GLU J 312 51.89 -11.05 -6.14
N THR J 313 50.85 -10.33 -6.58
CA THR J 313 49.51 -10.90 -6.51
C THR J 313 49.33 -12.01 -7.54
N LEU J 314 49.98 -11.92 -8.70
CA LEU J 314 49.95 -13.03 -9.64
C LEU J 314 50.61 -14.26 -9.04
N HIS J 315 51.74 -14.08 -8.37
CA HIS J 315 52.39 -15.23 -7.74
C HIS J 315 51.52 -15.84 -6.66
N ASN J 316 50.91 -15.01 -5.82
CA ASN J 316 50.05 -15.51 -4.76
C ASN J 316 48.86 -16.27 -5.33
N VAL J 317 48.21 -15.70 -6.34
CA VAL J 317 47.06 -16.35 -6.95
C VAL J 317 47.48 -17.65 -7.62
N ARG J 318 48.63 -17.66 -8.30
CA ARG J 318 49.06 -18.87 -8.97
C ARG J 318 49.30 -20.00 -7.98
N LYS J 319 50.06 -19.72 -6.93
CA LYS J 319 50.41 -20.82 -6.05
C LYS J 319 49.25 -21.19 -5.12
N ASN J 320 48.28 -20.30 -4.93
CA ASN J 320 47.05 -20.69 -4.23
C ASN J 320 46.18 -21.57 -5.12
N LEU J 321 46.04 -21.21 -6.39
CA LEU J 321 45.17 -21.96 -7.28
C LEU J 321 45.79 -23.28 -7.70
N ALA J 322 47.11 -23.43 -7.53
CA ALA J 322 47.73 -24.74 -7.77
C ALA J 322 47.20 -25.79 -6.82
N GLU J 323 46.64 -25.39 -5.68
CA GLU J 323 46.14 -26.36 -4.71
C GLU J 323 44.90 -27.07 -5.24
N HIS J 324 43.97 -26.33 -5.84
CA HIS J 324 42.72 -26.92 -6.28
C HIS J 324 42.88 -27.72 -7.57
N PHE J 325 44.00 -27.58 -8.27
CA PHE J 325 44.16 -28.18 -9.59
C PHE J 325 45.35 -29.13 -9.66
N GLN J 326 45.59 -29.88 -8.59
CA GLN J 326 46.58 -30.96 -8.56
C GLN J 326 47.96 -30.38 -8.87
N ASN J 327 48.82 -31.17 -9.52
CA ASN J 327 50.18 -30.77 -9.83
C ASN J 327 50.34 -30.12 -11.20
N LYS J 328 49.25 -29.92 -11.93
CA LYS J 328 49.33 -29.32 -13.26
C LYS J 328 49.71 -27.86 -13.16
N THR J 329 50.62 -27.44 -14.04
CA THR J 329 51.08 -26.06 -14.03
C THR J 329 50.00 -25.11 -14.53
N ILE J 330 50.10 -23.85 -14.09
CA ILE J 330 49.08 -22.85 -14.35
C ILE J 330 49.70 -21.72 -15.16
N GLN J 331 49.06 -21.36 -16.26
CA GLN J 331 49.49 -20.26 -17.12
C GLN J 331 48.35 -19.27 -17.30
N PHE J 332 48.70 -18.00 -17.43
CA PHE J 332 47.74 -16.93 -17.68
C PHE J 332 47.94 -16.40 -19.10
N ALA J 333 46.85 -16.14 -19.79
CA ALA J 333 46.91 -15.67 -21.17
C ALA J 333 45.81 -14.64 -21.40
N SER J 334 45.99 -13.86 -22.45
CA SER J 334 45.07 -12.76 -22.74
C SER J 334 43.71 -13.29 -23.20
N SER J 335 42.71 -12.43 -23.11
CA SER J 335 41.35 -12.82 -23.47
C SER J 335 41.25 -13.13 -24.96
N SER J 336 40.41 -14.09 -25.29
CA SER J 336 40.20 -14.48 -26.67
C SER J 336 39.48 -13.37 -27.44
N GLY J 337 39.62 -13.41 -28.76
CA GLY J 337 38.97 -12.41 -29.58
C GLY J 337 37.46 -12.50 -29.51
N GLY J 338 36.81 -11.35 -29.66
CA GLY J 338 35.36 -11.29 -29.59
C GLY J 338 34.90 -9.85 -29.53
N ASP J 339 33.67 -9.68 -29.04
CA ASP J 339 33.10 -8.36 -28.90
C ASP J 339 33.88 -7.53 -27.88
N LEU J 340 33.88 -6.22 -28.08
CA LEU J 340 34.66 -5.34 -27.20
C LEU J 340 34.13 -5.37 -25.77
N GLU J 341 32.83 -5.61 -25.60
CA GLU J 341 32.25 -5.62 -24.26
C GLU J 341 32.79 -6.76 -23.42
N ILE J 342 32.94 -7.94 -24.02
CA ILE J 342 33.25 -9.15 -23.25
C ILE J 342 34.75 -9.43 -23.28
N THR J 343 35.42 -9.03 -24.36
CA THR J 343 36.85 -9.33 -24.47
C THR J 343 37.68 -8.42 -23.58
N THR J 344 37.32 -7.15 -23.49
CA THR J 344 38.13 -6.16 -22.79
C THR J 344 37.56 -5.87 -21.41
N HIS J 345 38.45 -5.45 -20.50
CA HIS J 345 38.04 -5.00 -19.18
C HIS J 345 37.25 -3.70 -19.32
N SER J 346 36.21 -3.54 -18.49
CA SER J 346 35.32 -2.41 -18.67
C SER J 346 35.02 -1.77 -17.32
N PHE J 347 34.93 -0.44 -17.32
CA PHE J 347 34.55 0.27 -16.11
C PHE J 347 34.09 1.67 -16.47
N ASN J 348 33.70 2.41 -15.45
CA ASN J 348 33.18 3.77 -15.61
C ASN J 348 33.96 4.67 -14.66
N CYS J 349 34.24 5.88 -15.13
CA CYS J 349 34.96 6.87 -14.33
C CYS J 349 34.35 8.23 -14.60
N ARG J 350 33.68 8.78 -13.59
CA ARG J 350 33.04 10.09 -13.67
C ARG J 350 32.08 10.18 -14.85
N GLY J 351 31.47 9.07 -15.22
CA GLY J 351 30.52 9.02 -16.30
C GLY J 351 31.08 8.57 -17.63
N GLU J 352 32.40 8.57 -17.78
CA GLU J 352 33.02 8.15 -19.03
C GLU J 352 33.29 6.66 -18.99
N PHE J 353 32.93 5.96 -20.06
CA PHE J 353 32.93 4.51 -20.10
C PHE J 353 34.19 4.02 -20.79
N PHE J 354 35.09 3.42 -20.00
CA PHE J 354 36.39 2.97 -20.47
C PHE J 354 36.34 1.47 -20.75
N TYR J 355 36.77 1.10 -21.95
CA TYR J 355 37.04 -0.29 -22.32
C TYR J 355 38.55 -0.41 -22.51
N CYS J 356 39.20 -1.07 -21.56
CA CYS J 356 40.65 -1.22 -21.55
C CYS J 356 41.03 -2.62 -22.05
N ASN J 357 41.99 -2.66 -22.95
CA ASN J 357 42.56 -3.90 -23.46
C ASN J 357 43.65 -4.33 -22.50
N THR J 358 43.38 -5.37 -21.71
CA THR J 358 44.35 -5.92 -20.77
C THR J 358 44.95 -7.16 -21.41
N SER J 359 45.91 -6.95 -22.30
CA SER J 359 46.64 -8.05 -22.92
C SER J 359 48.02 -8.24 -22.33
N GLY J 360 48.35 -7.50 -21.27
CA GLY J 360 49.66 -7.61 -20.66
C GLY J 360 49.56 -7.88 -19.17
N LEU J 361 48.39 -7.58 -18.60
CA LEU J 361 48.17 -7.85 -17.19
C LEU J 361 48.16 -9.34 -16.91
N PHE J 362 47.39 -10.09 -17.69
CA PHE J 362 47.25 -11.53 -17.53
C PHE J 362 48.14 -12.28 -18.50
N ASN J 363 49.33 -11.74 -18.74
CA ASN J 363 50.33 -12.32 -19.62
C ASN J 363 51.50 -12.75 -18.73
N SER J 364 51.51 -14.02 -18.35
CA SER J 364 52.56 -14.56 -17.49
C SER J 364 52.61 -16.07 -17.69
N THR J 365 53.33 -16.75 -16.81
CA THR J 365 53.43 -18.20 -16.86
C THR J 365 53.82 -18.76 -15.50
N LEU J 379 58.51 0.27 -13.51
CA LEU J 379 57.90 0.01 -12.21
C LEU J 379 56.37 0.13 -12.25
N THR J 380 55.83 0.60 -13.37
CA THR J 380 54.39 0.70 -13.55
C THR J 380 54.00 0.06 -14.87
N ILE J 381 52.92 -0.71 -14.85
CA ILE J 381 52.45 -1.38 -16.05
C ILE J 381 51.30 -0.57 -16.63
N THR J 382 51.37 -0.31 -17.94
CA THR J 382 50.46 0.59 -18.62
C THR J 382 49.64 -0.20 -19.63
N ILE J 383 48.33 0.00 -19.61
CA ILE J 383 47.47 -0.68 -20.56
C ILE J 383 46.66 0.35 -21.36
N PRO J 384 46.45 0.12 -22.66
CA PRO J 384 45.63 1.03 -23.44
C PRO J 384 44.17 0.94 -23.04
N CYS J 385 43.45 2.04 -23.27
CA CYS J 385 42.04 2.12 -22.93
C CYS J 385 41.32 2.97 -23.96
N ARG J 386 40.48 2.33 -24.78
CA ARG J 386 39.56 3.10 -25.59
C ARG J 386 38.36 3.50 -24.74
N ILE J 387 37.59 4.47 -25.22
CA ILE J 387 36.39 4.87 -24.50
C ILE J 387 35.22 4.87 -25.47
N LYS J 388 34.02 4.70 -24.93
CA LYS J 388 32.83 4.62 -25.76
C LYS J 388 31.71 5.45 -25.15
N GLN J 389 30.85 5.98 -26.01
CA GLN J 389 29.75 6.84 -25.59
C GLN J 389 28.40 6.15 -25.65
N ILE J 390 28.08 5.51 -26.77
CA ILE J 390 26.83 4.76 -26.88
C ILE J 390 26.99 3.43 -26.18
N ILE J 391 26.57 3.36 -24.92
CA ILE J 391 26.79 2.19 -24.08
C ILE J 391 25.49 1.41 -24.00
N ASN J 392 25.53 0.15 -24.39
CA ASN J 392 24.35 -0.72 -24.36
C ASN J 392 24.67 -1.84 -23.38
N MET J 393 24.46 -1.57 -22.10
CA MET J 393 24.67 -2.55 -21.05
C MET J 393 23.33 -3.14 -20.62
N TRP J 394 23.37 -4.00 -19.61
CA TRP J 394 22.27 -4.82 -19.14
C TRP J 394 21.85 -5.89 -20.13
N GLN J 395 22.52 -6.00 -21.28
CA GLN J 395 22.32 -7.06 -22.26
C GLN J 395 20.88 -7.18 -22.73
N GLU J 396 20.08 -6.14 -22.57
CA GLU J 396 18.73 -6.14 -23.13
C GLU J 396 18.76 -5.48 -24.50
N VAL J 397 17.60 -5.43 -25.15
CA VAL J 397 17.48 -4.86 -26.48
C VAL J 397 16.41 -3.77 -26.44
N GLY J 398 16.57 -2.78 -27.31
CA GLY J 398 15.65 -1.67 -27.38
C GLY J 398 15.98 -0.50 -26.48
N ARG J 399 16.98 -0.64 -25.60
CA ARG J 399 17.38 0.43 -24.71
C ARG J 399 18.88 0.64 -24.83
N ALA J 400 19.29 1.89 -25.02
CA ALA J 400 20.71 2.22 -25.08
C ALA J 400 20.90 3.65 -24.62
N MET J 401 22.05 3.92 -24.02
CA MET J 401 22.29 5.19 -23.36
C MET J 401 23.52 5.87 -23.92
N TYR J 402 23.50 7.19 -23.88
CA TYR J 402 24.56 8.05 -24.40
C TYR J 402 25.12 8.87 -23.26
N ALA J 403 26.44 8.80 -23.06
CA ALA J 403 27.06 9.46 -21.93
C ALA J 403 27.75 10.74 -22.39
N PRO J 404 27.28 11.91 -21.99
CA PRO J 404 27.94 13.15 -22.41
C PRO J 404 29.34 13.25 -21.86
N PRO J 405 30.27 13.81 -22.62
CA PRO J 405 31.65 13.89 -22.14
C PRO J 405 31.81 14.98 -21.10
N ILE J 406 32.56 14.65 -20.04
CA ILE J 406 32.93 15.64 -19.04
C ILE J 406 33.85 16.67 -19.69
N ALA J 407 33.73 17.93 -19.26
CA ALA J 407 34.41 19.02 -19.94
C ALA J 407 35.92 18.80 -19.98
N GLY J 408 36.57 18.79 -18.82
CA GLY J 408 38.00 18.65 -18.76
C GLY J 408 38.43 17.20 -18.87
N ASN J 409 39.72 16.97 -18.61
CA ASN J 409 40.24 15.62 -18.59
C ASN J 409 39.71 14.88 -17.37
N ILE J 410 39.84 13.55 -17.41
CA ILE J 410 39.28 12.69 -16.37
C ILE J 410 40.38 11.80 -15.82
N THR J 411 40.49 11.72 -14.50
CA THR J 411 41.46 10.86 -13.84
C THR J 411 40.88 10.32 -12.55
N CYS J 412 41.05 9.02 -12.31
CA CYS J 412 40.51 8.43 -11.09
C CYS J 412 41.32 7.21 -10.68
N LYS J 413 41.39 6.98 -9.38
CA LYS J 413 42.20 5.93 -8.78
C LYS J 413 41.30 4.96 -8.02
N SER J 414 41.66 3.68 -8.05
CA SER J 414 40.83 2.66 -7.44
C SER J 414 41.68 1.45 -7.05
N ASN J 415 41.05 0.56 -6.30
CA ASN J 415 41.66 -0.67 -5.82
C ASN J 415 41.13 -1.85 -6.61
N ILE J 416 42.03 -2.63 -7.18
CA ILE J 416 41.70 -3.96 -7.66
C ILE J 416 41.64 -4.87 -6.45
N THR J 417 40.48 -5.46 -6.19
CA THR J 417 40.28 -6.33 -5.05
C THR J 417 39.84 -7.74 -5.43
N GLY J 418 39.79 -8.07 -6.71
CA GLY J 418 39.39 -9.41 -7.10
C GLY J 418 39.65 -9.62 -8.58
N LEU J 419 39.57 -10.89 -8.97
CA LEU J 419 39.74 -11.30 -10.35
C LEU J 419 38.64 -12.27 -10.73
N LEU J 420 38.26 -12.23 -12.01
CA LEU J 420 37.33 -13.20 -12.57
C LEU J 420 38.06 -13.93 -13.70
N LEU J 421 38.36 -15.20 -13.47
CA LEU J 421 39.14 -15.99 -14.41
C LEU J 421 38.30 -17.14 -14.94
N VAL J 422 38.60 -17.56 -16.17
CA VAL J 422 37.87 -18.63 -16.84
C VAL J 422 38.86 -19.66 -17.33
N ARG J 423 38.55 -20.94 -17.10
CA ARG J 423 39.40 -22.04 -17.52
C ARG J 423 39.12 -22.39 -18.97
N ASP J 424 40.18 -22.64 -19.73
CA ASP J 424 40.02 -23.02 -21.13
C ASP J 424 39.74 -24.51 -21.24
N GLY J 425 38.71 -24.85 -22.01
CA GLY J 425 38.31 -26.24 -22.16
C GLY J 425 39.18 -26.98 -23.14
N GLY J 426 38.85 -28.25 -23.32
CA GLY J 426 39.57 -29.11 -24.24
C GLY J 426 40.84 -29.66 -23.64
N LYS J 427 41.10 -30.94 -23.87
CA LYS J 427 42.31 -31.58 -23.36
C LYS J 427 43.45 -31.45 -24.36
N GLU J 428 43.83 -30.19 -24.62
CA GLU J 428 44.92 -29.92 -25.54
C GLU J 428 46.22 -30.51 -25.02
N SER J 429 46.49 -30.35 -23.72
CA SER J 429 47.66 -30.94 -23.09
C SER J 429 47.28 -31.46 -21.72
N ASN J 430 48.06 -32.43 -21.25
CA ASN J 430 47.88 -32.97 -19.91
C ASN J 430 48.90 -32.43 -18.92
N SER J 431 49.63 -31.38 -19.29
CA SER J 431 50.67 -30.81 -18.44
C SER J 431 50.33 -29.45 -17.86
N THR J 432 49.79 -28.54 -18.66
CA THR J 432 49.53 -27.18 -18.23
C THR J 432 48.07 -26.84 -18.48
N GLU J 433 47.47 -26.10 -17.56
CA GLU J 433 46.11 -25.62 -17.71
C GLU J 433 46.13 -24.11 -17.72
N ILE J 434 45.56 -23.50 -18.76
CA ILE J 434 45.72 -22.08 -19.05
C ILE J 434 44.42 -21.35 -18.75
N PHE J 435 44.53 -20.20 -18.12
CA PHE J 435 43.39 -19.41 -17.68
C PHE J 435 43.32 -18.10 -18.46
N ARG J 436 42.13 -17.54 -18.55
CA ARG J 436 41.87 -16.34 -19.33
C ARG J 436 41.04 -15.35 -18.52
N PRO J 437 41.07 -14.07 -18.90
CA PRO J 437 40.11 -13.12 -18.37
C PRO J 437 38.70 -13.57 -18.73
N GLY J 438 37.75 -13.29 -17.86
CA GLY J 438 36.39 -13.68 -18.12
C GLY J 438 35.35 -12.76 -17.53
N GLY J 439 34.30 -12.48 -18.29
CA GLY J 439 33.22 -11.66 -17.79
C GLY J 439 32.01 -12.49 -17.43
N GLY J 440 31.02 -12.50 -18.32
CA GLY J 440 29.82 -13.28 -18.08
C GLY J 440 28.76 -12.53 -17.32
N ASP J 441 28.07 -13.21 -16.42
CA ASP J 441 26.96 -12.61 -15.70
C ASP J 441 27.46 -11.52 -14.76
N MET J 442 26.70 -10.42 -14.71
CA MET J 442 27.05 -9.33 -13.82
C MET J 442 26.91 -9.71 -12.35
N ARG J 443 26.11 -10.74 -12.05
CA ARG J 443 25.88 -11.11 -10.66
C ARG J 443 27.17 -11.52 -9.98
N ASP J 444 28.12 -12.07 -10.73
CA ASP J 444 29.40 -12.46 -10.15
C ASP J 444 30.13 -11.27 -9.55
N ASN J 445 29.84 -10.05 -10.00
CA ASN J 445 30.46 -8.88 -9.41
C ASN J 445 29.98 -8.62 -7.99
N TRP J 446 28.81 -9.14 -7.62
CA TRP J 446 28.24 -8.89 -6.30
C TRP J 446 28.28 -10.09 -5.37
N ARG J 447 28.42 -11.30 -5.90
CA ARG J 447 28.48 -12.48 -5.04
C ARG J 447 29.60 -12.36 -4.02
N SER J 448 30.73 -11.80 -4.43
CA SER J 448 31.87 -11.67 -3.54
C SER J 448 31.56 -10.81 -2.32
N GLU J 449 30.50 -10.01 -2.37
CA GLU J 449 30.12 -9.20 -1.23
C GLU J 449 28.91 -9.75 -0.49
N LEU J 450 28.22 -10.75 -1.03
CA LEU J 450 26.96 -11.21 -0.45
C LEU J 450 26.97 -12.70 -0.13
N TYR J 451 28.14 -13.32 -0.09
CA TYR J 451 28.23 -14.76 0.09
C TYR J 451 28.20 -15.19 1.55
N LYS J 452 28.27 -14.25 2.49
CA LYS J 452 28.23 -14.60 3.90
C LYS J 452 26.81 -14.65 4.46
N TYR J 453 25.81 -14.22 3.70
CA TYR J 453 24.51 -13.88 4.27
C TYR J 453 23.45 -14.88 3.85
N LYS J 454 22.55 -15.18 4.79
CA LYS J 454 21.41 -16.06 4.58
C LYS J 454 20.18 -15.41 5.19
N VAL J 455 19.02 -15.62 4.57
CA VAL J 455 17.77 -15.04 5.04
C VAL J 455 16.94 -16.14 5.69
N VAL J 456 16.43 -15.88 6.89
CA VAL J 456 15.66 -16.88 7.63
C VAL J 456 14.41 -16.25 8.22
N GLU J 457 13.30 -16.98 8.12
CA GLU J 457 12.04 -16.63 8.79
C GLU J 457 12.02 -17.22 10.19
N ILE J 458 11.21 -16.62 11.06
CA ILE J 458 11.15 -16.98 12.47
C ILE J 458 9.78 -17.55 12.78
N LYS J 459 9.76 -18.74 13.37
CA LYS J 459 8.51 -19.28 13.92
C LYS J 459 8.52 -19.12 15.42
N PRO J 460 7.61 -18.31 15.99
CA PRO J 460 7.67 -18.02 17.42
C PRO J 460 6.78 -18.89 18.31
N LEU J 461 5.98 -19.78 17.74
CA LEU J 461 5.01 -20.55 18.50
C LEU J 461 5.47 -21.99 18.64
N GLY J 462 5.49 -22.49 19.88
CA GLY J 462 5.90 -23.85 20.12
C GLY J 462 5.00 -24.51 21.16
N VAL J 463 5.07 -25.84 21.22
CA VAL J 463 4.31 -26.63 22.17
C VAL J 463 5.25 -27.63 22.83
N ALA J 464 5.05 -27.87 24.12
CA ALA J 464 5.91 -28.83 24.81
C ALA J 464 5.18 -29.40 26.02
N PRO J 465 5.47 -30.64 26.42
CA PRO J 465 4.84 -31.19 27.62
C PRO J 465 5.56 -30.74 28.88
N THR J 466 4.79 -30.51 29.93
CA THR J 466 5.34 -30.07 31.22
C THR J 466 4.42 -30.54 32.34
N GLU J 467 4.93 -30.43 33.56
CA GLU J 467 4.18 -30.94 34.71
C GLU J 467 3.05 -30.00 35.12
N CYS J 468 3.10 -28.77 34.64
CA CYS J 468 2.02 -27.82 34.90
C CYS J 468 0.67 -28.35 34.40
N LYS J 469 -0.35 -28.17 35.22
CA LYS J 469 -1.70 -28.68 34.98
C LYS J 469 -2.78 -27.62 35.17
N ARG J 470 -2.58 -26.67 36.09
CA ARG J 470 -3.66 -25.95 36.74
C ARG J 470 -4.63 -25.23 35.80
N ARG J 471 -4.16 -24.81 34.64
CA ARG J 471 -5.02 -24.04 33.75
C ARG J 471 -5.13 -24.70 32.38
N ASN K 1 -32.67 -13.51 37.26
CA ASN K 1 -32.39 -12.32 36.45
C ASN K 1 -31.38 -12.63 35.34
N LEU K 2 -31.33 -11.78 34.33
CA LEU K 2 -30.54 -12.01 33.13
C LEU K 2 -29.52 -10.89 32.96
N TRP K 3 -28.35 -11.25 32.47
CA TRP K 3 -27.26 -10.31 32.26
C TRP K 3 -26.77 -10.37 30.82
N VAL K 4 -26.12 -9.30 30.39
CA VAL K 4 -25.62 -9.21 29.02
C VAL K 4 -24.41 -10.10 28.83
N THR K 5 -24.40 -10.85 27.74
CA THR K 5 -23.29 -11.72 27.37
C THR K 5 -22.88 -11.39 25.94
N VAL K 6 -21.59 -11.13 25.75
CA VAL K 6 -21.07 -10.84 24.42
C VAL K 6 -20.61 -12.12 23.76
N TYR K 7 -20.67 -12.14 22.44
CA TYR K 7 -20.30 -13.31 21.64
C TYR K 7 -19.49 -12.83 20.45
N TYR K 8 -18.40 -13.53 20.16
CA TYR K 8 -17.55 -13.24 19.02
C TYR K 8 -17.53 -14.43 18.09
N GLY K 9 -17.76 -14.18 16.80
CA GLY K 9 -17.88 -15.24 15.83
C GLY K 9 -19.30 -15.58 15.43
N VAL K 10 -20.26 -14.71 15.71
CA VAL K 10 -21.66 -14.96 15.36
C VAL K 10 -21.82 -15.01 13.85
N PRO K 11 -22.64 -15.91 13.32
CA PRO K 11 -22.93 -15.94 11.86
C PRO K 11 -24.04 -15.03 11.37
N VAL K 12 -23.74 -13.74 11.22
CA VAL K 12 -24.67 -12.79 10.63
C VAL K 12 -23.94 -11.98 9.56
N TRP K 13 -24.65 -11.67 8.48
CA TRP K 13 -24.06 -11.01 7.33
C TRP K 13 -24.93 -9.87 6.83
N LYS K 14 -24.28 -8.91 6.18
CA LYS K 14 -24.92 -7.84 5.44
C LYS K 14 -24.63 -7.98 3.95
N GLU K 15 -25.48 -7.40 3.13
CA GLU K 15 -25.19 -7.24 1.71
C GLU K 15 -24.24 -6.06 1.53
N ALA K 16 -23.13 -6.27 0.83
CA ALA K 16 -22.16 -5.21 0.67
C ALA K 16 -21.34 -5.43 -0.59
N THR K 17 -20.67 -4.37 -1.02
CA THR K 17 -19.89 -4.36 -2.25
C THR K 17 -18.43 -4.11 -1.92
N THR K 18 -17.55 -4.95 -2.46
CA THR K 18 -16.13 -4.81 -2.24
C THR K 18 -15.40 -5.09 -3.55
N THR K 19 -14.10 -4.81 -3.55
CA THR K 19 -13.25 -5.10 -4.71
C THR K 19 -12.71 -6.51 -4.55
N LEU K 20 -13.23 -7.43 -5.35
CA LEU K 20 -12.71 -8.79 -5.37
C LEU K 20 -11.38 -8.81 -6.11
N PHE K 21 -10.63 -9.89 -5.92
CA PHE K 21 -9.41 -10.08 -6.70
C PHE K 21 -9.57 -11.31 -7.58
N CYS K 22 -8.57 -11.55 -8.43
CA CYS K 22 -8.68 -12.61 -9.42
C CYS K 22 -7.51 -13.58 -9.27
N ALA K 23 -7.77 -14.84 -9.60
CA ALA K 23 -6.78 -15.89 -9.48
C ALA K 23 -6.89 -16.83 -10.67
N SER K 24 -5.78 -17.46 -11.01
CA SER K 24 -5.69 -18.34 -12.17
C SER K 24 -4.99 -19.63 -11.78
N ASP K 25 -5.32 -20.70 -12.50
CA ASP K 25 -4.74 -22.00 -12.23
C ASP K 25 -3.50 -22.23 -13.09
N HIS K 34 3.97 -13.44 -21.67
CA HIS K 34 2.99 -14.17 -22.46
C HIS K 34 1.58 -13.66 -22.22
N ASN K 35 0.74 -14.52 -21.67
CA ASN K 35 -0.67 -14.18 -21.51
C ASN K 35 -0.87 -13.10 -20.45
N VAL K 36 -1.89 -12.28 -20.65
CA VAL K 36 -2.08 -11.10 -19.83
C VAL K 36 -2.95 -11.35 -18.60
N TRP K 37 -3.82 -12.36 -18.64
CA TRP K 37 -4.74 -12.58 -17.53
C TRP K 37 -4.10 -13.34 -16.38
N ALA K 38 -2.95 -13.97 -16.60
CA ALA K 38 -2.34 -14.84 -15.59
C ALA K 38 -1.04 -14.26 -15.05
N THR K 39 -0.09 -13.94 -15.91
CA THR K 39 1.22 -13.49 -15.45
C THR K 39 1.22 -12.04 -14.98
N HIS K 40 0.16 -11.28 -15.23
CA HIS K 40 0.13 -9.88 -14.84
C HIS K 40 -1.17 -9.43 -14.18
N ALA K 41 -2.15 -10.30 -14.04
CA ALA K 41 -3.41 -9.83 -13.47
C ALA K 41 -3.90 -10.67 -12.31
N CYS K 42 -3.75 -11.98 -12.37
CA CYS K 42 -4.35 -12.88 -11.39
C CYS K 42 -3.27 -13.60 -10.60
N VAL K 43 -3.60 -13.87 -9.33
CA VAL K 43 -2.65 -14.50 -8.41
C VAL K 43 -2.57 -15.99 -8.74
N PRO K 44 -1.37 -16.55 -8.92
CA PRO K 44 -1.24 -17.96 -9.32
C PRO K 44 -1.49 -18.92 -8.16
N THR K 45 -2.72 -18.90 -7.63
CA THR K 45 -3.09 -19.78 -6.54
C THR K 45 -4.46 -20.37 -6.79
N ASP K 46 -4.57 -21.68 -6.56
CA ASP K 46 -5.85 -22.37 -6.50
C ASP K 46 -5.66 -23.72 -5.80
N PRO K 47 -5.23 -23.73 -4.52
CA PRO K 47 -4.86 -25.00 -3.89
C PRO K 47 -6.03 -25.95 -3.66
N ASN K 48 -7.06 -25.49 -2.95
CA ASN K 48 -8.18 -26.34 -2.58
C ASN K 48 -9.40 -25.52 -2.19
N PRO K 49 -10.25 -25.15 -3.14
CA PRO K 49 -11.42 -24.33 -2.81
C PRO K 49 -12.33 -25.04 -1.82
N GLN K 50 -12.93 -24.25 -0.92
CA GLN K 50 -13.83 -24.76 0.11
C GLN K 50 -15.24 -24.26 -0.18
N GLU K 51 -16.18 -25.19 -0.27
CA GLU K 51 -17.58 -24.87 -0.52
C GLU K 51 -18.43 -25.72 0.40
N MET K 52 -19.48 -25.13 0.97
CA MET K 52 -20.38 -25.99 1.74
C MET K 52 -21.80 -25.46 1.71
N VAL K 53 -22.75 -26.37 1.80
CA VAL K 53 -24.17 -26.04 1.81
C VAL K 53 -24.56 -25.52 3.18
N LEU K 54 -25.41 -24.50 3.20
CA LEU K 54 -25.94 -23.92 4.44
C LEU K 54 -27.37 -24.41 4.60
N GLU K 55 -27.64 -25.09 5.71
CA GLU K 55 -28.96 -25.67 5.91
C GLU K 55 -29.92 -24.65 6.51
N ASN K 56 -31.19 -24.81 6.19
CA ASN K 56 -32.31 -24.07 6.77
C ASN K 56 -32.27 -22.58 6.47
N VAL K 57 -31.45 -22.14 5.51
CA VAL K 57 -31.31 -20.72 5.20
C VAL K 57 -31.82 -20.48 3.80
N THR K 58 -32.47 -19.34 3.61
CA THR K 58 -32.96 -18.90 2.31
C THR K 58 -32.52 -17.46 2.07
N GLU K 59 -32.11 -17.15 0.85
CA GLU K 59 -31.54 -15.83 0.58
C GLU K 59 -32.03 -15.29 -0.75
N ASN K 60 -32.28 -13.97 -0.78
CA ASN K 60 -32.77 -13.34 -1.99
C ASN K 60 -31.62 -13.00 -2.94
N PHE K 61 -31.86 -13.19 -4.23
CA PHE K 61 -30.88 -12.89 -5.26
C PHE K 61 -31.48 -12.04 -6.36
N ASN K 62 -30.61 -11.23 -6.97
CA ASN K 62 -30.99 -10.36 -8.08
C ASN K 62 -29.73 -10.11 -8.90
N MET K 63 -29.65 -10.70 -10.09
CA MET K 63 -28.43 -10.55 -10.88
C MET K 63 -28.30 -9.15 -11.46
N TRP K 64 -29.39 -8.41 -11.59
CA TRP K 64 -29.38 -7.19 -12.38
C TRP K 64 -28.81 -6.01 -11.63
N LYS K 65 -28.68 -6.09 -10.31
CA LYS K 65 -27.99 -5.06 -9.57
C LYS K 65 -26.81 -5.65 -8.80
N ASN K 66 -26.04 -6.50 -9.46
CA ASN K 66 -24.84 -7.08 -8.89
C ASN K 66 -23.63 -6.28 -9.38
N GLU K 67 -22.75 -5.92 -8.46
CA GLU K 67 -21.59 -5.12 -8.81
C GLU K 67 -20.45 -5.94 -9.38
N MET K 68 -20.53 -7.26 -9.30
CA MET K 68 -19.44 -8.09 -9.78
C MET K 68 -19.26 -7.96 -11.29
N VAL K 69 -20.36 -7.86 -12.03
CA VAL K 69 -20.24 -7.70 -13.48
C VAL K 69 -19.58 -6.38 -13.82
N ASN K 70 -19.93 -5.32 -13.11
CA ASN K 70 -19.30 -4.02 -13.35
C ASN K 70 -17.80 -4.08 -13.06
N GLN K 71 -17.43 -4.72 -11.95
CA GLN K 71 -16.03 -4.84 -11.61
C GLN K 71 -15.29 -5.65 -12.67
N MET K 72 -15.91 -6.73 -13.16
CA MET K 72 -15.27 -7.54 -14.17
C MET K 72 -15.07 -6.77 -15.46
N HIS K 73 -16.08 -6.01 -15.87
CA HIS K 73 -15.97 -5.21 -17.09
C HIS K 73 -14.86 -4.18 -16.96
N GLU K 74 -14.78 -3.50 -15.82
CA GLU K 74 -13.71 -2.53 -15.62
C GLU K 74 -12.34 -3.19 -15.66
N ASP K 75 -12.21 -4.37 -15.03
CA ASP K 75 -10.92 -5.06 -15.04
C ASP K 75 -10.53 -5.47 -16.45
N VAL K 76 -11.49 -5.95 -17.24
CA VAL K 76 -11.20 -6.33 -18.62
C VAL K 76 -10.69 -5.13 -19.40
N ILE K 77 -11.40 -4.01 -19.28
CA ILE K 77 -10.99 -2.80 -20.00
C ILE K 77 -9.58 -2.40 -19.61
N SER K 78 -9.31 -2.38 -18.30
CA SER K 78 -7.99 -1.90 -17.85
C SER K 78 -6.88 -2.85 -18.26
N LEU K 79 -7.15 -4.15 -18.28
CA LEU K 79 -6.12 -5.10 -18.71
C LEU K 79 -5.79 -4.93 -20.19
N TRP K 80 -6.81 -4.79 -21.05
CA TRP K 80 -6.51 -4.51 -22.45
C TRP K 80 -5.74 -3.20 -22.60
N ASP K 81 -6.11 -2.18 -21.84
CA ASP K 81 -5.40 -0.91 -21.94
C ASP K 81 -3.93 -1.07 -21.58
N GLN K 82 -3.65 -1.71 -20.44
CA GLN K 82 -2.27 -1.86 -20.00
C GLN K 82 -1.49 -2.79 -20.91
N SER K 83 -2.15 -3.74 -21.56
CA SER K 83 -1.47 -4.57 -22.54
C SER K 83 -1.08 -3.77 -23.77
N LEU K 84 -1.98 -2.91 -24.26
CA LEU K 84 -1.68 -2.16 -25.48
C LEU K 84 -0.79 -0.95 -25.23
N LYS K 85 -0.62 -0.53 -23.98
CA LYS K 85 0.23 0.64 -23.72
C LYS K 85 1.69 0.46 -24.11
N PRO K 86 2.43 -0.54 -23.60
CA PRO K 86 3.88 -0.48 -23.69
C PRO K 86 4.51 -1.13 -24.93
N CYS K 87 4.05 -0.79 -26.13
CA CYS K 87 4.75 -1.20 -27.35
C CYS K 87 4.21 -0.39 -28.53
N VAL K 88 4.52 -0.89 -29.73
CA VAL K 88 4.63 -0.06 -30.93
C VAL K 88 3.37 0.79 -31.14
N LYS K 89 3.59 2.04 -31.55
CA LYS K 89 2.54 2.98 -31.88
C LYS K 89 2.58 3.25 -33.38
N LEU K 90 1.41 3.33 -34.01
CA LEU K 90 1.31 3.43 -35.46
C LEU K 90 0.97 4.84 -35.93
N THR K 91 1.51 5.86 -35.26
CA THR K 91 1.29 7.23 -35.72
C THR K 91 1.81 7.49 -37.13
N PRO K 92 3.04 7.12 -37.50
CA PRO K 92 3.52 7.48 -38.84
C PRO K 92 2.95 6.63 -39.95
N LEU K 93 2.07 5.67 -39.66
CA LEU K 93 1.40 4.93 -40.71
C LEU K 93 0.25 5.71 -41.34
N CYS K 94 -0.18 6.81 -40.73
CA CYS K 94 -1.32 7.58 -41.21
C CYS K 94 -0.83 8.56 -42.29
N VAL K 95 -0.68 8.03 -43.49
CA VAL K 95 -0.24 8.80 -44.65
C VAL K 95 -1.21 8.53 -45.79
N THR K 96 -0.88 9.07 -46.97
CA THR K 96 -1.69 8.84 -48.15
C THR K 96 -1.40 7.46 -48.72
N LEU K 97 -2.45 6.66 -48.89
CA LEU K 97 -2.32 5.32 -49.44
C LEU K 97 -2.76 5.34 -50.90
N ASP K 98 -1.89 4.86 -51.79
CA ASP K 98 -2.23 4.69 -53.20
C ASP K 98 -2.60 3.23 -53.41
N CYS K 99 -3.89 2.97 -53.64
CA CYS K 99 -4.41 1.61 -53.67
C CYS K 99 -4.89 1.24 -55.06
N THR K 100 -4.63 -0.02 -55.44
CA THR K 100 -5.12 -0.60 -56.68
C THR K 100 -5.70 -1.98 -56.38
N THR K 101 -6.20 -2.63 -57.42
CA THR K 101 -6.80 -3.94 -57.29
C THR K 101 -5.73 -4.98 -56.90
N VAL K 102 -6.21 -6.16 -56.51
CA VAL K 102 -5.32 -7.18 -55.95
C VAL K 102 -4.47 -7.85 -57.01
N ASN K 103 -4.83 -7.73 -58.29
CA ASN K 103 -4.07 -8.33 -59.38
C ASN K 103 -3.94 -9.84 -59.20
N GLN K 125 -10.81 -9.78 -53.99
CA GLN K 125 -11.89 -8.82 -54.16
C GLN K 125 -12.27 -8.18 -52.83
N GLU K 126 -11.76 -8.74 -51.74
CA GLU K 126 -12.00 -8.20 -50.42
C GLU K 126 -10.83 -7.38 -49.89
N MET K 127 -9.75 -7.24 -50.67
CA MET K 127 -8.60 -6.47 -50.26
C MET K 127 -8.17 -5.54 -51.39
N LYS K 128 -7.33 -4.58 -51.03
CA LYS K 128 -6.68 -3.71 -52.01
C LYS K 128 -5.18 -3.68 -51.75
N ASN K 129 -4.42 -3.55 -52.83
CA ASN K 129 -2.96 -3.48 -52.77
C ASN K 129 -2.58 -2.01 -52.69
N CYS K 130 -2.13 -1.57 -51.52
CA CYS K 130 -1.86 -0.16 -51.27
C CYS K 130 -0.39 0.04 -51.00
N SER K 131 0.21 0.99 -51.71
CA SER K 131 1.58 1.42 -51.46
C SER K 131 1.56 2.79 -50.80
N PHE K 132 2.59 3.04 -49.99
CA PHE K 132 2.69 4.31 -49.28
C PHE K 132 4.14 4.59 -48.93
N ASN K 133 4.42 5.88 -48.72
CA ASN K 133 5.70 6.33 -48.22
C ASN K 133 5.67 6.37 -46.70
N THR K 134 6.82 6.09 -46.09
CA THR K 134 6.91 6.07 -44.64
C THR K 134 8.36 6.33 -44.22
N THR K 135 8.54 6.48 -42.93
CA THR K 135 9.85 6.75 -42.35
C THR K 135 10.67 5.45 -42.30
N THR K 136 11.94 5.61 -41.96
CA THR K 136 12.86 4.48 -41.91
C THR K 136 13.76 4.65 -40.69
N GLU K 137 14.85 3.88 -40.65
CA GLU K 137 15.79 3.98 -39.54
C GLU K 137 16.39 5.38 -39.45
N LEU K 138 16.74 5.96 -40.60
CA LEU K 138 17.25 7.33 -40.64
C LEU K 138 16.09 8.29 -40.78
N ARG K 139 16.00 9.25 -39.86
CA ARG K 139 14.87 10.16 -39.85
C ARG K 139 14.85 11.07 -41.08
N ASP K 140 16.00 11.33 -41.67
CA ASP K 140 16.09 12.20 -42.84
C ASP K 140 15.97 11.44 -44.15
N LYS K 141 15.36 10.25 -44.13
CA LYS K 141 15.16 9.47 -45.34
C LYS K 141 13.75 8.88 -45.31
N LYS K 142 13.21 8.59 -46.50
CA LYS K 142 11.90 7.98 -46.64
C LYS K 142 12.01 6.73 -47.50
N GLN K 143 11.04 5.84 -47.33
CA GLN K 143 10.99 4.60 -48.09
C GLN K 143 9.58 4.39 -48.62
N LYS K 144 9.48 3.66 -49.72
CA LYS K 144 8.20 3.33 -50.33
C LYS K 144 7.96 1.84 -50.16
N VAL K 145 6.85 1.49 -49.50
CA VAL K 145 6.51 0.11 -49.23
C VAL K 145 5.08 -0.15 -49.69
N TYR K 146 4.66 -1.40 -49.60
CA TYR K 146 3.33 -1.78 -50.04
C TYR K 146 2.80 -2.90 -49.15
N ALA K 147 1.47 -2.97 -49.03
CA ALA K 147 0.82 -3.99 -48.23
C ALA K 147 -0.61 -4.17 -48.73
N LEU K 148 -1.18 -5.33 -48.39
CA LEU K 148 -2.57 -5.61 -48.71
C LEU K 148 -3.45 -5.27 -47.52
N PHE K 149 -4.47 -4.46 -47.76
CA PHE K 149 -5.37 -4.01 -46.70
C PHE K 149 -6.81 -4.37 -47.04
N TYR K 150 -7.54 -4.81 -46.03
CA TYR K 150 -8.95 -5.09 -46.21
C TYR K 150 -9.72 -3.81 -46.46
N LYS K 151 -10.78 -3.91 -47.27
CA LYS K 151 -11.52 -2.73 -47.66
C LYS K 151 -12.19 -2.04 -46.48
N LEU K 152 -12.54 -2.80 -45.45
CA LEU K 152 -13.21 -2.24 -44.28
C LEU K 152 -12.30 -1.35 -43.45
N ASP K 153 -10.99 -1.43 -43.66
CA ASP K 153 -10.04 -0.59 -42.94
C ASP K 153 -9.55 0.57 -43.80
N ILE K 154 -10.20 0.82 -44.94
CA ILE K 154 -9.77 1.82 -45.90
C ILE K 154 -10.94 2.75 -46.17
N VAL K 155 -10.69 4.06 -46.06
CA VAL K 155 -11.70 5.08 -46.23
C VAL K 155 -11.30 5.93 -47.43
N PRO K 156 -12.20 6.19 -48.37
CA PRO K 156 -11.87 7.02 -49.53
C PRO K 156 -11.95 8.51 -49.21
N LEU K 157 -11.49 9.30 -50.18
CA LEU K 157 -11.57 10.75 -50.08
C LEU K 157 -11.55 11.31 -51.49
N SER K 158 -11.84 12.61 -51.60
CA SER K 158 -11.91 13.35 -52.84
C SER K 158 -13.01 12.84 -53.78
N ASN K 159 -13.89 11.97 -53.28
CA ASN K 159 -15.01 11.43 -54.07
C ASN K 159 -14.52 10.79 -55.36
N ASN K 160 -13.37 10.13 -55.29
CA ASN K 160 -12.78 9.48 -56.45
C ASN K 160 -11.96 8.29 -55.98
N SER K 161 -11.73 7.36 -56.90
CA SER K 161 -10.94 6.16 -56.60
C SER K 161 -9.46 6.39 -56.93
N SER K 162 -8.88 7.34 -56.19
CA SER K 162 -7.49 7.72 -56.44
C SER K 162 -6.67 7.71 -55.16
N GLU K 163 -7.30 8.02 -54.03
CA GLU K 163 -6.59 8.16 -52.77
C GLU K 163 -7.39 7.50 -51.66
N TYR K 164 -6.69 7.05 -50.63
CA TYR K 164 -7.29 6.27 -49.57
C TYR K 164 -6.54 6.55 -48.27
N ARG K 165 -7.21 6.31 -47.14
CA ARG K 165 -6.55 6.45 -45.84
C ARG K 165 -7.08 5.41 -44.88
N LEU K 166 -6.40 5.26 -43.75
CA LEU K 166 -6.87 4.33 -42.74
C LEU K 166 -8.10 4.89 -42.03
N ILE K 167 -8.97 3.99 -41.57
CA ILE K 167 -10.28 4.39 -41.07
C ILE K 167 -10.18 5.18 -39.77
N ASN K 168 -9.09 5.04 -39.03
CA ASN K 168 -8.98 5.67 -37.71
C ASN K 168 -7.77 6.58 -37.64
N CYS K 169 -7.58 7.42 -38.66
CA CYS K 169 -6.53 8.41 -38.63
C CYS K 169 -7.01 9.79 -38.24
N ASN K 170 -8.31 10.06 -38.28
CA ASN K 170 -8.83 11.35 -37.88
C ASN K 170 -9.50 11.34 -36.52
N THR K 171 -9.98 10.19 -36.06
CA THR K 171 -10.78 10.13 -34.84
C THR K 171 -10.06 9.52 -33.66
N SER K 172 -8.92 8.87 -33.86
CA SER K 172 -8.25 8.19 -32.76
C SER K 172 -6.80 7.94 -33.14
N ALA K 173 -6.09 7.22 -32.27
CA ALA K 173 -4.74 6.76 -32.51
C ALA K 173 -4.71 5.25 -32.49
N ILE K 174 -3.91 4.66 -33.35
CA ILE K 174 -3.88 3.23 -33.57
C ILE K 174 -2.64 2.63 -32.94
N THR K 175 -2.83 1.56 -32.17
CA THR K 175 -1.73 0.83 -31.57
C THR K 175 -1.83 -0.63 -31.98
N GLN K 176 -0.71 -1.20 -32.41
CA GLN K 176 -0.68 -2.55 -32.96
C GLN K 176 -0.88 -3.59 -31.86
N ALA K 177 -1.75 -4.56 -32.13
CA ALA K 177 -1.84 -5.70 -31.24
C ALA K 177 -0.46 -6.34 -31.12
N CYS K 178 -0.02 -6.48 -29.91
CA CYS K 178 1.40 -6.42 -29.64
C CYS K 178 1.96 -7.83 -29.69
N PRO K 179 2.95 -8.11 -30.55
CA PRO K 179 3.10 -9.49 -31.07
C PRO K 179 3.38 -10.55 -30.02
N LYS K 180 4.14 -10.23 -28.98
CA LYS K 180 4.57 -11.29 -28.05
C LYS K 180 3.44 -11.70 -27.13
N VAL K 181 2.57 -10.77 -26.75
CA VAL K 181 1.51 -11.11 -25.80
C VAL K 181 0.42 -11.92 -26.51
N SER K 182 -0.43 -12.55 -25.70
CA SER K 182 -1.48 -13.43 -26.19
C SER K 182 -2.83 -12.93 -25.71
N PHE K 183 -3.83 -12.99 -26.60
CA PHE K 183 -5.18 -12.52 -26.30
C PHE K 183 -6.13 -13.67 -25.98
N ASP K 184 -5.61 -14.87 -25.76
CA ASP K 184 -6.47 -16.02 -25.55
C ASP K 184 -7.16 -15.93 -24.20
N PRO K 185 -8.47 -16.13 -24.13
CA PRO K 185 -9.13 -16.19 -22.83
C PRO K 185 -8.68 -17.42 -22.05
N ILE K 186 -8.50 -17.24 -20.75
CA ILE K 186 -8.15 -18.34 -19.85
C ILE K 186 -9.13 -18.31 -18.70
N PRO K 187 -9.39 -19.43 -18.02
CA PRO K 187 -10.31 -19.41 -16.87
C PRO K 187 -9.80 -18.49 -15.77
N ILE K 188 -10.73 -17.77 -15.16
CA ILE K 188 -10.44 -16.79 -14.11
C ILE K 188 -11.39 -17.05 -12.95
N HIS K 189 -10.84 -17.07 -11.74
CA HIS K 189 -11.63 -17.24 -10.53
C HIS K 189 -11.64 -15.92 -9.77
N TYR K 190 -12.82 -15.37 -9.55
CA TYR K 190 -12.97 -14.18 -8.72
C TYR K 190 -13.12 -14.57 -7.27
N CYS K 191 -12.27 -14.00 -6.42
CA CYS K 191 -12.08 -14.41 -5.05
C CYS K 191 -12.37 -13.21 -4.15
N THR K 192 -13.15 -13.46 -3.09
CA THR K 192 -13.46 -12.47 -2.08
C THR K 192 -12.35 -12.42 -1.04
N PRO K 193 -12.07 -11.24 -0.50
CA PRO K 193 -10.99 -11.10 0.48
C PRO K 193 -11.47 -11.50 1.88
N ALA K 194 -10.59 -11.31 2.85
CA ALA K 194 -10.90 -11.68 4.22
C ALA K 194 -12.03 -10.83 4.78
N GLY K 195 -12.82 -11.45 5.65
CA GLY K 195 -13.96 -10.78 6.23
C GLY K 195 -15.20 -10.76 5.35
N TYR K 196 -15.13 -11.33 4.17
CA TYR K 196 -16.24 -11.36 3.24
C TYR K 196 -16.49 -12.81 2.81
N ALA K 197 -17.70 -13.08 2.36
CA ALA K 197 -18.06 -14.40 1.90
C ALA K 197 -18.84 -14.29 0.60
N LEU K 198 -18.83 -15.36 -0.19
CA LEU K 198 -19.52 -15.38 -1.46
C LEU K 198 -20.61 -16.44 -1.37
N LEU K 199 -21.86 -16.03 -1.52
CA LEU K 199 -22.98 -16.94 -1.47
C LEU K 199 -23.43 -17.32 -2.88
N LYS K 200 -23.78 -18.59 -3.06
CA LYS K 200 -24.12 -19.15 -4.35
C LYS K 200 -25.45 -19.86 -4.27
N CYS K 201 -26.29 -19.66 -5.29
CA CYS K 201 -27.61 -20.27 -5.37
C CYS K 201 -27.52 -21.57 -6.17
N ASN K 202 -27.87 -22.67 -5.54
CA ASN K 202 -27.79 -23.98 -6.16
C ASN K 202 -29.14 -24.49 -6.64
N ASP K 203 -30.20 -23.68 -6.54
CA ASP K 203 -31.50 -24.11 -7.04
C ASP K 203 -31.44 -24.34 -8.55
N LYS K 204 -32.00 -25.46 -8.98
CA LYS K 204 -32.02 -25.77 -10.40
C LYS K 204 -33.04 -24.91 -11.12
N ARG K 205 -32.70 -24.54 -12.35
CA ARG K 205 -33.53 -23.66 -13.18
C ARG K 205 -33.71 -22.30 -12.52
N PHE K 206 -32.60 -21.67 -12.17
CA PHE K 206 -32.64 -20.38 -11.51
C PHE K 206 -32.63 -19.28 -12.55
N ASN K 207 -33.70 -18.49 -12.55
CA ASN K 207 -33.82 -17.29 -13.38
C ASN K 207 -33.34 -16.03 -12.69
N GLY K 208 -32.80 -16.15 -11.48
CA GLY K 208 -31.92 -15.15 -10.92
C GLY K 208 -32.57 -14.10 -10.05
N THR K 209 -33.87 -13.92 -10.15
CA THR K 209 -34.56 -12.95 -9.30
C THR K 209 -35.47 -13.71 -8.34
N GLY K 210 -35.26 -13.49 -7.05
CA GLY K 210 -36.13 -14.07 -6.05
C GLY K 210 -35.40 -14.88 -5.00
N PRO K 211 -36.14 -15.67 -4.23
CA PRO K 211 -35.53 -16.44 -3.15
C PRO K 211 -34.78 -17.65 -3.66
N CYS K 212 -33.78 -18.06 -2.88
CA CYS K 212 -33.05 -19.30 -3.09
C CYS K 212 -33.17 -20.11 -1.81
N HIS K 213 -33.69 -21.34 -1.94
CA HIS K 213 -33.93 -22.23 -0.82
C HIS K 213 -32.81 -23.23 -0.61
N ASN K 214 -31.73 -23.14 -1.37
CA ASN K 214 -30.60 -24.05 -1.21
C ASN K 214 -29.34 -23.25 -1.54
N VAL K 215 -28.70 -22.70 -0.52
CA VAL K 215 -27.59 -21.79 -0.68
C VAL K 215 -26.31 -22.45 -0.20
N SER K 216 -25.20 -22.09 -0.84
CA SER K 216 -23.89 -22.57 -0.44
C SER K 216 -22.94 -21.39 -0.28
N THR K 217 -21.90 -21.61 0.51
CA THR K 217 -20.88 -20.58 0.74
C THR K 217 -19.56 -21.01 0.13
N VAL K 218 -18.87 -20.03 -0.45
CA VAL K 218 -17.58 -20.18 -1.10
C VAL K 218 -16.74 -18.95 -0.86
N GLN K 219 -15.48 -19.02 -1.28
CA GLN K 219 -14.59 -17.87 -1.33
C GLN K 219 -14.20 -17.46 -2.73
N CYS K 220 -14.25 -18.37 -3.70
CA CYS K 220 -13.80 -18.11 -5.06
C CYS K 220 -14.75 -18.76 -6.03
N THR K 221 -15.02 -18.07 -7.15
CA THR K 221 -15.95 -18.58 -8.14
C THR K 221 -15.33 -19.73 -8.93
N HIS K 222 -16.10 -20.29 -9.85
CA HIS K 222 -15.59 -21.33 -10.73
C HIS K 222 -14.86 -20.67 -11.90
N GLY K 223 -14.53 -21.46 -12.91
CA GLY K 223 -13.80 -20.95 -14.05
C GLY K 223 -14.67 -20.01 -14.87
N ILE K 224 -14.26 -18.76 -14.99
CA ILE K 224 -14.95 -17.77 -15.79
C ILE K 224 -14.01 -17.34 -16.89
N LYS K 225 -14.40 -17.57 -18.15
CA LYS K 225 -13.57 -17.20 -19.28
C LYS K 225 -14.04 -15.86 -19.81
N PRO K 226 -13.20 -14.83 -19.81
CA PRO K 226 -13.64 -13.49 -20.24
C PRO K 226 -13.70 -13.35 -21.75
N VAL K 227 -14.49 -14.22 -22.39
CA VAL K 227 -14.63 -14.17 -23.84
C VAL K 227 -15.59 -13.05 -24.21
N VAL K 228 -15.18 -12.23 -25.18
CA VAL K 228 -16.01 -11.15 -25.70
C VAL K 228 -16.58 -11.58 -27.04
N SER K 229 -17.88 -11.41 -27.22
CA SER K 229 -18.55 -11.79 -28.45
C SER K 229 -19.89 -11.07 -28.52
N THR K 230 -20.55 -11.20 -29.67
CA THR K 230 -21.87 -10.63 -29.87
C THR K 230 -22.81 -11.67 -30.46
N GLN K 231 -24.10 -11.49 -30.22
CA GLN K 231 -25.16 -12.37 -30.70
C GLN K 231 -25.01 -13.78 -30.15
N LEU K 232 -23.94 -14.48 -30.50
CA LEU K 232 -23.73 -15.85 -30.06
C LEU K 232 -22.73 -15.88 -28.91
N LEU K 233 -23.10 -16.57 -27.83
CA LEU K 233 -22.22 -16.75 -26.69
C LEU K 233 -21.43 -18.04 -26.87
N LEU K 234 -20.12 -17.96 -26.68
CA LEU K 234 -19.24 -19.07 -26.98
C LEU K 234 -18.43 -19.45 -25.74
N ASN K 235 -18.12 -20.75 -25.66
CA ASN K 235 -17.20 -21.28 -24.66
C ASN K 235 -17.68 -21.00 -23.24
N GLY K 236 -18.99 -21.13 -23.00
CA GLY K 236 -19.53 -20.89 -21.68
C GLY K 236 -20.02 -22.14 -20.98
N SER K 237 -20.27 -22.04 -19.68
CA SER K 237 -20.87 -23.15 -18.96
C SER K 237 -22.33 -23.33 -19.35
N LEU K 238 -22.84 -24.54 -19.15
CA LEU K 238 -24.16 -24.92 -19.62
C LEU K 238 -25.10 -25.14 -18.45
N ALA K 239 -26.36 -24.76 -18.64
CA ALA K 239 -27.37 -25.03 -17.63
C ALA K 239 -27.57 -26.53 -17.47
N GLU K 240 -27.73 -26.98 -16.22
CA GLU K 240 -27.74 -28.40 -15.95
C GLU K 240 -29.03 -29.07 -16.39
N LYS K 241 -30.18 -28.44 -16.14
CA LYS K 241 -31.47 -29.07 -16.39
C LYS K 241 -32.01 -28.80 -17.78
N GLU K 242 -32.25 -27.54 -18.12
CA GLU K 242 -32.81 -27.19 -19.41
C GLU K 242 -32.57 -25.71 -19.69
N ILE K 243 -33.21 -25.20 -20.73
CA ILE K 243 -32.96 -23.83 -21.19
C ILE K 243 -33.49 -22.84 -20.18
N ILE K 244 -32.70 -21.80 -19.90
CA ILE K 244 -33.09 -20.71 -19.01
C ILE K 244 -33.22 -19.45 -19.83
N VAL K 245 -34.24 -18.65 -19.54
CA VAL K 245 -34.47 -17.38 -20.21
C VAL K 245 -34.43 -16.27 -19.18
N ARG K 246 -33.66 -15.22 -19.45
CA ARG K 246 -33.49 -14.11 -18.53
C ARG K 246 -33.69 -12.78 -19.25
N SER K 247 -34.24 -11.82 -18.51
CA SER K 247 -34.34 -10.44 -18.95
C SER K 247 -34.70 -9.57 -17.77
N GLU K 248 -33.97 -8.47 -17.56
CA GLU K 248 -34.26 -7.66 -16.37
C GLU K 248 -35.62 -7.00 -16.45
N ASN K 249 -36.20 -6.89 -17.65
CA ASN K 249 -37.59 -6.48 -17.77
C ASN K 249 -38.12 -7.09 -19.07
N LEU K 250 -38.83 -8.22 -18.94
CA LEU K 250 -39.27 -8.94 -20.12
C LEU K 250 -40.37 -8.20 -20.86
N THR K 251 -41.24 -7.50 -20.16
CA THR K 251 -42.34 -6.78 -20.80
C THR K 251 -41.86 -5.58 -21.59
N ASN K 252 -40.67 -5.06 -21.30
CA ASN K 252 -40.06 -4.06 -22.15
C ASN K 252 -39.52 -4.72 -23.41
N ASN K 253 -39.51 -3.96 -24.50
CA ASN K 253 -39.12 -4.47 -25.81
C ASN K 253 -37.76 -3.99 -26.27
N VAL K 254 -37.02 -3.28 -25.42
CA VAL K 254 -35.72 -2.74 -25.77
C VAL K 254 -34.65 -3.29 -24.83
N LYS K 255 -34.88 -4.47 -24.26
CA LYS K 255 -34.00 -5.04 -23.26
C LYS K 255 -33.57 -6.43 -23.68
N THR K 256 -32.29 -6.73 -23.48
CA THR K 256 -31.71 -7.97 -23.99
C THR K 256 -32.30 -9.19 -23.31
N ILE K 257 -32.57 -10.22 -24.09
CA ILE K 257 -33.05 -11.51 -23.59
C ILE K 257 -31.91 -12.51 -23.72
N ILE K 258 -31.50 -13.08 -22.59
CA ILE K 258 -30.40 -14.03 -22.55
C ILE K 258 -30.98 -15.43 -22.51
N VAL K 259 -30.50 -16.30 -23.41
CA VAL K 259 -30.96 -17.67 -23.49
C VAL K 259 -29.77 -18.57 -23.19
N HIS K 260 -29.91 -19.40 -22.16
CA HIS K 260 -28.87 -20.28 -21.66
C HIS K 260 -29.27 -21.72 -22.00
N LEU K 261 -28.44 -22.39 -22.79
CA LEU K 261 -28.78 -23.71 -23.31
C LEU K 261 -28.18 -24.81 -22.44
N ASN K 262 -28.74 -26.01 -22.57
CA ASN K 262 -28.21 -27.18 -21.88
C ASN K 262 -27.44 -28.12 -22.80
N LYS K 263 -27.54 -27.94 -24.12
CA LYS K 263 -26.76 -28.72 -25.08
C LYS K 263 -25.94 -27.77 -25.93
N SER K 264 -24.63 -27.90 -25.87
CA SER K 264 -23.75 -27.02 -26.62
C SER K 264 -23.78 -27.38 -28.10
N VAL K 265 -23.73 -26.36 -28.96
CA VAL K 265 -23.74 -26.57 -30.40
C VAL K 265 -22.32 -26.40 -30.93
N GLU K 266 -21.99 -27.14 -31.98
CA GLU K 266 -20.63 -27.16 -32.50
C GLU K 266 -20.51 -26.18 -33.67
N ILE K 267 -19.60 -25.21 -33.53
CA ILE K 267 -19.29 -24.26 -34.58
C ILE K 267 -17.78 -24.22 -34.75
N VAL K 268 -17.30 -24.57 -35.94
CA VAL K 268 -15.89 -24.53 -36.26
C VAL K 268 -15.71 -23.66 -37.50
N CYS K 269 -14.72 -22.78 -37.48
CA CYS K 269 -14.62 -21.89 -38.62
C CYS K 269 -13.25 -21.24 -38.76
N THR K 270 -13.06 -20.63 -39.92
CA THR K 270 -11.70 -20.47 -40.42
C THR K 270 -11.63 -19.37 -41.48
N ARG K 271 -10.42 -18.84 -41.62
CA ARG K 271 -9.97 -18.15 -42.82
C ARG K 271 -8.99 -19.07 -43.52
N PRO K 272 -9.35 -19.64 -44.66
CA PRO K 272 -8.53 -20.62 -45.39
C PRO K 272 -7.64 -20.00 -46.48
N GLY K 273 -6.56 -19.35 -46.05
CA GLY K 273 -5.69 -18.72 -47.01
C GLY K 273 -4.22 -18.98 -46.77
N ASN K 274 -3.38 -18.14 -47.37
CA ASN K 274 -1.94 -18.16 -47.13
C ASN K 274 -1.45 -16.73 -47.26
N ASN K 275 -1.41 -16.02 -46.14
CA ASN K 275 -0.95 -14.64 -46.09
C ASN K 275 0.41 -14.61 -45.43
N THR K 276 1.41 -14.09 -46.13
CA THR K 276 2.73 -13.96 -45.57
C THR K 276 2.84 -12.68 -44.74
N ARG K 277 3.58 -12.77 -43.64
CA ARG K 277 3.68 -11.68 -42.68
C ARG K 277 4.83 -10.78 -43.09
N LYS K 278 4.52 -9.66 -43.72
CA LYS K 278 5.54 -8.73 -44.17
C LYS K 278 5.92 -7.80 -43.02
N SER K 279 7.23 -7.64 -42.81
CA SER K 279 7.75 -6.80 -41.75
C SER K 279 8.28 -5.51 -42.35
N ILE K 280 7.91 -4.38 -41.75
CA ILE K 280 8.34 -3.07 -42.21
C ILE K 280 8.98 -2.33 -41.05
N ARG K 281 10.14 -1.73 -41.29
CA ARG K 281 10.84 -0.98 -40.26
C ARG K 281 10.26 0.43 -40.21
N ILE K 282 9.35 0.66 -39.27
CA ILE K 282 8.75 1.98 -39.12
C ILE K 282 9.78 2.99 -38.64
N GLY K 283 10.55 2.64 -37.63
CA GLY K 283 11.52 3.54 -37.06
C GLY K 283 12.63 2.81 -36.34
N PRO K 284 13.14 3.41 -35.27
CA PRO K 284 14.22 2.78 -34.49
C PRO K 284 13.70 1.65 -33.61
N GLY K 285 13.59 0.47 -34.21
CA GLY K 285 13.08 -0.70 -33.54
C GLY K 285 11.59 -0.91 -33.68
N GLN K 286 10.85 0.13 -34.05
CA GLN K 286 9.43 -0.02 -34.32
C GLN K 286 9.25 -0.83 -35.60
N THR K 287 8.39 -1.83 -35.55
CA THR K 287 8.15 -2.70 -36.69
C THR K 287 6.65 -2.87 -36.90
N PHE K 288 6.22 -2.75 -38.14
CA PHE K 288 4.83 -2.89 -38.52
C PHE K 288 4.66 -4.17 -39.33
N TYR K 289 3.76 -5.02 -38.90
CA TYR K 289 3.51 -6.29 -39.55
C TYR K 289 2.23 -6.17 -40.37
N ALA K 290 2.33 -6.48 -41.65
CA ALA K 290 1.22 -6.30 -42.57
C ALA K 290 1.05 -7.55 -43.42
N THR K 291 -0.02 -7.57 -44.21
CA THR K 291 -0.30 -8.69 -45.08
C THR K 291 0.53 -8.55 -46.35
N GLY K 292 1.41 -9.52 -46.58
CA GLY K 292 2.12 -9.61 -47.84
C GLY K 292 1.23 -10.21 -48.91
N ASP K 293 1.86 -10.60 -50.01
CA ASP K 293 1.13 -11.20 -51.11
C ASP K 293 0.40 -12.45 -50.65
N ILE K 294 -0.86 -12.58 -51.04
CA ILE K 294 -1.64 -13.78 -50.77
C ILE K 294 -1.41 -14.77 -51.90
N ILE K 295 -1.08 -16.00 -51.55
CA ILE K 295 -0.76 -17.04 -52.53
C ILE K 295 -1.76 -18.17 -52.38
N GLY K 296 -2.28 -18.62 -53.51
CA GLY K 296 -3.32 -19.63 -53.53
C GLY K 296 -4.65 -19.06 -54.00
N ASP K 297 -5.62 -19.94 -54.14
CA ASP K 297 -6.95 -19.55 -54.57
C ASP K 297 -7.63 -18.70 -53.49
N ILE K 298 -8.47 -17.78 -53.94
CA ILE K 298 -9.18 -16.89 -53.03
C ILE K 298 -10.39 -17.63 -52.47
N ARG K 299 -10.39 -17.85 -51.15
CA ARG K 299 -11.48 -18.52 -50.47
C ARG K 299 -11.98 -17.66 -49.33
N GLN K 300 -13.30 -17.57 -49.19
CA GLN K 300 -13.90 -16.73 -48.18
C GLN K 300 -13.66 -17.30 -46.78
N ALA K 301 -13.58 -16.42 -45.80
CA ALA K 301 -13.54 -16.83 -44.40
C ALA K 301 -14.95 -17.17 -43.96
N HIS K 302 -15.16 -18.41 -43.51
CA HIS K 302 -16.50 -18.93 -43.34
C HIS K 302 -16.62 -19.69 -42.03
N CYS K 303 -17.85 -19.83 -41.56
CA CYS K 303 -18.13 -20.56 -40.33
C CYS K 303 -19.09 -21.72 -40.58
N ASN K 304 -18.76 -22.90 -40.05
CA ASN K 304 -19.57 -24.09 -40.18
C ASN K 304 -20.23 -24.41 -38.85
N ILE K 305 -21.53 -24.66 -38.89
CA ILE K 305 -22.33 -24.97 -37.71
C ILE K 305 -23.08 -26.26 -37.97
N SER K 306 -23.12 -27.14 -36.97
CA SER K 306 -23.87 -28.38 -37.14
C SER K 306 -25.34 -28.08 -37.38
N ARG K 307 -25.87 -28.52 -38.54
CA ARG K 307 -27.24 -28.18 -38.90
C ARG K 307 -28.27 -28.86 -38.00
N GLY K 308 -28.15 -30.17 -37.80
CA GLY K 308 -29.15 -30.88 -37.03
C GLY K 308 -29.22 -30.41 -35.60
N ASP K 309 -28.06 -30.23 -34.97
CA ASP K 309 -28.04 -29.72 -33.61
C ASP K 309 -28.62 -28.31 -33.53
N TRP K 310 -28.32 -27.48 -34.53
CA TRP K 310 -28.85 -26.13 -34.52
C TRP K 310 -30.37 -26.13 -34.65
N GLU K 311 -30.91 -26.97 -35.53
CA GLU K 311 -32.36 -27.04 -35.66
C GLU K 311 -33.00 -27.53 -34.38
N GLU K 312 -32.40 -28.54 -33.74
CA GLU K 312 -32.94 -29.04 -32.49
C GLU K 312 -32.94 -27.97 -31.41
N THR K 313 -31.83 -27.24 -31.29
CA THR K 313 -31.76 -26.22 -30.25
C THR K 313 -32.67 -25.04 -30.56
N LEU K 314 -32.87 -24.72 -31.82
CA LEU K 314 -33.82 -23.67 -32.17
C LEU K 314 -35.23 -24.08 -31.82
N HIS K 315 -35.59 -25.34 -32.07
CA HIS K 315 -36.91 -25.82 -31.69
C HIS K 315 -37.09 -25.78 -30.17
N ASN K 316 -36.07 -26.20 -29.43
CA ASN K 316 -36.16 -26.16 -27.97
C ASN K 316 -36.32 -24.73 -27.47
N VAL K 317 -35.56 -23.79 -28.04
CA VAL K 317 -35.67 -22.39 -27.63
C VAL K 317 -37.05 -21.85 -27.95
N ARG K 318 -37.58 -22.19 -29.13
CA ARG K 318 -38.90 -21.70 -29.49
C ARG K 318 -39.95 -22.22 -28.53
N LYS K 319 -39.88 -23.50 -28.19
CA LYS K 319 -40.85 -24.06 -27.26
C LYS K 319 -40.72 -23.41 -25.90
N ASN K 320 -39.49 -23.15 -25.45
CA ASN K 320 -39.30 -22.58 -24.12
C ASN K 320 -39.83 -21.14 -24.06
N LEU K 321 -39.45 -20.31 -25.02
CA LEU K 321 -39.95 -18.94 -25.05
C LEU K 321 -41.44 -18.87 -25.38
N ALA K 322 -42.05 -19.95 -25.84
CA ALA K 322 -43.51 -19.96 -25.94
C ALA K 322 -44.16 -19.85 -24.57
N GLU K 323 -43.46 -20.18 -23.51
CA GLU K 323 -44.06 -20.16 -22.17
C GLU K 323 -44.22 -18.74 -21.66
N HIS K 324 -43.25 -17.88 -21.89
CA HIS K 324 -43.30 -16.50 -21.41
C HIS K 324 -44.09 -15.57 -22.33
N PHE K 325 -44.57 -16.08 -23.46
CA PHE K 325 -45.49 -15.34 -24.34
C PHE K 325 -46.53 -16.35 -24.79
N GLN K 326 -47.64 -16.44 -24.05
CA GLN K 326 -48.52 -17.58 -24.16
C GLN K 326 -49.31 -17.58 -25.47
N ASN K 327 -49.87 -16.44 -25.84
CA ASN K 327 -50.89 -16.39 -26.88
C ASN K 327 -50.31 -16.10 -28.27
N LYS K 328 -49.00 -16.03 -28.41
CA LYS K 328 -48.40 -15.62 -29.67
C LYS K 328 -47.37 -16.64 -30.14
N THR K 329 -47.21 -16.72 -31.45
CA THR K 329 -46.24 -17.61 -32.08
C THR K 329 -44.88 -16.93 -32.16
N ILE K 330 -43.83 -17.70 -31.88
CA ILE K 330 -42.47 -17.17 -31.86
C ILE K 330 -41.86 -17.33 -33.23
N GLN K 331 -41.44 -16.22 -33.82
CA GLN K 331 -40.83 -16.19 -35.14
C GLN K 331 -39.48 -15.48 -35.05
N PHE K 332 -38.45 -16.10 -35.63
CA PHE K 332 -37.12 -15.53 -35.63
C PHE K 332 -36.90 -14.71 -36.90
N ALA K 333 -35.77 -14.01 -36.94
CA ALA K 333 -35.41 -13.17 -38.07
C ALA K 333 -33.93 -12.87 -38.01
N SER K 334 -33.46 -12.09 -38.98
CA SER K 334 -32.07 -11.67 -39.04
C SER K 334 -31.91 -10.28 -38.44
N SER K 335 -30.67 -9.84 -38.32
CA SER K 335 -30.40 -8.54 -37.73
C SER K 335 -30.97 -7.42 -38.60
N SER K 336 -31.34 -6.32 -37.95
CA SER K 336 -31.99 -5.22 -38.66
C SER K 336 -31.08 -4.61 -39.71
N GLY K 337 -29.82 -4.38 -39.38
CA GLY K 337 -28.90 -3.75 -40.31
C GLY K 337 -28.39 -2.43 -39.80
N GLY K 338 -27.15 -2.09 -40.16
CA GLY K 338 -26.54 -0.87 -39.70
C GLY K 338 -25.03 -1.00 -39.58
N ASP K 339 -24.48 -0.57 -38.45
CA ASP K 339 -23.05 -0.69 -38.23
C ASP K 339 -22.64 -2.16 -38.19
N LEU K 340 -21.43 -2.44 -38.65
CA LEU K 340 -20.98 -3.82 -38.76
C LEU K 340 -20.87 -4.47 -37.39
N GLU K 341 -20.41 -3.73 -36.38
CA GLU K 341 -20.20 -4.32 -35.06
C GLU K 341 -21.50 -4.78 -34.44
N ILE K 342 -22.55 -3.95 -34.55
CA ILE K 342 -23.81 -4.27 -33.87
C ILE K 342 -24.72 -5.17 -34.71
N THR K 343 -24.55 -5.18 -36.03
CA THR K 343 -25.41 -5.99 -36.87
C THR K 343 -24.91 -7.43 -36.98
N THR K 344 -23.61 -7.65 -36.88
CA THR K 344 -23.03 -8.95 -37.14
C THR K 344 -22.53 -9.62 -35.87
N HIS K 345 -22.25 -10.91 -36.00
CA HIS K 345 -21.61 -11.71 -34.96
C HIS K 345 -20.11 -11.43 -34.94
N SER K 346 -19.61 -10.86 -33.85
CA SER K 346 -18.22 -10.49 -33.75
C SER K 346 -17.51 -11.42 -32.78
N PHE K 347 -16.35 -11.91 -33.18
CA PHE K 347 -15.55 -12.74 -32.28
C PHE K 347 -14.09 -12.71 -32.71
N ASN K 348 -13.27 -13.47 -31.99
CA ASN K 348 -11.84 -13.51 -32.23
C ASN K 348 -11.39 -14.95 -32.39
N CYS K 349 -10.37 -15.15 -33.21
CA CYS K 349 -9.81 -16.49 -33.44
C CYS K 349 -8.32 -16.35 -33.66
N ARG K 350 -7.54 -16.94 -32.77
CA ARG K 350 -6.08 -16.96 -32.86
C ARG K 350 -5.51 -15.55 -32.97
N GLY K 351 -6.27 -14.54 -32.54
CA GLY K 351 -5.82 -13.18 -32.58
C GLY K 351 -6.40 -12.33 -33.69
N GLU K 352 -7.10 -12.92 -34.65
CA GLU K 352 -7.66 -12.18 -35.76
C GLU K 352 -9.17 -12.11 -35.60
N PHE K 353 -9.74 -10.96 -35.92
CA PHE K 353 -11.12 -10.64 -35.57
C PHE K 353 -12.04 -10.93 -36.74
N PHE K 354 -13.14 -11.63 -36.45
CA PHE K 354 -14.10 -12.08 -37.44
C PHE K 354 -15.44 -11.39 -37.20
N TYR K 355 -16.02 -10.85 -38.26
CA TYR K 355 -17.38 -10.29 -38.24
C TYR K 355 -18.21 -11.13 -39.21
N CYS K 356 -18.98 -12.08 -38.69
CA CYS K 356 -19.77 -12.98 -39.51
C CYS K 356 -21.21 -12.48 -39.62
N ASN K 357 -21.75 -12.53 -40.84
CA ASN K 357 -23.12 -12.12 -41.10
C ASN K 357 -24.00 -13.36 -40.98
N THR K 358 -24.90 -13.33 -39.99
CA THR K 358 -25.66 -14.51 -39.57
C THR K 358 -27.09 -14.48 -40.08
N SER K 359 -27.30 -14.05 -41.32
CA SER K 359 -28.66 -13.99 -41.86
C SER K 359 -29.30 -15.35 -42.03
N GLY K 360 -28.54 -16.43 -41.96
CA GLY K 360 -29.09 -17.75 -42.19
C GLY K 360 -29.25 -18.60 -40.95
N LEU K 361 -28.69 -18.14 -39.83
CA LEU K 361 -28.79 -18.88 -38.59
C LEU K 361 -30.16 -18.70 -37.95
N PHE K 362 -30.51 -17.45 -37.64
CA PHE K 362 -31.78 -17.12 -37.01
C PHE K 362 -32.89 -16.90 -38.02
N ASN K 363 -32.76 -17.51 -39.20
CA ASN K 363 -33.80 -17.52 -40.22
C ASN K 363 -34.55 -18.85 -40.08
N SER K 364 -35.77 -18.79 -39.53
CA SER K 364 -36.57 -19.98 -39.33
C SER K 364 -38.04 -19.60 -39.28
N THR K 365 -38.86 -20.30 -40.07
CA THR K 365 -40.28 -20.01 -40.14
C THR K 365 -41.01 -20.53 -38.91
N LEU K 379 -26.04 -32.40 -43.28
CA LEU K 379 -25.75 -31.10 -43.86
C LEU K 379 -25.17 -30.16 -42.80
N THR K 380 -24.60 -29.05 -43.25
CA THR K 380 -23.97 -28.07 -42.37
C THR K 380 -24.40 -26.67 -42.75
N ILE K 381 -24.40 -25.78 -41.77
CA ILE K 381 -24.66 -24.37 -42.01
C ILE K 381 -23.34 -23.68 -42.33
N THR K 382 -23.27 -23.05 -43.49
CA THR K 382 -22.15 -22.23 -43.87
C THR K 382 -22.56 -20.77 -43.78
N ILE K 383 -21.84 -20.01 -42.96
CA ILE K 383 -22.15 -18.61 -42.68
C ILE K 383 -20.99 -17.77 -43.21
N PRO K 384 -21.24 -16.78 -44.06
CA PRO K 384 -20.17 -15.89 -44.50
C PRO K 384 -19.62 -15.08 -43.35
N CYS K 385 -18.33 -14.76 -43.44
CA CYS K 385 -17.69 -13.99 -42.39
C CYS K 385 -16.58 -13.15 -42.99
N ARG K 386 -16.60 -11.86 -42.68
CA ARG K 386 -15.59 -10.95 -43.17
C ARG K 386 -14.58 -10.69 -42.06
N ILE K 387 -13.45 -10.10 -42.43
CA ILE K 387 -12.35 -9.89 -41.51
C ILE K 387 -12.04 -8.41 -41.43
N LYS K 388 -11.67 -7.93 -40.25
CA LYS K 388 -11.34 -6.54 -40.02
C LYS K 388 -10.12 -6.47 -39.12
N GLN K 389 -9.21 -5.55 -39.42
CA GLN K 389 -7.98 -5.40 -38.67
C GLN K 389 -8.04 -4.23 -37.69
N ILE K 390 -8.29 -3.03 -38.19
CA ILE K 390 -8.36 -1.84 -37.34
C ILE K 390 -9.73 -1.83 -36.67
N ILE K 391 -9.76 -2.11 -35.37
CA ILE K 391 -11.01 -2.26 -34.65
C ILE K 391 -11.01 -1.39 -33.40
N ASN K 392 -12.21 -1.03 -32.96
CA ASN K 392 -12.43 -0.33 -31.71
C ASN K 392 -13.13 -1.32 -30.78
N MET K 393 -12.34 -1.97 -29.92
CA MET K 393 -12.88 -3.03 -29.07
C MET K 393 -13.94 -2.52 -28.13
N TRP K 394 -13.88 -1.26 -27.73
CA TRP K 394 -14.76 -0.71 -26.71
C TRP K 394 -15.42 0.56 -27.22
N GLN K 395 -16.34 1.08 -26.42
CA GLN K 395 -17.01 2.32 -26.78
C GLN K 395 -16.06 3.51 -26.76
N GLU K 396 -14.90 3.37 -26.13
CA GLU K 396 -13.96 4.49 -26.02
C GLU K 396 -13.53 4.94 -27.42
N VAL K 397 -13.55 6.26 -27.64
CA VAL K 397 -13.20 6.81 -28.94
C VAL K 397 -11.72 7.15 -29.05
N GLY K 398 -11.02 7.26 -27.91
CA GLY K 398 -9.65 7.76 -27.96
C GLY K 398 -8.67 6.83 -28.67
N ARG K 399 -8.83 5.52 -28.48
CA ARG K 399 -7.82 4.57 -28.93
C ARG K 399 -8.44 3.49 -29.80
N ALA K 400 -7.62 2.92 -30.67
CA ALA K 400 -8.02 1.79 -31.49
C ALA K 400 -6.85 0.83 -31.63
N MET K 401 -7.17 -0.44 -31.87
CA MET K 401 -6.18 -1.49 -31.94
C MET K 401 -6.06 -2.00 -33.37
N TYR K 402 -4.83 -2.36 -33.75
CA TYR K 402 -4.55 -2.98 -35.03
C TYR K 402 -4.04 -4.39 -34.79
N ALA K 403 -4.66 -5.37 -35.44
CA ALA K 403 -4.33 -6.76 -35.20
C ALA K 403 -3.47 -7.27 -36.34
N PRO K 404 -2.19 -7.59 -36.10
CA PRO K 404 -1.35 -8.04 -37.20
C PRO K 404 -1.80 -9.39 -37.70
N PRO K 405 -1.64 -9.67 -39.00
CA PRO K 405 -2.05 -10.97 -39.53
C PRO K 405 -1.17 -12.08 -38.99
N ILE K 406 -1.76 -13.28 -38.93
CA ILE K 406 -1.03 -14.49 -38.58
C ILE K 406 -0.69 -15.22 -39.86
N ALA K 407 0.58 -15.59 -40.02
CA ALA K 407 1.03 -16.26 -41.23
C ALA K 407 0.30 -17.59 -41.41
N GLY K 408 -0.14 -17.85 -42.64
CA GLY K 408 -0.90 -19.04 -42.94
C GLY K 408 -2.37 -18.89 -42.59
N ASN K 409 -3.11 -19.97 -42.80
CA ASN K 409 -4.54 -19.94 -42.56
C ASN K 409 -4.83 -20.13 -41.07
N ILE K 410 -6.06 -19.80 -40.69
CA ILE K 410 -6.48 -19.85 -39.28
C ILE K 410 -7.76 -20.66 -39.18
N THR K 411 -7.82 -21.58 -38.24
CA THR K 411 -9.02 -22.38 -38.01
C THR K 411 -9.18 -22.63 -36.52
N CYS K 412 -10.42 -22.52 -36.03
CA CYS K 412 -10.67 -22.75 -34.61
C CYS K 412 -12.07 -23.32 -34.41
N LYS K 413 -12.20 -24.18 -33.40
CA LYS K 413 -13.45 -24.85 -33.08
C LYS K 413 -13.95 -24.39 -31.71
N SER K 414 -15.26 -24.25 -31.57
CA SER K 414 -15.83 -23.71 -30.35
C SER K 414 -17.26 -24.22 -30.18
N ASN K 415 -17.77 -24.05 -28.97
CA ASN K 415 -19.13 -24.39 -28.61
C ASN K 415 -19.96 -23.12 -28.45
N ILE K 416 -21.10 -23.08 -29.12
CA ILE K 416 -22.13 -22.10 -28.82
C ILE K 416 -22.89 -22.61 -27.59
N THR K 417 -22.93 -21.80 -26.55
CA THR K 417 -23.59 -22.17 -25.30
C THR K 417 -24.71 -21.22 -24.90
N GLY K 418 -24.94 -20.15 -25.65
CA GLY K 418 -26.01 -19.23 -25.30
C GLY K 418 -26.30 -18.29 -26.46
N LEU K 419 -27.46 -17.67 -26.38
CA LEU K 419 -27.91 -16.73 -27.40
C LEU K 419 -28.37 -15.44 -26.76
N LEU K 420 -28.26 -14.34 -27.51
CA LEU K 420 -28.79 -13.06 -27.10
C LEU K 420 -29.81 -12.62 -28.14
N LEU K 421 -31.04 -12.40 -27.69
CA LEU K 421 -32.14 -12.09 -28.58
C LEU K 421 -32.80 -10.78 -28.15
N VAL K 422 -33.39 -10.09 -29.11
CA VAL K 422 -34.08 -8.83 -28.86
C VAL K 422 -35.46 -8.90 -29.51
N ARG K 423 -36.49 -8.51 -28.75
CA ARG K 423 -37.86 -8.52 -29.24
C ARG K 423 -38.15 -7.22 -29.97
N ASP K 424 -38.81 -7.32 -31.12
CA ASP K 424 -39.11 -6.14 -31.91
C ASP K 424 -40.11 -5.24 -31.18
N GLY K 425 -39.95 -3.94 -31.38
CA GLY K 425 -40.83 -2.97 -30.77
C GLY K 425 -41.97 -2.56 -31.69
N GLY K 426 -42.78 -3.51 -32.10
CA GLY K 426 -43.85 -3.24 -33.04
C GLY K 426 -45.16 -3.86 -32.61
N LYS K 427 -46.25 -3.19 -32.99
CA LYS K 427 -47.60 -3.68 -32.74
C LYS K 427 -48.35 -3.90 -34.06
N GLU K 428 -47.61 -4.12 -35.14
CA GLU K 428 -48.24 -4.30 -36.44
C GLU K 428 -49.11 -5.54 -36.46
N SER K 429 -48.64 -6.63 -35.86
CA SER K 429 -49.39 -7.88 -35.81
C SER K 429 -49.55 -8.33 -34.38
N ASN K 430 -50.76 -8.78 -34.03
CA ASN K 430 -51.06 -9.28 -32.70
C ASN K 430 -51.06 -10.80 -32.64
N SER K 431 -50.47 -11.45 -33.65
CA SER K 431 -50.40 -12.90 -33.69
C SER K 431 -49.00 -13.47 -33.55
N THR K 432 -47.98 -12.74 -34.01
CA THR K 432 -46.63 -13.24 -34.03
C THR K 432 -45.70 -12.28 -33.31
N GLU K 433 -44.65 -12.82 -32.71
CA GLU K 433 -43.64 -12.03 -32.03
C GLU K 433 -42.29 -12.33 -32.67
N ILE K 434 -41.58 -11.28 -33.06
CA ILE K 434 -40.35 -11.41 -33.84
C ILE K 434 -39.15 -11.23 -32.91
N PHE K 435 -38.23 -12.20 -32.95
CA PHE K 435 -36.99 -12.13 -32.19
C PHE K 435 -35.82 -12.00 -33.15
N ARG K 436 -34.89 -11.13 -32.81
CA ARG K 436 -33.78 -10.77 -33.68
C ARG K 436 -32.46 -10.97 -32.96
N PRO K 437 -31.36 -11.15 -33.70
CA PRO K 437 -30.05 -11.15 -33.07
C PRO K 437 -29.84 -9.84 -32.31
N GLY K 438 -29.23 -9.95 -31.15
CA GLY K 438 -29.07 -8.81 -30.27
C GLY K 438 -27.62 -8.59 -29.90
N GLY K 439 -27.26 -7.32 -29.71
CA GLY K 439 -25.95 -6.96 -29.23
C GLY K 439 -26.04 -6.39 -27.84
N GLY K 440 -26.04 -5.07 -27.75
CA GLY K 440 -26.18 -4.41 -26.47
C GLY K 440 -24.89 -4.39 -25.69
N ASP K 441 -25.02 -4.01 -24.42
CA ASP K 441 -23.87 -3.90 -23.55
C ASP K 441 -23.21 -5.26 -23.39
N MET K 442 -21.88 -5.30 -23.52
CA MET K 442 -21.16 -6.56 -23.44
C MET K 442 -21.09 -7.11 -22.03
N ARG K 443 -21.53 -6.35 -21.03
CA ARG K 443 -21.70 -6.92 -19.70
C ARG K 443 -22.64 -8.11 -19.71
N ASP K 444 -23.60 -8.14 -20.66
CA ASP K 444 -24.49 -9.27 -20.78
C ASP K 444 -23.76 -10.56 -21.11
N ASN K 445 -22.57 -10.47 -21.69
CA ASN K 445 -21.82 -11.68 -22.02
C ASN K 445 -21.32 -12.39 -20.77
N TRP K 446 -21.23 -11.70 -19.65
CA TRP K 446 -20.70 -12.28 -18.42
C TRP K 446 -21.77 -12.51 -17.36
N ARG K 447 -22.98 -11.99 -17.54
CA ARG K 447 -24.06 -12.25 -16.60
C ARG K 447 -24.53 -13.69 -16.63
N SER K 448 -24.12 -14.47 -17.63
CA SER K 448 -24.48 -15.88 -17.70
C SER K 448 -23.56 -16.76 -16.88
N GLU K 449 -22.55 -16.18 -16.23
CA GLU K 449 -21.62 -16.92 -15.40
C GLU K 449 -21.58 -16.44 -13.96
N LEU K 450 -21.82 -15.16 -13.72
CA LEU K 450 -21.75 -14.59 -12.38
C LEU K 450 -23.13 -14.40 -11.76
N TYR K 451 -24.16 -15.03 -12.31
CA TYR K 451 -25.51 -14.81 -11.79
C TYR K 451 -25.83 -15.65 -10.57
N LYS K 452 -24.94 -16.55 -10.16
CA LYS K 452 -25.16 -17.38 -8.99
C LYS K 452 -24.25 -16.98 -7.84
N TYR K 453 -24.03 -15.68 -7.64
CA TYR K 453 -23.09 -15.26 -6.62
C TYR K 453 -23.53 -13.94 -6.01
N LYS K 454 -23.09 -13.72 -4.77
CA LYS K 454 -23.49 -12.57 -4.00
C LYS K 454 -22.47 -12.33 -2.90
N VAL K 455 -22.02 -11.09 -2.75
CA VAL K 455 -20.96 -10.76 -1.80
C VAL K 455 -21.61 -10.28 -0.50
N VAL K 456 -21.16 -10.84 0.63
CA VAL K 456 -21.72 -10.48 1.93
C VAL K 456 -20.61 -10.24 2.94
N GLU K 457 -20.81 -9.24 3.80
CA GLU K 457 -19.91 -8.97 4.92
C GLU K 457 -20.35 -9.74 6.15
N ILE K 458 -19.38 -10.23 6.90
CA ILE K 458 -19.62 -11.00 8.11
C ILE K 458 -19.42 -10.08 9.31
N LYS K 459 -20.44 -9.98 10.17
CA LYS K 459 -20.30 -9.24 11.41
C LYS K 459 -20.23 -10.20 12.58
N PRO K 460 -19.10 -10.24 13.29
CA PRO K 460 -18.88 -11.31 14.29
C PRO K 460 -19.22 -10.95 15.72
N LEU K 461 -19.79 -9.79 16.00
CA LEU K 461 -20.05 -9.35 17.37
C LEU K 461 -21.54 -9.41 17.65
N GLY K 462 -21.90 -10.00 18.79
CA GLY K 462 -23.30 -10.08 19.17
C GLY K 462 -23.46 -9.98 20.67
N VAL K 463 -24.67 -9.61 21.08
CA VAL K 463 -25.01 -9.47 22.49
C VAL K 463 -26.32 -10.19 22.75
N ALA K 464 -26.37 -10.96 23.83
CA ALA K 464 -27.53 -11.76 24.16
C ALA K 464 -27.81 -11.68 25.66
N PRO K 465 -29.02 -12.00 26.08
CA PRO K 465 -29.27 -12.16 27.52
C PRO K 465 -29.01 -13.58 27.99
N THR K 466 -28.28 -13.74 29.10
CA THR K 466 -27.91 -15.05 29.60
C THR K 466 -27.98 -15.04 31.12
N GLU K 467 -28.31 -16.21 31.68
CA GLU K 467 -28.41 -16.37 33.12
C GLU K 467 -27.08 -16.19 33.84
N CYS K 468 -25.96 -16.33 33.13
CA CYS K 468 -24.66 -16.05 33.71
C CYS K 468 -24.62 -14.63 34.24
N LYS K 469 -24.15 -14.47 35.48
CA LYS K 469 -24.27 -13.21 36.19
C LYS K 469 -22.93 -12.63 36.61
N ARG K 470 -21.93 -13.47 36.86
CA ARG K 470 -20.67 -13.00 37.40
C ARG K 470 -19.85 -12.33 36.31
N ARG K 471 -18.63 -11.92 36.67
CA ARG K 471 -17.67 -11.33 35.73
C ARG K 471 -18.24 -10.13 34.98
N ASN L 1 3.40 1.69 50.83
CA ASN L 1 4.22 1.13 49.76
C ASN L 1 3.69 1.52 48.40
N LEU L 2 4.50 2.25 47.63
CA LEU L 2 4.12 2.71 46.32
C LEU L 2 4.48 1.67 45.27
N TRP L 3 3.52 1.32 44.42
CA TRP L 3 3.75 0.35 43.36
C TRP L 3 3.37 0.95 42.01
N VAL L 4 4.03 0.46 40.97
CA VAL L 4 3.88 1.01 39.63
C VAL L 4 2.56 0.58 39.03
N THR L 5 1.87 1.53 38.39
CA THR L 5 0.63 1.28 37.69
C THR L 5 0.74 1.84 36.28
N VAL L 6 0.28 1.07 35.30
CA VAL L 6 0.38 1.39 33.89
C VAL L 6 -0.99 1.81 33.39
N TYR L 7 -1.07 2.99 32.78
CA TYR L 7 -2.30 3.55 32.26
C TYR L 7 -2.23 3.64 30.74
N TYR L 8 -3.34 3.33 30.09
CA TYR L 8 -3.49 3.45 28.64
C TYR L 8 -4.59 4.44 28.35
N GLY L 9 -4.32 5.39 27.45
CA GLY L 9 -5.24 6.45 27.15
C GLY L 9 -4.90 7.78 27.77
N VAL L 10 -3.69 7.95 28.28
CA VAL L 10 -3.29 9.20 28.93
C VAL L 10 -3.28 10.33 27.91
N PRO L 11 -3.83 11.51 28.23
CA PRO L 11 -3.80 12.65 27.29
C PRO L 11 -2.51 13.44 27.30
N VAL L 12 -1.50 12.95 26.57
CA VAL L 12 -0.27 13.69 26.35
C VAL L 12 0.08 13.64 24.87
N TRP L 13 0.76 14.67 24.39
CA TRP L 13 1.02 14.76 22.96
C TRP L 13 2.37 15.41 22.69
N LYS L 14 3.02 14.93 21.64
CA LYS L 14 4.22 15.49 21.04
C LYS L 14 3.83 16.45 19.93
N GLU L 15 4.79 17.26 19.51
CA GLU L 15 4.68 18.03 18.28
C GLU L 15 5.29 17.22 17.15
N ALA L 16 4.48 16.88 16.14
CA ALA L 16 4.93 15.98 15.10
C ALA L 16 4.44 16.47 13.75
N THR L 17 5.09 15.97 12.70
CA THR L 17 4.76 16.32 11.32
C THR L 17 4.39 15.05 10.57
N THR L 18 3.19 15.03 9.99
CA THR L 18 2.74 13.88 9.23
C THR L 18 1.98 14.36 8.01
N THR L 19 1.79 13.46 7.06
CA THR L 19 1.00 13.76 5.87
C THR L 19 -0.48 13.74 6.22
N LEU L 20 -1.18 14.81 5.87
CA LEU L 20 -2.61 14.92 6.10
C LEU L 20 -3.34 14.70 4.79
N PHE L 21 -4.50 14.05 4.87
CA PHE L 21 -5.28 13.71 3.68
C PHE L 21 -6.44 14.70 3.57
N CYS L 22 -6.70 15.20 2.37
CA CYS L 22 -7.76 16.18 2.27
C CYS L 22 -9.10 15.48 2.07
N ALA L 23 -10.16 16.29 2.03
CA ALA L 23 -11.52 15.78 1.87
C ALA L 23 -12.41 16.93 1.40
N SER L 24 -13.36 16.61 0.54
CA SER L 24 -14.25 17.60 -0.03
C SER L 24 -15.69 17.19 0.20
N ASP L 25 -16.57 18.19 0.32
CA ASP L 25 -17.98 17.95 0.53
C ASP L 25 -18.73 17.80 -0.79
N HIS L 34 -16.34 18.03 -13.65
CA HIS L 34 -15.12 17.22 -13.57
C HIS L 34 -14.01 18.00 -12.88
N ASN L 35 -14.34 18.61 -11.74
CA ASN L 35 -13.34 19.35 -10.98
C ASN L 35 -12.30 18.40 -10.42
N VAL L 36 -11.04 18.80 -10.50
CA VAL L 36 -9.95 17.90 -10.16
C VAL L 36 -9.97 17.57 -8.67
N TRP L 37 -10.12 18.58 -7.82
CA TRP L 37 -10.11 18.34 -6.39
C TRP L 37 -11.27 17.46 -5.96
N ALA L 38 -12.47 17.74 -6.47
CA ALA L 38 -13.67 17.09 -5.96
C ALA L 38 -13.69 15.60 -6.27
N THR L 39 -13.16 15.19 -7.41
CA THR L 39 -13.31 13.81 -7.87
C THR L 39 -12.01 13.03 -7.96
N HIS L 40 -10.85 13.67 -7.86
CA HIS L 40 -9.61 12.93 -8.02
C HIS L 40 -8.54 13.28 -7.00
N ALA L 41 -8.69 14.35 -6.23
CA ALA L 41 -7.66 14.70 -5.26
C ALA L 41 -7.70 13.78 -4.05
N CYS L 42 -8.87 13.66 -3.44
CA CYS L 42 -8.96 13.03 -2.12
C CYS L 42 -10.42 12.83 -1.73
N VAL L 43 -10.61 12.20 -0.58
CA VAL L 43 -11.82 11.42 -0.27
C VAL L 43 -13.03 12.32 -0.23
N PRO L 44 -14.20 11.88 -0.70
CA PRO L 44 -15.43 12.67 -0.64
C PRO L 44 -16.25 12.38 0.61
N THR L 45 -15.68 12.68 1.76
CA THR L 45 -16.38 12.46 3.03
C THR L 45 -16.48 13.77 3.81
N ASP L 46 -17.59 13.91 4.53
CA ASP L 46 -17.78 15.03 5.44
C ASP L 46 -18.87 14.68 6.45
N PRO L 47 -18.57 13.82 7.43
CA PRO L 47 -19.57 13.54 8.47
C PRO L 47 -19.69 14.70 9.44
N ASN L 48 -20.46 14.52 10.51
CA ASN L 48 -20.58 15.57 11.51
C ASN L 48 -19.23 15.79 12.18
N PRO L 49 -18.64 16.98 12.06
CA PRO L 49 -17.31 17.20 12.65
C PRO L 49 -17.37 17.19 14.17
N GLN L 50 -16.24 16.85 14.78
CA GLN L 50 -16.11 16.79 16.22
C GLN L 50 -15.13 17.88 16.66
N GLU L 51 -15.59 18.77 17.54
CA GLU L 51 -14.77 19.84 18.08
C GLU L 51 -14.95 19.88 19.58
N MET L 52 -13.84 19.85 20.32
CA MET L 52 -13.93 19.79 21.76
C MET L 52 -13.03 20.89 22.31
N VAL L 53 -13.39 21.48 23.44
CA VAL L 53 -12.72 22.69 23.93
C VAL L 53 -11.89 22.34 25.16
N LEU L 54 -10.57 22.47 25.04
CA LEU L 54 -9.67 22.07 26.11
C LEU L 54 -9.62 23.19 27.14
N GLU L 55 -10.10 22.90 28.36
CA GLU L 55 -10.46 23.99 29.27
C GLU L 55 -9.25 24.71 29.86
N ASN L 56 -8.26 23.97 30.37
CA ASN L 56 -7.21 24.59 31.18
C ASN L 56 -5.83 24.55 30.53
N VAL L 57 -5.76 24.34 29.21
CA VAL L 57 -4.48 24.19 28.55
C VAL L 57 -4.04 25.53 27.99
N THR L 58 -2.75 25.64 27.70
CA THR L 58 -2.16 26.81 27.07
C THR L 58 -1.10 26.34 26.11
N GLU L 59 -1.27 26.62 24.82
CA GLU L 59 -0.42 26.03 23.79
C GLU L 59 0.32 27.12 23.04
N ASN L 60 1.56 26.82 22.64
CA ASN L 60 2.38 27.77 21.91
C ASN L 60 2.25 27.51 20.41
N PHE L 61 1.94 28.56 19.67
CA PHE L 61 1.79 28.47 18.23
C PHE L 61 2.82 29.32 17.52
N ASN L 62 3.20 28.90 16.32
CA ASN L 62 4.13 29.65 15.49
C ASN L 62 3.78 29.35 14.03
N MET L 63 3.15 30.31 13.36
CA MET L 63 2.65 30.08 12.02
C MET L 63 3.74 30.01 10.96
N TRP L 64 4.96 30.42 11.28
CA TRP L 64 6.00 30.55 10.28
C TRP L 64 6.88 29.32 10.13
N LYS L 65 6.70 28.31 10.97
CA LYS L 65 7.36 27.01 10.80
C LYS L 65 6.33 25.90 10.91
N ASN L 66 5.24 26.04 10.16
CA ASN L 66 4.20 25.04 10.07
C ASN L 66 4.34 24.28 8.77
N GLU L 67 4.38 22.95 8.86
CA GLU L 67 4.53 22.12 7.68
C GLU L 67 3.25 22.00 6.88
N MET L 68 2.13 22.45 7.43
CA MET L 68 0.85 22.36 6.73
C MET L 68 0.88 23.12 5.43
N VAL L 69 1.47 24.32 5.43
CA VAL L 69 1.51 25.13 4.22
C VAL L 69 2.38 24.48 3.15
N ASN L 70 3.52 23.90 3.56
CA ASN L 70 4.37 23.24 2.59
C ASN L 70 3.68 22.03 1.98
N GLN L 71 2.98 21.26 2.81
CA GLN L 71 2.26 20.10 2.30
C GLN L 71 1.16 20.53 1.33
N MET L 72 0.44 21.60 1.66
CA MET L 72 -0.59 22.09 0.75
C MET L 72 0.01 22.56 -0.57
N HIS L 73 1.13 23.28 -0.50
CA HIS L 73 1.79 23.76 -1.70
C HIS L 73 2.20 22.60 -2.60
N GLU L 74 2.85 21.59 -2.03
CA GLU L 74 3.26 20.44 -2.81
C GLU L 74 2.05 19.76 -3.43
N ASP L 75 0.96 19.62 -2.68
CA ASP L 75 -0.23 19.00 -3.24
C ASP L 75 -0.79 19.82 -4.40
N VAL L 76 -0.78 21.15 -4.29
CA VAL L 76 -1.33 21.98 -5.36
C VAL L 76 -0.55 21.79 -6.65
N ILE L 77 0.79 21.90 -6.58
CA ILE L 77 1.56 21.71 -7.80
C ILE L 77 1.42 20.29 -8.35
N SER L 78 1.48 19.28 -7.47
CA SER L 78 1.37 17.91 -7.96
C SER L 78 0.03 17.67 -8.64
N LEU L 79 -1.04 18.21 -8.05
CA LEU L 79 -2.36 18.01 -8.62
C LEU L 79 -2.49 18.70 -9.97
N TRP L 80 -1.97 19.92 -10.08
CA TRP L 80 -2.07 20.62 -11.36
C TRP L 80 -1.29 19.87 -12.43
N ASP L 81 -0.12 19.35 -12.07
CA ASP L 81 0.69 18.61 -13.05
C ASP L 81 -0.03 17.35 -13.52
N GLN L 82 -0.56 16.57 -12.59
CA GLN L 82 -1.26 15.34 -12.99
C GLN L 82 -2.58 15.64 -13.69
N SER L 83 -3.11 16.85 -13.54
CA SER L 83 -4.28 17.21 -14.32
C SER L 83 -3.90 17.58 -15.75
N LEU L 84 -2.84 18.38 -15.92
CA LEU L 84 -2.45 18.82 -17.25
C LEU L 84 -1.70 17.76 -18.05
N LYS L 85 -1.26 16.68 -17.43
CA LYS L 85 -0.50 15.72 -18.23
C LYS L 85 -1.36 14.88 -19.18
N PRO L 86 -2.49 14.23 -18.73
CA PRO L 86 -3.18 13.26 -19.60
C PRO L 86 -4.06 13.83 -20.71
N CYS L 87 -3.54 14.81 -21.44
CA CYS L 87 -4.22 15.28 -22.65
C CYS L 87 -3.36 16.20 -23.50
N VAL L 88 -3.98 16.86 -24.49
CA VAL L 88 -3.30 17.31 -25.70
C VAL L 88 -2.05 18.12 -25.41
N LYS L 89 -1.03 17.91 -26.24
CA LYS L 89 0.26 18.57 -26.12
C LYS L 89 0.53 19.39 -27.37
N LEU L 90 0.94 20.64 -27.18
CA LEU L 90 1.13 21.58 -28.29
C LEU L 90 2.58 21.60 -28.76
N THR L 91 3.06 20.43 -29.15
CA THR L 91 4.40 20.35 -29.72
C THR L 91 4.50 20.89 -31.15
N PRO L 92 3.51 20.76 -32.02
CA PRO L 92 3.71 21.21 -33.40
C PRO L 92 3.32 22.66 -33.65
N LEU L 93 2.85 23.38 -32.65
CA LEU L 93 2.54 24.79 -32.83
C LEU L 93 3.79 25.66 -32.86
N CYS L 94 4.93 25.14 -32.43
CA CYS L 94 6.16 25.93 -32.37
C CYS L 94 6.75 26.06 -33.76
N VAL L 95 6.10 26.89 -34.56
CA VAL L 95 6.49 27.12 -35.94
C VAL L 95 6.63 28.61 -36.19
N THR L 96 6.90 29.00 -37.42
CA THR L 96 7.00 30.40 -37.78
C THR L 96 5.60 31.00 -37.92
N LEU L 97 5.34 32.06 -37.18
CA LEU L 97 4.05 32.75 -37.23
C LEU L 97 4.21 34.02 -38.06
N ASP L 98 3.38 34.17 -39.09
CA ASP L 98 3.32 35.39 -39.89
C ASP L 98 2.17 36.23 -39.36
N CYS L 99 2.49 37.34 -38.72
CA CYS L 99 1.50 38.13 -38.00
C CYS L 99 1.31 39.50 -38.64
N THR L 100 0.06 39.95 -38.64
CA THR L 100 -0.29 41.30 -39.07
C THR L 100 -1.26 41.90 -38.04
N THR L 101 -1.59 43.17 -38.22
CA THR L 101 -2.50 43.83 -37.32
C THR L 101 -3.92 43.29 -37.53
N VAL L 102 -4.74 43.45 -36.48
CA VAL L 102 -6.13 43.02 -36.56
C VAL L 102 -6.87 43.88 -37.57
N ASN L 103 -7.83 43.28 -38.26
CA ASN L 103 -8.57 43.99 -39.31
C ASN L 103 -9.40 45.15 -38.76
N GLN L 125 -3.56 47.59 -30.76
CA GLN L 125 -4.50 46.73 -30.05
C GLN L 125 -3.76 45.73 -29.16
N GLU L 126 -4.53 44.83 -28.56
CA GLU L 126 -3.98 43.83 -27.64
C GLU L 126 -3.83 42.46 -28.29
N MET L 127 -4.02 42.36 -29.61
CA MET L 127 -3.92 41.07 -30.28
C MET L 127 -3.45 41.28 -31.71
N LYS L 128 -2.94 40.20 -32.30
CA LYS L 128 -2.44 40.18 -33.66
C LYS L 128 -2.99 38.98 -34.40
N ASN L 129 -3.22 39.16 -35.70
CA ASN L 129 -3.75 38.11 -36.57
C ASN L 129 -2.57 37.36 -37.16
N CYS L 130 -2.33 36.13 -36.69
CA CYS L 130 -1.16 35.37 -37.09
C CYS L 130 -1.61 34.11 -37.82
N SER L 131 -1.03 33.89 -38.99
CA SER L 131 -1.25 32.67 -39.75
C SER L 131 0.01 31.82 -39.73
N PHE L 132 -0.18 30.51 -39.80
CA PHE L 132 0.95 29.59 -39.77
C PHE L 132 0.57 28.28 -40.45
N ASN L 133 1.60 27.55 -40.86
CA ASN L 133 1.46 26.20 -41.38
C ASN L 133 1.57 25.20 -40.23
N THR L 134 0.83 24.10 -40.37
CA THR L 134 0.82 23.09 -39.32
C THR L 134 0.44 21.75 -39.92
N THR L 135 0.54 20.71 -39.10
CA THR L 135 0.22 19.36 -39.52
C THR L 135 -1.29 19.15 -39.49
N THR L 136 -1.72 18.02 -40.05
CA THR L 136 -3.14 17.72 -40.18
C THR L 136 -3.35 16.24 -39.87
N GLU L 137 -4.54 15.74 -40.20
CA GLU L 137 -4.87 14.34 -39.95
C GLU L 137 -3.99 13.39 -40.74
N LEU L 138 -3.41 13.85 -41.85
CA LEU L 138 -2.48 13.07 -42.63
C LEU L 138 -1.09 13.66 -42.48
N ARG L 139 -0.13 12.85 -42.07
CA ARG L 139 1.19 13.35 -41.72
C ARG L 139 1.95 13.89 -42.93
N ASP L 140 1.65 13.41 -44.13
CA ASP L 140 2.35 13.84 -45.33
C ASP L 140 1.70 15.06 -46.00
N LYS L 141 0.75 15.70 -45.33
CA LYS L 141 0.12 16.91 -45.83
C LYS L 141 0.18 17.99 -44.75
N LYS L 142 0.12 19.24 -45.19
CA LYS L 142 0.17 20.38 -44.29
C LYS L 142 -0.97 21.32 -44.60
N GLN L 143 -1.37 22.11 -43.60
CA GLN L 143 -2.49 23.03 -43.74
C GLN L 143 -2.08 24.41 -43.23
N LYS L 144 -2.61 25.43 -43.87
CA LYS L 144 -2.37 26.81 -43.47
C LYS L 144 -3.60 27.34 -42.75
N VAL L 145 -3.42 27.72 -41.48
CA VAL L 145 -4.52 28.21 -40.66
C VAL L 145 -4.12 29.55 -40.07
N TYR L 146 -5.06 30.17 -39.36
CA TYR L 146 -4.81 31.47 -38.75
C TYR L 146 -5.57 31.57 -37.44
N ALA L 147 -5.06 32.43 -36.56
CA ALA L 147 -5.69 32.66 -35.27
C ALA L 147 -5.25 34.01 -34.75
N LEU L 148 -6.03 34.54 -33.81
CA LEU L 148 -5.72 35.79 -33.13
C LEU L 148 -5.02 35.47 -31.83
N PHE L 149 -3.79 35.96 -31.68
CA PHE L 149 -3.02 35.76 -30.45
C PHE L 149 -2.76 37.09 -29.76
N TYR L 150 -2.83 37.09 -28.44
CA TYR L 150 -2.51 38.28 -27.68
C TYR L 150 -1.04 38.62 -27.85
N LYS L 151 -0.73 39.92 -27.84
CA LYS L 151 0.63 40.37 -28.08
C LYS L 151 1.59 39.96 -26.96
N LEU L 152 1.07 39.52 -25.83
CA LEU L 152 1.91 39.17 -24.68
C LEU L 152 2.35 37.72 -24.71
N ASP L 153 1.99 36.97 -25.75
CA ASP L 153 2.45 35.59 -25.93
C ASP L 153 3.21 35.43 -27.24
N ILE L 154 3.74 36.52 -27.78
CA ILE L 154 4.40 36.53 -29.07
C ILE L 154 5.71 37.30 -28.95
N VAL L 155 6.79 36.72 -29.44
CA VAL L 155 8.12 37.32 -29.37
C VAL L 155 8.67 37.40 -30.79
N PRO L 156 9.23 38.52 -31.21
CA PRO L 156 9.80 38.62 -32.55
C PRO L 156 11.11 37.85 -32.69
N LEU L 157 11.39 37.45 -33.93
CA LEU L 157 12.63 36.79 -34.28
C LEU L 157 13.69 37.76 -34.78
N SER L 158 13.32 38.66 -35.69
CA SER L 158 14.25 39.64 -36.23
C SER L 158 13.58 41.00 -36.29
N ASN L 159 14.39 42.05 -36.24
CA ASN L 159 13.89 43.41 -36.24
C ASN L 159 13.55 43.92 -37.62
N ASN L 160 14.02 43.26 -38.68
CA ASN L 160 13.80 43.72 -40.05
C ASN L 160 12.96 42.73 -40.86
N SER L 161 12.03 42.04 -40.20
CA SER L 161 11.18 41.08 -40.88
C SER L 161 9.90 40.89 -40.08
N SER L 162 8.90 40.28 -40.73
CA SER L 162 7.63 39.94 -40.11
C SER L 162 7.74 38.50 -39.63
N GLU L 163 8.37 38.34 -38.47
CA GLU L 163 8.65 37.02 -37.91
C GLU L 163 8.23 37.04 -36.45
N TYR L 164 7.63 35.95 -35.99
CA TYR L 164 7.10 35.89 -34.64
C TYR L 164 7.04 34.44 -34.19
N ARG L 165 7.10 34.23 -32.87
CA ARG L 165 6.96 32.90 -32.32
C ARG L 165 6.35 32.97 -30.94
N LEU L 166 5.78 31.85 -30.49
CA LEU L 166 5.23 31.79 -29.15
C LEU L 166 6.36 31.82 -28.12
N ILE L 167 6.07 32.39 -26.95
CA ILE L 167 7.12 32.65 -25.97
C ILE L 167 7.72 31.35 -25.45
N ASN L 168 6.88 30.39 -25.08
CA ASN L 168 7.38 29.23 -24.35
C ASN L 168 7.92 28.14 -25.25
N CYS L 169 7.78 28.25 -26.57
CA CYS L 169 8.48 27.32 -27.45
C CYS L 169 9.97 27.58 -27.48
N ASN L 170 10.41 28.68 -26.89
CA ASN L 170 11.83 29.00 -26.81
C ASN L 170 12.58 27.95 -25.99
N THR L 171 12.29 27.87 -24.70
CA THR L 171 12.89 26.86 -23.82
C THR L 171 11.87 26.22 -22.88
N SER L 172 10.72 25.80 -23.40
CA SER L 172 9.76 25.07 -22.58
C SER L 172 8.86 24.24 -23.49
N ALA L 173 7.97 23.48 -22.88
CA ALA L 173 6.96 22.70 -23.59
C ALA L 173 5.59 23.13 -23.11
N ILE L 174 4.66 23.28 -24.06
CA ILE L 174 3.36 23.88 -23.81
C ILE L 174 2.29 22.79 -23.89
N THR L 175 1.44 22.72 -22.87
CA THR L 175 0.32 21.79 -22.84
C THR L 175 -0.97 22.58 -22.70
N GLN L 176 -1.97 22.22 -23.50
CA GLN L 176 -3.22 22.98 -23.49
C GLN L 176 -4.02 22.69 -22.24
N ALA L 177 -4.54 23.76 -21.62
CA ALA L 177 -5.48 23.58 -20.53
C ALA L 177 -6.64 22.75 -21.02
N CYS L 178 -6.98 21.72 -20.26
CA CYS L 178 -7.59 20.55 -20.83
C CYS L 178 -9.10 20.73 -20.77
N PRO L 179 -9.80 20.77 -21.90
CA PRO L 179 -11.12 21.42 -21.93
C PRO L 179 -12.15 20.80 -21.01
N LYS L 180 -12.11 19.47 -20.81
CA LYS L 180 -13.15 18.82 -20.01
C LYS L 180 -13.02 19.19 -18.53
N VAL L 181 -11.80 19.28 -18.01
CA VAL L 181 -11.62 19.51 -16.58
C VAL L 181 -11.81 20.99 -16.27
N SER L 182 -12.22 21.27 -15.04
CA SER L 182 -12.55 22.62 -14.61
C SER L 182 -11.54 23.06 -13.56
N PHE L 183 -10.96 24.23 -13.75
CA PHE L 183 -9.94 24.78 -12.85
C PHE L 183 -10.59 25.73 -11.85
N ASP L 184 -11.59 25.22 -11.13
CA ASP L 184 -12.36 26.02 -10.20
C ASP L 184 -12.04 25.63 -8.77
N PRO L 185 -11.57 26.56 -7.94
CA PRO L 185 -11.32 26.22 -6.54
C PRO L 185 -12.60 25.82 -5.83
N ILE L 186 -12.48 24.79 -4.99
CA ILE L 186 -13.60 24.34 -4.15
C ILE L 186 -13.09 24.21 -2.72
N PRO L 187 -13.97 24.27 -1.73
CA PRO L 187 -13.53 24.10 -0.34
C PRO L 187 -12.88 22.75 -0.12
N ILE L 188 -11.81 22.75 0.67
CA ILE L 188 -11.03 21.55 0.97
C ILE L 188 -10.74 21.52 2.46
N HIS L 189 -10.95 20.37 3.09
CA HIS L 189 -10.63 20.20 4.50
C HIS L 189 -9.46 19.24 4.62
N TYR L 190 -8.39 19.67 5.29
CA TYR L 190 -7.22 18.84 5.51
C TYR L 190 -7.42 18.05 6.80
N CYS L 191 -7.74 16.77 6.67
CA CYS L 191 -8.06 15.91 7.79
C CYS L 191 -6.82 15.11 8.17
N THR L 192 -6.52 15.09 9.48
CA THR L 192 -5.39 14.34 10.02
C THR L 192 -5.80 12.90 10.31
N PRO L 193 -4.86 11.96 10.22
CA PRO L 193 -5.18 10.54 10.35
C PRO L 193 -5.33 10.14 11.81
N ALA L 194 -5.49 8.85 12.02
CA ALA L 194 -5.62 8.30 13.37
C ALA L 194 -4.30 8.41 14.11
N GLY L 195 -4.40 8.60 15.42
CA GLY L 195 -3.23 8.77 16.24
C GLY L 195 -2.68 10.18 16.30
N TYR L 196 -3.31 11.12 15.60
CA TYR L 196 -2.88 12.50 15.60
C TYR L 196 -4.08 13.39 15.85
N ALA L 197 -3.84 14.69 16.01
CA ALA L 197 -4.93 15.62 16.26
C ALA L 197 -4.50 17.01 15.80
N LEU L 198 -5.50 17.85 15.55
CA LEU L 198 -5.28 19.25 15.24
C LEU L 198 -5.68 20.09 16.44
N LEU L 199 -4.80 21.00 16.84
CA LEU L 199 -5.11 21.99 17.85
C LEU L 199 -5.33 23.32 17.15
N LYS L 200 -6.52 23.88 17.32
CA LYS L 200 -6.89 25.19 16.82
C LYS L 200 -7.27 26.05 18.00
N CYS L 201 -6.59 27.16 18.20
CA CYS L 201 -6.91 27.96 19.37
C CYS L 201 -7.56 29.25 18.92
N ASN L 202 -8.54 29.69 19.69
CA ASN L 202 -9.56 30.64 19.25
C ASN L 202 -9.37 32.01 19.88
N ASP L 203 -8.13 32.44 20.08
CA ASP L 203 -7.90 33.81 20.52
C ASP L 203 -8.41 34.78 19.47
N LYS L 204 -8.91 35.93 19.94
CA LYS L 204 -9.64 36.83 19.06
C LYS L 204 -8.72 37.51 18.05
N ARG L 205 -7.55 37.96 18.48
CA ARG L 205 -6.67 38.72 17.60
C ARG L 205 -5.34 38.02 17.43
N PHE L 206 -5.37 36.72 17.17
CA PHE L 206 -4.14 35.96 17.13
C PHE L 206 -3.29 36.37 15.94
N ASN L 207 -2.05 36.75 16.21
CA ASN L 207 -1.07 37.10 15.20
C ASN L 207 -0.08 35.98 14.90
N GLY L 208 -0.35 34.77 15.36
CA GLY L 208 0.38 33.60 14.91
C GLY L 208 1.44 33.09 15.85
N THR L 209 2.22 34.00 16.45
CA THR L 209 3.34 33.62 17.28
C THR L 209 2.99 33.84 18.74
N GLY L 210 3.26 32.84 19.57
CA GLY L 210 3.19 33.02 21.00
C GLY L 210 2.27 32.06 21.70
N PRO L 211 2.03 32.30 22.98
CA PRO L 211 1.10 31.47 23.74
C PRO L 211 -0.33 31.76 23.33
N CYS L 212 -1.20 30.79 23.60
CA CYS L 212 -2.59 30.94 23.24
C CYS L 212 -3.42 30.14 24.23
N HIS L 213 -4.40 30.81 24.85
CA HIS L 213 -5.02 30.36 26.08
C HIS L 213 -6.42 29.79 25.92
N ASN L 214 -6.93 29.67 24.71
CA ASN L 214 -8.26 29.09 24.48
C ASN L 214 -8.12 28.15 23.29
N VAL L 215 -7.85 26.88 23.57
CA VAL L 215 -7.51 25.89 22.56
C VAL L 215 -8.66 24.89 22.43
N SER L 216 -8.86 24.41 21.21
CA SER L 216 -9.82 23.36 20.92
C SER L 216 -9.13 22.29 20.09
N THR L 217 -9.59 21.06 20.23
CA THR L 217 -9.12 19.94 19.44
C THR L 217 -10.14 19.59 18.37
N VAL L 218 -9.63 19.36 17.17
CA VAL L 218 -10.42 18.98 16.01
C VAL L 218 -9.68 17.89 15.25
N GLN L 219 -10.39 17.30 14.30
CA GLN L 219 -9.78 16.36 13.35
C GLN L 219 -9.36 17.05 12.07
N CYS L 220 -10.14 18.02 11.60
CA CYS L 220 -9.78 18.73 10.38
C CYS L 220 -10.53 20.05 10.23
N THR L 221 -10.02 20.85 9.29
CA THR L 221 -10.22 22.28 9.25
C THR L 221 -11.53 22.64 8.57
N HIS L 222 -11.74 23.95 8.43
CA HIS L 222 -12.91 24.46 7.71
C HIS L 222 -12.63 24.42 6.22
N GLY L 223 -13.48 25.08 5.44
CA GLY L 223 -13.29 25.13 4.01
C GLY L 223 -12.11 26.01 3.66
N ILE L 224 -11.09 25.44 3.02
CA ILE L 224 -9.95 26.19 2.54
C ILE L 224 -9.99 26.15 1.02
N LYS L 225 -10.09 27.33 0.41
CA LYS L 225 -10.14 27.41 -1.04
C LYS L 225 -8.74 27.67 -1.57
N PRO L 226 -8.18 26.77 -2.35
CA PRO L 226 -6.80 26.93 -2.85
C PRO L 226 -6.71 27.93 -4.00
N VAL L 227 -7.01 29.18 -3.70
CA VAL L 227 -6.98 30.23 -4.71
C VAL L 227 -5.56 30.74 -4.87
N VAL L 228 -5.13 30.87 -6.12
CA VAL L 228 -3.82 31.42 -6.45
C VAL L 228 -4.01 32.85 -6.90
N SER L 229 -3.38 33.80 -6.22
CA SER L 229 -3.53 35.20 -6.53
C SER L 229 -2.29 35.95 -6.08
N THR L 230 -2.20 37.22 -6.50
CA THR L 230 -1.09 38.09 -6.14
C THR L 230 -1.65 39.43 -5.69
N GLN L 231 -0.91 40.10 -4.81
CA GLN L 231 -1.32 41.40 -4.27
C GLN L 231 -2.63 41.34 -3.50
N LEU L 232 -3.73 41.05 -4.17
CA LEU L 232 -5.03 40.98 -3.51
C LEU L 232 -5.38 39.52 -3.24
N LEU L 233 -5.87 39.25 -2.04
CA LEU L 233 -6.34 37.93 -1.66
C LEU L 233 -7.85 37.87 -1.85
N LEU L 234 -8.32 36.82 -2.51
CA LEU L 234 -9.71 36.74 -2.92
C LEU L 234 -10.37 35.52 -2.28
N ASN L 235 -11.65 35.68 -1.96
CA ASN L 235 -12.50 34.58 -1.51
C ASN L 235 -11.95 33.90 -0.25
N GLY L 236 -11.38 34.70 0.65
CA GLY L 236 -10.84 34.19 1.88
C GLY L 236 -11.75 34.42 3.07
N SER L 237 -11.56 33.62 4.11
CA SER L 237 -12.28 33.84 5.35
C SER L 237 -11.81 35.11 6.03
N LEU L 238 -12.73 35.80 6.68
CA LEU L 238 -12.48 37.12 7.24
C LEU L 238 -12.06 37.02 8.70
N ALA L 239 -11.39 38.09 9.15
CA ALA L 239 -11.03 38.18 10.56
C ALA L 239 -12.30 38.29 11.40
N GLU L 240 -12.28 37.67 12.58
CA GLU L 240 -13.48 37.57 13.39
C GLU L 240 -13.88 38.94 13.94
N LYS L 241 -12.92 39.69 14.49
CA LYS L 241 -13.22 40.91 15.22
C LYS L 241 -12.79 42.17 14.49
N GLU L 242 -11.51 42.27 14.12
CA GLU L 242 -11.03 43.50 13.50
C GLU L 242 -9.82 43.21 12.63
N ILE L 243 -9.31 44.27 12.00
CA ILE L 243 -8.16 44.19 11.11
C ILE L 243 -6.95 43.62 11.83
N ILE L 244 -6.28 42.67 11.18
CA ILE L 244 -5.12 41.98 11.71
C ILE L 244 -3.96 42.16 10.76
N VAL L 245 -2.75 42.23 11.30
CA VAL L 245 -1.53 42.35 10.51
C VAL L 245 -0.49 41.39 11.04
N ARG L 246 0.23 40.74 10.13
CA ARG L 246 1.22 39.76 10.54
C ARG L 246 2.39 39.76 9.57
N SER L 247 3.56 39.33 10.07
CA SER L 247 4.78 39.25 9.29
C SER L 247 5.80 38.48 10.12
N GLU L 248 6.53 37.56 9.47
CA GLU L 248 7.45 36.75 10.25
C GLU L 248 8.66 37.52 10.72
N ASN L 249 8.90 38.71 10.18
CA ASN L 249 9.89 39.63 10.75
C ASN L 249 9.55 41.02 10.26
N LEU L 250 9.00 41.85 11.16
CA LEU L 250 8.61 43.19 10.76
C LEU L 250 9.82 44.09 10.54
N THR L 251 10.86 43.93 11.36
CA THR L 251 12.05 44.75 11.20
C THR L 251 12.84 44.40 9.96
N ASN L 252 12.61 43.25 9.34
CA ASN L 252 13.18 42.95 8.05
C ASN L 252 12.24 43.46 6.97
N ASN L 253 12.79 44.24 6.03
CA ASN L 253 12.00 44.92 5.03
C ASN L 253 11.79 44.12 3.75
N VAL L 254 12.45 42.98 3.59
CA VAL L 254 12.26 42.14 2.42
C VAL L 254 11.21 41.05 2.66
N LYS L 255 10.42 41.19 3.72
CA LYS L 255 9.52 40.13 4.16
C LYS L 255 8.08 40.57 3.97
N THR L 256 7.25 39.66 3.46
CA THR L 256 5.87 40.00 3.15
C THR L 256 5.07 40.30 4.41
N ILE L 257 4.23 41.32 4.33
CA ILE L 257 3.30 41.68 5.40
C ILE L 257 1.91 41.30 4.94
N ILE L 258 1.26 40.42 5.70
CA ILE L 258 -0.09 39.97 5.40
C ILE L 258 -1.06 40.80 6.22
N VAL L 259 -2.05 41.38 5.55
CA VAL L 259 -3.08 42.17 6.20
C VAL L 259 -4.41 41.47 6.00
N HIS L 260 -5.04 41.06 7.09
CA HIS L 260 -6.25 40.25 7.09
C HIS L 260 -7.39 41.14 7.53
N LEU L 261 -8.32 41.39 6.62
CA LEU L 261 -9.42 42.31 6.84
C LEU L 261 -10.57 41.63 7.57
N ASN L 262 -11.49 42.45 8.08
CA ASN L 262 -12.73 41.96 8.65
C ASN L 262 -13.96 42.35 7.84
N LYS L 263 -13.84 43.35 6.98
CA LYS L 263 -14.91 43.74 6.07
C LYS L 263 -14.48 43.43 4.66
N SER L 264 -15.24 42.57 3.98
CA SER L 264 -14.91 42.21 2.61
C SER L 264 -15.13 43.40 1.68
N VAL L 265 -14.30 43.48 0.64
CA VAL L 265 -14.43 44.52 -0.37
C VAL L 265 -14.94 43.89 -1.65
N GLU L 266 -15.88 44.56 -2.31
CA GLU L 266 -16.53 44.02 -3.50
C GLU L 266 -15.69 44.34 -4.74
N ILE L 267 -15.30 43.30 -5.46
CA ILE L 267 -14.64 43.45 -6.75
C ILE L 267 -15.44 42.65 -7.77
N VAL L 268 -15.63 43.21 -8.95
CA VAL L 268 -16.34 42.52 -10.03
C VAL L 268 -15.72 42.95 -11.33
N CYS L 269 -15.41 41.98 -12.19
CA CYS L 269 -14.73 42.40 -13.41
C CYS L 269 -14.81 41.37 -14.52
N THR L 270 -14.46 41.83 -15.72
CA THR L 270 -14.90 41.13 -16.90
C THR L 270 -14.00 41.43 -18.09
N ARG L 271 -14.15 40.59 -19.11
CA ARG L 271 -13.62 40.87 -20.44
C ARG L 271 -14.81 41.07 -21.37
N PRO L 272 -15.16 42.31 -21.72
CA PRO L 272 -16.43 42.56 -22.41
C PRO L 272 -16.43 42.12 -23.87
N GLY L 273 -15.30 41.66 -24.41
CA GLY L 273 -15.27 41.24 -25.79
C GLY L 273 -16.06 39.98 -26.04
N ASN L 274 -16.38 39.75 -27.31
CA ASN L 274 -17.14 38.59 -27.76
C ASN L 274 -16.28 37.81 -28.76
N ASN L 275 -15.44 36.91 -28.23
CA ASN L 275 -14.60 36.08 -29.07
C ASN L 275 -15.34 34.82 -29.50
N THR L 276 -14.72 34.08 -30.42
CA THR L 276 -15.27 32.82 -30.90
C THR L 276 -14.20 31.74 -30.86
N ARG L 277 -14.64 30.51 -30.61
CA ARG L 277 -13.74 29.37 -30.49
C ARG L 277 -13.46 28.77 -31.86
N LYS L 278 -12.21 28.84 -32.30
CA LYS L 278 -11.81 28.19 -33.54
C LYS L 278 -11.15 26.86 -33.22
N SER L 279 -11.63 25.81 -33.87
CA SER L 279 -11.11 24.46 -33.68
C SER L 279 -10.18 24.12 -34.83
N ILE L 280 -9.00 23.62 -34.49
CA ILE L 280 -7.99 23.25 -35.48
C ILE L 280 -7.59 21.81 -35.24
N ARG L 281 -7.54 21.02 -36.31
CA ARG L 281 -7.15 19.62 -36.20
C ARG L 281 -5.63 19.53 -36.26
N ILE L 282 -5.00 19.53 -35.09
CA ILE L 282 -3.54 19.46 -35.03
C ILE L 282 -3.05 18.11 -35.52
N GLY L 283 -3.68 17.03 -35.05
CA GLY L 283 -3.30 15.71 -35.44
C GLY L 283 -4.45 14.74 -35.28
N PRO L 284 -4.15 13.48 -35.02
CA PRO L 284 -5.22 12.52 -34.74
C PRO L 284 -5.85 12.77 -33.38
N GLY L 285 -7.05 13.33 -33.38
CA GLY L 285 -7.74 13.64 -32.14
C GLY L 285 -7.23 14.90 -31.49
N GLN L 286 -5.93 15.18 -31.69
CA GLN L 286 -5.33 16.38 -31.13
C GLN L 286 -5.99 17.60 -31.73
N THR L 287 -6.71 18.36 -30.92
CA THR L 287 -7.43 19.54 -31.37
C THR L 287 -6.93 20.76 -30.60
N PHE L 288 -6.69 21.84 -31.33
CA PHE L 288 -6.25 23.11 -30.76
C PHE L 288 -7.43 24.07 -30.80
N TYR L 289 -7.80 24.59 -29.65
CA TYR L 289 -8.85 25.61 -29.56
C TYR L 289 -8.18 26.96 -29.41
N ALA L 290 -8.42 27.85 -30.37
CA ALA L 290 -7.77 29.14 -30.41
C ALA L 290 -8.83 30.22 -30.57
N THR L 291 -8.36 31.48 -30.56
CA THR L 291 -9.25 32.62 -30.68
C THR L 291 -9.55 32.88 -32.16
N GLY L 292 -10.82 32.79 -32.53
CA GLY L 292 -11.26 33.18 -33.84
C GLY L 292 -11.40 34.69 -33.94
N ASP L 293 -12.00 35.12 -35.04
CA ASP L 293 -12.18 36.54 -35.26
C ASP L 293 -13.03 37.17 -34.15
N ILE L 294 -12.56 38.28 -33.62
CA ILE L 294 -13.32 39.03 -32.62
C ILE L 294 -14.37 39.87 -33.31
N ILE L 295 -15.56 39.95 -32.71
CA ILE L 295 -16.66 40.71 -33.26
C ILE L 295 -17.21 41.62 -32.18
N GLY L 296 -17.83 42.71 -32.61
CA GLY L 296 -18.27 43.75 -31.69
C GLY L 296 -17.25 44.87 -31.59
N ASP L 297 -17.58 45.84 -30.74
CA ASP L 297 -16.72 47.00 -30.57
C ASP L 297 -15.43 46.61 -29.87
N ILE L 298 -14.39 47.41 -30.09
CA ILE L 298 -13.09 47.20 -29.44
C ILE L 298 -13.27 47.46 -27.95
N ARG L 299 -13.12 46.41 -27.15
CA ARG L 299 -13.40 46.47 -25.72
C ARG L 299 -12.20 45.96 -24.94
N GLN L 300 -12.01 46.51 -23.75
CA GLN L 300 -10.87 46.19 -22.90
C GLN L 300 -11.34 45.51 -21.62
N ALA L 301 -10.68 44.42 -21.26
CA ALA L 301 -10.96 43.75 -20.01
C ALA L 301 -10.59 44.66 -18.84
N HIS L 302 -11.48 44.77 -17.87
CA HIS L 302 -11.30 45.75 -16.82
C HIS L 302 -11.95 45.26 -15.54
N CYS L 303 -11.52 45.84 -14.41
CA CYS L 303 -12.06 45.47 -13.11
C CYS L 303 -12.65 46.68 -12.38
N ASN L 304 -13.68 46.42 -11.58
CA ASN L 304 -14.37 47.43 -10.80
C ASN L 304 -14.25 47.08 -9.33
N ILE L 305 -13.74 48.04 -8.55
CA ILE L 305 -13.69 47.95 -7.10
C ILE L 305 -14.71 48.93 -6.54
N SER L 306 -15.52 48.47 -5.59
CA SER L 306 -16.53 49.36 -5.02
C SER L 306 -15.85 50.48 -4.26
N ARG L 307 -15.80 51.67 -4.86
CA ARG L 307 -15.20 52.81 -4.21
C ARG L 307 -16.05 53.26 -3.03
N GLY L 308 -15.43 53.92 -2.07
CA GLY L 308 -16.08 54.24 -0.83
C GLY L 308 -15.78 53.19 0.21
N ASP L 309 -15.98 51.93 -0.15
CA ASP L 309 -15.50 50.85 0.71
C ASP L 309 -13.98 50.78 0.70
N TRP L 310 -13.37 51.02 -0.46
CA TRP L 310 -11.92 50.91 -0.56
C TRP L 310 -11.21 51.95 0.30
N GLU L 311 -11.69 53.19 0.27
CA GLU L 311 -11.07 54.20 1.13
C GLU L 311 -11.25 53.88 2.59
N GLU L 312 -12.40 53.32 2.98
CA GLU L 312 -12.61 52.95 4.36
C GLU L 312 -11.63 51.86 4.80
N THR L 313 -11.49 50.82 3.98
CA THR L 313 -10.58 49.74 4.36
C THR L 313 -9.13 50.21 4.31
N LEU L 314 -8.80 51.12 3.41
CA LEU L 314 -7.46 51.69 3.40
C LEU L 314 -7.20 52.49 4.66
N HIS L 315 -8.20 53.24 5.13
CA HIS L 315 -8.06 53.99 6.36
C HIS L 315 -7.87 53.07 7.55
N ASN L 316 -8.62 51.99 7.62
CA ASN L 316 -8.45 51.03 8.71
C ASN L 316 -7.06 50.40 8.67
N VAL L 317 -6.59 50.04 7.47
CA VAL L 317 -5.26 49.43 7.36
C VAL L 317 -4.19 50.42 7.79
N ARG L 318 -4.36 51.70 7.42
CA ARG L 318 -3.40 52.71 7.86
C ARG L 318 -3.41 52.85 9.37
N LYS L 319 -4.60 52.82 9.97
CA LYS L 319 -4.67 52.92 11.42
C LYS L 319 -3.96 51.76 12.10
N ASN L 320 -4.12 50.54 11.57
CA ASN L 320 -3.35 49.42 12.12
C ASN L 320 -1.86 49.63 11.94
N LEU L 321 -1.42 49.90 10.72
CA LEU L 321 0.02 50.00 10.47
C LEU L 321 0.66 51.14 11.24
N ALA L 322 -0.15 52.09 11.73
CA ALA L 322 0.40 53.09 12.63
C ALA L 322 0.89 52.47 13.93
N GLU L 323 0.29 51.37 14.36
CA GLU L 323 0.64 50.79 15.65
C GLU L 323 2.00 50.13 15.63
N HIS L 324 2.30 49.34 14.60
CA HIS L 324 3.56 48.63 14.55
C HIS L 324 4.71 49.48 14.01
N PHE L 325 4.42 50.66 13.48
CA PHE L 325 5.43 51.65 13.09
C PHE L 325 4.96 52.97 13.68
N GLN L 326 5.45 53.28 14.88
CA GLN L 326 4.78 54.27 15.72
C GLN L 326 5.06 55.70 15.27
N ASN L 327 6.33 56.04 15.09
CA ASN L 327 6.72 57.44 14.92
C ASN L 327 6.71 57.91 13.48
N LYS L 328 6.28 57.08 12.54
CA LYS L 328 6.33 57.42 11.13
C LYS L 328 4.94 57.34 10.51
N THR L 329 4.68 58.26 9.58
CA THR L 329 3.45 58.25 8.81
C THR L 329 3.52 57.22 7.69
N ILE L 330 2.36 56.74 7.26
CA ILE L 330 2.25 55.64 6.31
C ILE L 330 1.68 56.17 5.00
N GLN L 331 2.38 55.89 3.91
CA GLN L 331 1.92 56.25 2.57
C GLN L 331 2.03 55.03 1.67
N PHE L 332 1.08 54.91 0.75
CA PHE L 332 1.04 53.80 -0.18
C PHE L 332 1.52 54.24 -1.56
N ALA L 333 1.88 53.27 -2.38
CA ALA L 333 2.40 53.55 -3.71
C ALA L 333 2.17 52.33 -4.59
N SER L 334 2.30 52.54 -5.90
CA SER L 334 2.10 51.47 -6.87
C SER L 334 3.30 50.53 -6.88
N SER L 335 3.14 49.41 -7.59
CA SER L 335 4.22 48.43 -7.67
C SER L 335 5.43 49.02 -8.39
N SER L 336 6.61 48.55 -8.01
CA SER L 336 7.84 49.13 -8.53
C SER L 336 8.00 48.88 -10.03
N GLY L 337 7.83 47.64 -10.46
CA GLY L 337 8.00 47.31 -11.86
C GLY L 337 8.79 46.03 -12.07
N GLY L 338 9.01 45.66 -13.34
CA GLY L 338 9.70 44.44 -13.69
C GLY L 338 8.79 43.52 -14.51
N ASP L 339 8.87 42.23 -14.20
CA ASP L 339 8.04 41.26 -14.91
C ASP L 339 6.56 41.48 -14.61
N LEU L 340 5.71 41.08 -15.55
CA LEU L 340 4.28 41.29 -15.39
C LEU L 340 3.73 40.53 -14.19
N GLU L 341 4.19 39.29 -14.00
CA GLU L 341 3.68 38.49 -12.90
C GLU L 341 4.01 39.11 -11.55
N ILE L 342 5.24 39.61 -11.39
CA ILE L 342 5.67 40.16 -10.11
C ILE L 342 5.18 41.58 -9.88
N THR L 343 4.60 42.21 -10.89
CA THR L 343 4.13 43.59 -10.78
C THR L 343 2.62 43.72 -10.82
N THR L 344 1.93 42.89 -11.59
CA THR L 344 0.49 43.00 -11.78
C THR L 344 -0.26 41.99 -10.94
N HIS L 345 -1.42 42.41 -10.43
CA HIS L 345 -2.30 41.52 -9.69
C HIS L 345 -2.84 40.43 -10.61
N SER L 346 -2.48 39.19 -10.33
CA SER L 346 -2.76 38.07 -11.20
C SER L 346 -3.88 37.22 -10.61
N PHE L 347 -4.86 36.88 -11.42
CA PHE L 347 -5.90 35.96 -10.97
C PHE L 347 -6.48 35.25 -12.18
N ASN L 348 -7.50 34.43 -11.91
CA ASN L 348 -8.10 33.60 -12.95
C ASN L 348 -9.61 33.68 -12.84
N CYS L 349 -10.27 33.87 -13.97
CA CYS L 349 -11.73 33.92 -14.03
C CYS L 349 -12.19 32.96 -15.11
N ARG L 350 -12.89 31.90 -14.71
CA ARG L 350 -13.50 30.94 -15.62
C ARG L 350 -12.50 30.43 -16.66
N GLY L 351 -11.26 30.26 -16.22
CA GLY L 351 -10.22 29.68 -17.05
C GLY L 351 -9.32 30.68 -17.75
N GLU L 352 -9.69 31.96 -17.78
CA GLU L 352 -8.89 32.97 -18.43
C GLU L 352 -8.05 33.70 -17.40
N PHE L 353 -6.77 33.92 -17.71
CA PHE L 353 -5.80 34.42 -16.76
C PHE L 353 -5.62 35.92 -16.95
N PHE L 354 -5.89 36.68 -15.89
CA PHE L 354 -5.90 38.13 -15.90
C PHE L 354 -4.68 38.66 -15.15
N TYR L 355 -4.00 39.61 -15.76
CA TYR L 355 -2.93 40.38 -15.11
C TYR L 355 -3.40 41.84 -15.10
N CYS L 356 -3.81 42.33 -13.94
CA CYS L 356 -4.38 43.66 -13.83
C CYS L 356 -3.35 44.61 -13.23
N ASN L 357 -3.29 45.82 -13.78
CA ASN L 357 -2.32 46.82 -13.37
C ASN L 357 -2.93 47.65 -12.24
N THR L 358 -2.37 47.51 -11.03
CA THR L 358 -2.98 48.03 -9.81
C THR L 358 -2.39 49.38 -9.41
N SER L 359 -2.12 50.23 -10.40
CA SER L 359 -1.54 51.53 -10.11
C SER L 359 -2.51 52.49 -9.42
N GLY L 360 -3.78 52.13 -9.31
CA GLY L 360 -4.75 53.04 -8.74
C GLY L 360 -5.23 52.69 -7.34
N LEU L 361 -5.41 51.40 -7.07
CA LEU L 361 -5.91 50.97 -5.77
C LEU L 361 -4.97 51.40 -4.65
N PHE L 362 -3.68 51.12 -4.80
CA PHE L 362 -2.68 51.36 -3.77
C PHE L 362 -1.95 52.67 -3.99
N ASN L 363 -2.62 53.67 -4.52
CA ASN L 363 -2.04 54.98 -4.79
C ASN L 363 -2.78 56.00 -3.94
N SER L 364 -2.21 56.35 -2.80
CA SER L 364 -2.80 57.32 -1.89
C SER L 364 -1.71 57.82 -0.95
N THR L 365 -2.11 58.56 0.09
CA THR L 365 -1.17 59.07 1.06
C THR L 365 -1.85 59.28 2.42
N LEU L 379 -17.77 56.85 -8.26
CA LEU L 379 -18.19 55.99 -7.15
C LEU L 379 -17.70 54.56 -7.33
N THR L 380 -17.03 54.28 -8.45
CA THR L 380 -16.44 52.97 -8.71
C THR L 380 -15.03 53.17 -9.24
N ILE L 381 -14.09 52.37 -8.73
CA ILE L 381 -12.72 52.42 -9.20
C ILE L 381 -12.60 51.46 -10.38
N THR L 382 -12.31 52.01 -11.56
CA THR L 382 -12.10 51.21 -12.76
C THR L 382 -10.61 51.04 -12.96
N ILE L 383 -10.18 49.80 -13.19
CA ILE L 383 -8.77 49.48 -13.25
C ILE L 383 -8.47 48.63 -14.48
N PRO L 384 -7.44 48.96 -15.24
CA PRO L 384 -7.12 48.20 -16.45
C PRO L 384 -6.63 46.81 -16.10
N CYS L 385 -6.78 45.91 -17.07
CA CYS L 385 -6.33 44.54 -16.87
C CYS L 385 -6.19 43.86 -18.22
N ARG L 386 -5.06 43.17 -18.40
CA ARG L 386 -4.77 42.47 -19.63
C ARG L 386 -4.95 40.97 -19.44
N ILE L 387 -5.00 40.25 -20.56
CA ILE L 387 -5.25 38.81 -20.55
C ILE L 387 -4.01 38.11 -21.09
N LYS L 388 -3.71 36.94 -20.55
CA LYS L 388 -2.59 36.16 -21.04
C LYS L 388 -3.00 34.71 -21.19
N GLN L 389 -2.48 34.05 -22.22
CA GLN L 389 -2.84 32.65 -22.50
C GLN L 389 -1.70 31.70 -22.16
N ILE L 390 -0.51 31.91 -22.74
CA ILE L 390 0.63 31.03 -22.46
C ILE L 390 1.26 31.49 -21.16
N ILE L 391 1.03 30.76 -20.09
CA ILE L 391 1.44 31.17 -18.76
C ILE L 391 2.40 30.15 -18.16
N ASN L 392 3.26 30.63 -17.28
CA ASN L 392 4.22 29.81 -16.53
C ASN L 392 3.97 30.12 -15.07
N MET L 393 3.11 29.33 -14.44
CA MET L 393 2.50 29.69 -13.17
C MET L 393 3.14 29.03 -11.96
N TRP L 394 4.17 28.20 -12.14
CA TRP L 394 4.74 27.45 -11.02
C TRP L 394 6.23 27.68 -10.83
N GLN L 395 6.79 28.70 -11.48
CA GLN L 395 8.21 29.04 -11.35
C GLN L 395 9.12 27.86 -11.64
N GLU L 396 8.65 26.91 -12.44
CA GLU L 396 9.42 25.74 -12.84
C GLU L 396 9.71 25.86 -14.33
N VAL L 397 10.99 25.84 -14.68
CA VAL L 397 11.38 26.00 -16.07
C VAL L 397 11.22 24.68 -16.80
N GLY L 398 10.48 24.71 -17.91
CA GLY L 398 10.30 23.53 -18.75
C GLY L 398 8.86 23.12 -18.96
N ARG L 399 7.91 23.67 -18.22
CA ARG L 399 6.50 23.30 -18.37
C ARG L 399 5.66 24.58 -18.40
N ALA L 400 4.75 24.67 -19.37
CA ALA L 400 3.87 25.81 -19.46
C ALA L 400 2.49 25.35 -19.90
N MET L 401 1.48 26.13 -19.52
CA MET L 401 0.09 25.81 -19.81
C MET L 401 -0.51 26.85 -20.75
N TYR L 402 -1.22 26.38 -21.75
CA TYR L 402 -1.98 27.23 -22.67
C TYR L 402 -3.45 27.17 -22.28
N ALA L 403 -4.03 28.33 -22.02
CA ALA L 403 -5.42 28.38 -21.59
C ALA L 403 -6.28 28.77 -22.78
N PRO L 404 -7.10 27.86 -23.30
CA PRO L 404 -7.93 28.20 -24.45
C PRO L 404 -8.90 29.31 -24.08
N PRO L 405 -9.15 30.24 -25.00
CA PRO L 405 -10.11 31.31 -24.71
C PRO L 405 -11.50 30.73 -24.56
N ILE L 406 -12.27 31.34 -23.69
CA ILE L 406 -13.65 30.90 -23.47
C ILE L 406 -14.54 31.62 -24.46
N ALA L 407 -15.56 30.91 -24.96
CA ALA L 407 -16.41 31.47 -25.99
C ALA L 407 -17.32 32.55 -25.44
N GLY L 408 -17.36 33.70 -26.13
CA GLY L 408 -18.27 34.75 -25.74
C GLY L 408 -17.79 35.55 -24.54
N ASN L 409 -18.74 36.21 -23.88
CA ASN L 409 -18.45 37.12 -22.79
C ASN L 409 -18.03 36.36 -21.53
N ILE L 410 -17.36 37.07 -20.63
CA ILE L 410 -16.85 36.46 -19.40
C ILE L 410 -16.81 37.51 -18.30
N THR L 411 -17.46 37.22 -17.17
CA THR L 411 -17.50 38.09 -16.01
C THR L 411 -17.24 37.26 -14.76
N CYS L 412 -16.83 37.93 -13.68
CA CYS L 412 -16.60 37.27 -12.41
C CYS L 412 -16.86 38.26 -11.28
N LYS L 413 -17.27 37.73 -10.13
CA LYS L 413 -17.57 38.51 -8.93
C LYS L 413 -16.84 37.89 -7.75
N SER L 414 -16.19 38.73 -6.93
CA SER L 414 -15.35 38.20 -5.88
C SER L 414 -15.23 39.19 -4.72
N ASN L 415 -14.78 38.65 -3.59
CA ASN L 415 -14.50 39.43 -2.39
C ASN L 415 -12.99 39.56 -2.23
N ILE L 416 -12.51 40.78 -2.08
CA ILE L 416 -11.15 41.02 -1.60
C ILE L 416 -11.19 40.92 -0.09
N THR L 417 -10.41 39.99 0.46
CA THR L 417 -10.41 39.74 1.90
C THR L 417 -9.05 39.91 2.54
N GLY L 418 -8.04 40.35 1.81
CA GLY L 418 -6.73 40.53 2.39
C GLY L 418 -5.81 41.24 1.42
N LEU L 419 -4.69 41.72 1.96
CA LEU L 419 -3.68 42.41 1.20
C LEU L 419 -2.31 41.82 1.51
N LEU L 420 -1.43 41.85 0.53
CA LEU L 420 -0.03 41.44 0.70
C LEU L 420 0.84 42.65 0.37
N LEU L 421 1.41 43.26 1.39
CA LEU L 421 2.16 44.51 1.23
C LEU L 421 3.59 44.31 1.70
N VAL L 422 4.53 44.82 0.91
CA VAL L 422 5.93 44.84 1.31
C VAL L 422 6.31 46.27 1.67
N ARG L 423 7.45 46.41 2.33
CA ARG L 423 7.90 47.69 2.87
C ARG L 423 9.18 48.11 2.18
N ASP L 424 9.20 49.32 1.65
CA ASP L 424 10.36 49.80 0.91
C ASP L 424 11.54 50.00 1.84
N GLY L 425 12.71 49.58 1.37
CA GLY L 425 13.92 49.65 2.17
C GLY L 425 14.62 50.99 2.06
N GLY L 426 15.70 51.13 2.82
CA GLY L 426 16.50 52.32 2.79
C GLY L 426 15.93 53.45 3.63
N LYS L 427 16.79 54.15 4.35
CA LYS L 427 16.37 55.30 5.17
C LYS L 427 16.30 56.53 4.28
N GLU L 428 15.32 56.51 3.37
CA GLU L 428 15.20 57.56 2.37
C GLU L 428 14.85 58.91 3.00
N SER L 429 13.88 58.92 3.92
CA SER L 429 13.40 60.17 4.49
C SER L 429 13.33 60.17 6.02
N ASN L 430 13.24 59.01 6.67
CA ASN L 430 13.13 58.92 8.12
C ASN L 430 11.93 59.68 8.66
N SER L 431 10.92 59.92 7.83
CA SER L 431 9.71 60.58 8.27
C SER L 431 8.49 59.82 7.80
N THR L 432 8.64 59.06 6.72
CA THR L 432 7.53 58.34 6.11
C THR L 432 7.99 56.94 5.74
N GLU L 433 7.14 55.95 6.01
CA GLU L 433 7.37 54.58 5.61
C GLU L 433 6.34 54.22 4.53
N ILE L 434 6.84 53.81 3.37
CA ILE L 434 6.01 53.62 2.18
C ILE L 434 5.85 52.14 1.90
N PHE L 435 4.60 51.71 1.77
CA PHE L 435 4.27 50.32 1.49
C PHE L 435 3.90 50.14 0.03
N ARG L 436 4.27 48.99 -0.52
CA ARG L 436 4.08 48.67 -1.92
C ARG L 436 3.34 47.35 -2.02
N PRO L 437 2.67 47.11 -3.14
CA PRO L 437 2.19 45.75 -3.43
C PRO L 437 3.35 44.79 -3.52
N GLY L 438 3.12 43.55 -3.11
CA GLY L 438 4.16 42.55 -3.07
C GLY L 438 3.71 41.25 -3.70
N GLY L 439 4.22 40.15 -3.14
CA GLY L 439 3.93 38.83 -3.65
C GLY L 439 5.18 37.98 -3.78
N GLY L 440 5.21 37.12 -4.79
CA GLY L 440 6.39 36.32 -5.08
C GLY L 440 6.56 35.07 -4.26
N ASP L 441 5.67 34.82 -3.30
CA ASP L 441 5.72 33.60 -2.48
C ASP L 441 4.27 33.18 -2.27
N MET L 442 3.80 32.28 -3.13
CA MET L 442 2.37 31.97 -3.18
C MET L 442 1.88 31.15 -2.01
N ARG L 443 2.79 30.51 -1.25
CA ARG L 443 2.33 29.82 -0.04
C ARG L 443 1.76 30.81 0.96
N ASP L 444 2.19 32.06 0.93
CA ASP L 444 1.60 33.09 1.76
C ASP L 444 0.10 33.20 1.50
N ASN L 445 -0.33 32.95 0.26
CA ASN L 445 -1.75 32.99 -0.08
C ASN L 445 -2.56 32.08 0.82
N TRP L 446 -1.95 30.99 1.31
CA TRP L 446 -2.61 30.06 2.19
C TRP L 446 -2.23 30.22 3.65
N ARG L 447 -1.22 31.03 3.95
CA ARG L 447 -0.86 31.21 5.35
C ARG L 447 -1.88 32.05 6.12
N SER L 448 -2.82 32.68 5.43
CA SER L 448 -3.88 33.44 6.07
C SER L 448 -5.08 32.59 6.41
N GLU L 449 -5.03 31.28 6.16
CA GLU L 449 -6.13 30.39 6.49
C GLU L 449 -5.73 29.20 7.35
N LEU L 450 -4.47 28.79 7.32
CA LEU L 450 -4.00 27.64 8.10
C LEU L 450 -3.22 28.06 9.33
N TYR L 451 -3.32 29.32 9.73
CA TYR L 451 -2.50 29.84 10.81
C TYR L 451 -3.00 29.42 12.19
N LYS L 452 -4.23 28.95 12.29
CA LYS L 452 -4.79 28.58 13.58
C LYS L 452 -4.47 27.15 13.98
N TYR L 453 -3.88 26.35 13.10
CA TYR L 453 -3.82 24.91 13.28
C TYR L 453 -2.41 24.45 13.59
N LYS L 454 -2.33 23.44 14.46
CA LYS L 454 -1.09 22.79 14.83
C LYS L 454 -1.32 21.28 14.88
N VAL L 455 -0.34 20.51 14.44
CA VAL L 455 -0.46 19.06 14.37
C VAL L 455 0.26 18.44 15.56
N VAL L 456 -0.42 17.56 16.29
CA VAL L 456 0.17 16.91 17.45
C VAL L 456 -0.09 15.42 17.41
N GLU L 457 0.78 14.68 18.10
CA GLU L 457 0.81 13.22 18.08
C GLU L 457 0.56 12.69 19.48
N ILE L 458 -0.38 11.76 19.62
CA ILE L 458 -0.84 11.32 20.93
C ILE L 458 0.05 10.20 21.44
N LYS L 459 0.49 10.31 22.70
CA LYS L 459 1.21 9.24 23.39
C LYS L 459 0.27 8.64 24.44
N PRO L 460 -0.16 7.39 24.29
CA PRO L 460 -1.23 6.86 25.15
C PRO L 460 -0.76 6.04 26.36
N LEU L 461 0.53 5.97 26.65
CA LEU L 461 1.05 5.08 27.68
C LEU L 461 1.65 5.89 28.81
N GLY L 462 1.34 5.52 30.05
CA GLY L 462 1.89 6.21 31.20
C GLY L 462 2.10 5.26 32.36
N VAL L 463 2.95 5.69 33.29
CA VAL L 463 3.27 4.93 34.50
C VAL L 463 3.27 5.88 35.68
N ALA L 464 2.75 5.41 36.82
CA ALA L 464 2.69 6.26 38.01
C ALA L 464 2.56 5.37 39.23
N PRO L 465 3.01 5.83 40.40
CA PRO L 465 2.78 5.08 41.63
C PRO L 465 1.37 5.32 42.17
N THR L 466 0.68 4.23 42.53
CA THR L 466 -0.73 4.31 42.91
C THR L 466 -1.07 3.53 44.17
N GLU L 467 -0.09 2.91 44.82
CA GLU L 467 -0.31 2.14 46.05
C GLU L 467 -1.33 1.02 45.81
N CYS L 468 -0.98 0.12 44.90
CA CYS L 468 -1.88 -0.97 44.52
C CYS L 468 -1.04 -2.17 44.08
N LYS L 469 -0.81 -3.09 45.01
CA LYS L 469 -0.27 -4.40 44.65
C LYS L 469 -1.38 -5.35 44.27
N ARG L 470 -1.45 -5.72 42.99
CA ARG L 470 -2.36 -6.78 42.57
C ARG L 470 -1.72 -7.66 41.51
N ARG L 471 -0.46 -7.39 41.19
CA ARG L 471 0.28 -8.14 40.17
C ARG L 471 -0.48 -8.22 38.85
#